data_6XQP
#
_entry.id   6XQP
#
_cell.length_a   101.877
_cell.length_b   113.433
_cell.length_c   209.606
_cell.angle_alpha   90.000
_cell.angle_beta   90.000
_cell.angle_gamma   90.000
#
_symmetry.space_group_name_H-M   'P 21 21 21'
#
loop_
_entity.id
_entity.type
_entity.pdbx_description
1 polymer 'Major histocompatibility complex class I-related gene protein'
2 polymer Beta-2-microglobulin
3 polymer 'TRAV12-2 alpha chain'
4 polymer TRBV29-1
5 non-polymer 1-deoxy-1-({2,6-dioxo-5-[(E)-propylideneamino]-1,2,3,6-tetrahydropyrimidin-4-yl}amino)-D-ribitol
6 non-polymer GLYCEROL
7 non-polymer 'BROMIDE ION'
8 non-polymer 'SODIUM ION'
9 non-polymer 'CHLORIDE ION'
10 water water
#
loop_
_entity_poly.entity_id
_entity_poly.type
_entity_poly.pdbx_seq_one_letter_code
_entity_poly.pdbx_strand_id
1 'polypeptide(L)'
;MRTHSLRYFRLGVSDPIHGVPEFISVGYVDSHPITTYDSVTRQKEPRAPWMAENLAPDHWERYTQLLRGWQQMFKVELKR
LQRHYNHSGSHTYQRMIGCELLEDGSTTGFLQYAYDGQDFLIFNKDTLSWLAVDNVAHTIKQAWEANQHELLYQKNWLEE
ECIAWLKRFLEYGKDTLQRTEPPLVRVNRKETFPGVTALFCKAHGFYPPEIYMTWMKNGEEIVQEIDYGDILPSGDGTYQ
AWASIELDPQSSNLYSCHVEHSGVHMVLQVP
;
A,C
2 'polypeptide(L)'
;MIQRTPKIQVYSRHPAENGKSNFLNCYVSGFHPSDIEVDLLKNGERIEKVEHSDLSFSKDWSFYLLYYTEFTPTEKDEYA
CRVNHVTLSQPKIVKWDRDM
;
B,D
3 'polypeptide(L)'
;MQKEVEQNSGPLSVPEGAIASLNCTYSDRGSQSFFWYRQYSGKSPELIMFIYSNGDKEDGRFTAQLNKASQYVSLLIRDS
QPSDSATYLCAVRDAGNMLTFGGGTRLMVKPNIQNPDPAVYQLRDSKSSDKSVCLFTDFDSQTNVSQSKDSDVYITDKCV
LDMRSMDFKSNSAVAWSNKSDFACANAFNNSIIPEDTFFPSPESS
;
E,G
4 'polypeptide(L)'
;MSAVISQKPSRDICQRGTSLTIQCQVDSQVTMMFWYRQQPGQSLTLIATANQGSEATYESGFVIDKFPISRPNLTFSTLT
VSNMSPEDSSIYLCSVGGDSLIGNQPQHFGDGTRLSILEDLKNVFPPEVAVFEPSEAEISHTQKATLVCLATGFYPDHVE
LSWWVNGKEVHSGVCTDPQPLKEQPALNDSRYALSSRLRVSATFWQNPRNHFRCQVQFYGLSENDEWTQDRAKPVTQIVS
AEAWGRAD
;
F,H
#
# COMPACT_ATOMS: atom_id res chain seq x y z
N ARG A 2 -20.30 38.80 15.44
CA ARG A 2 -19.02 39.04 14.78
C ARG A 2 -18.22 37.74 14.73
N THR A 3 -17.64 37.48 13.57
CA THR A 3 -16.76 36.33 13.35
C THR A 3 -15.31 36.79 13.32
N HIS A 4 -14.43 35.98 13.89
CA HIS A 4 -13.02 36.27 13.91
C HIS A 4 -12.26 35.15 13.21
N SER A 5 -11.14 35.51 12.58
CA SER A 5 -10.44 34.55 11.75
C SER A 5 -8.93 34.77 11.82
N LEU A 6 -8.22 33.65 11.74
CA LEU A 6 -6.79 33.61 11.62
C LEU A 6 -6.43 32.83 10.37
N ARG A 7 -5.51 33.38 9.59
CA ARG A 7 -5.07 32.71 8.39
C ARG A 7 -3.66 33.17 8.04
N TYR A 8 -2.93 32.29 7.35
CA TYR A 8 -1.58 32.55 6.88
C TYR A 8 -1.50 32.29 5.38
N PHE A 9 -0.73 33.12 4.70
CA PHE A 9 -0.45 32.96 3.29
C PHE A 9 1.01 32.60 3.06
N ARG A 10 1.24 31.96 1.91
CA ARG A 10 2.59 31.78 1.39
C ARG A 10 2.59 32.16 -0.07
N LEU A 11 3.63 32.89 -0.48
CA LEU A 11 3.79 33.30 -1.87
C LEU A 11 5.16 32.83 -2.35
N GLY A 12 5.16 31.97 -3.37
CA GLY A 12 6.39 31.50 -3.96
C GLY A 12 6.51 31.91 -5.41
N VAL A 13 7.58 32.61 -5.75
CA VAL A 13 7.85 33.04 -7.11
C VAL A 13 9.12 32.36 -7.58
N SER A 14 9.00 31.50 -8.59
CA SER A 14 10.15 30.82 -9.15
C SER A 14 10.89 31.75 -10.11
N ASP A 15 12.21 31.70 -10.07
CA ASP A 15 13.07 32.52 -10.91
C ASP A 15 12.63 33.99 -10.88
N PRO A 16 12.65 34.61 -9.71
CA PRO A 16 12.06 35.95 -9.59
C PRO A 16 12.89 37.00 -10.31
N ILE A 17 12.22 38.08 -10.70
CA ILE A 17 12.89 39.24 -11.27
C ILE A 17 13.63 39.94 -10.13
N HIS A 18 14.52 40.87 -10.47
CA HIS A 18 15.30 41.56 -9.45
C HIS A 18 14.39 42.33 -8.50
N GLY A 19 14.58 42.11 -7.20
CA GLY A 19 13.80 42.79 -6.19
C GLY A 19 12.72 41.94 -5.56
N VAL A 20 12.04 41.14 -6.36
CA VAL A 20 10.93 40.32 -5.85
C VAL A 20 11.50 39.17 -5.02
N PRO A 21 11.06 38.99 -3.77
CA PRO A 21 11.53 37.86 -2.98
C PRO A 21 11.02 36.54 -3.54
N GLU A 22 11.84 35.50 -3.36
CA GLU A 22 11.45 34.18 -3.84
C GLU A 22 10.36 33.55 -2.99
N PHE A 23 10.22 33.98 -1.74
CA PHE A 23 9.24 33.40 -0.83
C PHE A 23 8.77 34.47 0.14
N ILE A 24 7.46 34.50 0.39
CA ILE A 24 6.86 35.44 1.32
C ILE A 24 5.76 34.71 2.09
N SER A 25 5.70 34.95 3.40
CA SER A 25 4.64 34.39 4.25
C SER A 25 4.18 35.48 5.21
N VAL A 26 2.90 35.80 5.14
CA VAL A 26 2.29 36.83 5.98
C VAL A 26 1.06 36.24 6.65
N GLY A 27 0.93 36.51 7.95
CA GLY A 27 -0.18 36.04 8.75
C GLY A 27 -1.08 37.20 9.16
N TYR A 28 -2.39 36.91 9.19
CA TYR A 28 -3.41 37.87 9.59
C TYR A 28 -4.32 37.30 10.64
N VAL A 29 -4.64 38.13 11.63
CA VAL A 29 -5.86 37.98 12.42
C VAL A 29 -6.87 39.00 11.89
N ASP A 30 -8.00 38.49 11.39
CA ASP A 30 -9.06 39.31 10.83
C ASP A 30 -8.47 40.12 9.67
N SER A 31 -8.47 41.45 9.73
CA SER A 31 -7.98 42.31 8.68
C SER A 31 -6.57 42.84 8.96
N HIS A 32 -5.91 42.36 10.03
CA HIS A 32 -4.65 42.89 10.54
C HIS A 32 -3.50 41.95 10.25
N PRO A 33 -2.45 42.42 9.58
CA PRO A 33 -1.22 41.65 9.52
C PRO A 33 -0.62 41.51 10.91
N ILE A 34 -0.22 40.30 11.26
CA ILE A 34 0.30 40.02 12.61
C ILE A 34 1.72 39.48 12.54
N THR A 35 2.05 38.75 11.47
CA THR A 35 3.37 38.15 11.29
C THR A 35 3.81 38.31 9.85
N THR A 36 5.14 38.30 9.65
CA THR A 36 5.69 38.38 8.31
C THR A 36 6.99 37.60 8.25
N TYR A 37 7.30 37.10 7.06
CA TYR A 37 8.52 36.37 6.79
C TYR A 37 8.76 36.39 5.28
N ASP A 38 10.03 36.46 4.88
CA ASP A 38 10.36 36.40 3.47
C ASP A 38 11.76 35.80 3.32
N SER A 39 12.12 35.54 2.06
CA SER A 39 13.40 34.92 1.76
C SER A 39 14.58 35.87 1.94
N VAL A 40 14.32 37.17 1.98
CA VAL A 40 15.41 38.14 2.15
C VAL A 40 15.81 38.26 3.61
N THR A 41 14.85 38.48 4.49
CA THR A 41 15.15 38.60 5.91
C THR A 41 15.41 37.23 6.55
N ARG A 42 14.73 36.19 6.08
CA ARG A 42 14.81 34.85 6.65
C ARG A 42 14.48 34.85 8.14
N GLN A 43 13.58 35.76 8.55
CA GLN A 43 13.22 35.93 9.94
C GLN A 43 11.71 36.16 10.05
N LYS A 44 11.08 35.42 10.93
CA LYS A 44 9.70 35.72 11.29
C LYS A 44 9.68 36.92 12.23
N GLU A 45 8.99 37.98 11.83
CA GLU A 45 9.01 39.22 12.61
C GLU A 45 7.60 39.65 12.95
N PRO A 46 7.43 40.34 14.08
CA PRO A 46 6.11 40.86 14.43
C PRO A 46 5.68 41.94 13.46
N ARG A 47 4.38 41.94 13.14
CA ARG A 47 3.79 42.94 12.27
C ARG A 47 2.77 43.81 12.99
N ALA A 48 2.44 43.49 14.24
CA ALA A 48 1.62 44.31 15.11
C ALA A 48 2.31 44.43 16.46
N PRO A 49 2.24 45.60 17.10
CA PRO A 49 2.96 45.77 18.37
C PRO A 49 2.48 44.83 19.47
N TRP A 50 1.17 44.55 19.52
CA TRP A 50 0.64 43.67 20.56
C TRP A 50 1.08 42.22 20.37
N MET A 51 1.59 41.87 19.19
CA MET A 51 2.19 40.54 19.00
C MET A 51 3.58 40.48 19.63
N ALA A 52 4.37 41.54 19.48
CA ALA A 52 5.74 41.54 19.99
C ALA A 52 5.79 41.67 21.51
N GLU A 53 4.71 42.15 22.14
CA GLU A 53 4.69 42.32 23.58
C GLU A 53 4.28 41.05 24.33
N ASN A 54 3.58 40.15 23.67
CA ASN A 54 3.04 38.96 24.31
C ASN A 54 3.71 37.67 23.87
N LEU A 55 4.62 37.73 22.90
CA LEU A 55 5.32 36.54 22.39
C LEU A 55 6.79 36.63 22.78
N ALA A 56 7.27 35.65 23.53
CA ALA A 56 8.65 35.61 23.95
C ALA A 56 9.57 35.31 22.77
N PRO A 57 10.86 35.62 22.90
CA PRO A 57 11.78 35.39 21.77
C PRO A 57 11.83 33.95 21.28
N ASP A 58 11.56 32.97 22.15
CA ASP A 58 11.56 31.58 21.70
C ASP A 58 10.46 31.29 20.69
N HIS A 59 9.36 32.08 20.71
CA HIS A 59 8.32 31.92 19.70
C HIS A 59 8.83 32.29 18.31
N TRP A 60 9.45 33.47 18.19
CA TRP A 60 9.94 33.92 16.89
C TRP A 60 11.11 33.05 16.42
N GLU A 61 11.93 32.56 17.34
CA GLU A 61 13.04 31.70 16.95
C GLU A 61 12.55 30.36 16.41
N ARG A 62 11.55 29.77 17.06
CA ARG A 62 11.09 28.45 16.65
C ARG A 62 10.40 28.51 15.28
N TYR A 63 9.48 29.46 15.10
CA TYR A 63 8.74 29.54 13.85
C TYR A 63 9.56 30.15 12.72
N THR A 64 10.66 30.81 13.04
CA THR A 64 11.60 31.17 11.99
C THR A 64 12.28 29.93 11.43
N GLN A 65 12.62 28.98 12.30
CA GLN A 65 13.20 27.73 11.85
C GLN A 65 12.20 26.94 10.99
N LEU A 66 10.93 26.89 11.40
CA LEU A 66 9.91 26.24 10.59
C LEU A 66 9.74 26.96 9.25
N LEU A 67 9.73 28.28 9.28
CA LEU A 67 9.53 29.07 8.06
C LEU A 67 10.69 28.94 7.10
N ARG A 68 11.90 28.73 7.63
CA ARG A 68 13.04 28.47 6.74
C ARG A 68 12.87 27.13 6.04
N GLY A 69 12.35 26.13 6.77
CA GLY A 69 11.98 24.87 6.12
C GLY A 69 10.82 25.04 5.16
N TRP A 70 9.79 25.78 5.57
CA TRP A 70 8.63 25.99 4.72
C TRP A 70 9.00 26.71 3.43
N GLN A 71 9.95 27.65 3.53
CA GLN A 71 10.41 28.33 2.33
C GLN A 71 11.11 27.35 1.40
N GLN A 72 11.92 26.44 1.96
CA GLN A 72 12.66 25.49 1.14
C GLN A 72 11.72 24.54 0.43
N MET A 73 10.70 24.03 1.13
CA MET A 73 9.76 23.11 0.51
C MET A 73 8.92 23.80 -0.57
N PHE A 74 8.59 25.07 -0.38
CA PHE A 74 7.86 25.80 -1.41
C PHE A 74 8.67 25.90 -2.69
N LYS A 75 9.99 26.11 -2.56
CA LYS A 75 10.86 26.05 -3.73
C LYS A 75 10.85 24.66 -4.35
N VAL A 76 10.85 23.63 -3.51
CA VAL A 76 10.81 22.25 -4.00
C VAL A 76 9.48 21.96 -4.67
N GLU A 77 8.38 22.29 -4.01
CA GLU A 77 7.06 22.02 -4.56
C GLU A 77 6.83 22.79 -5.86
N LEU A 78 7.33 24.02 -5.93
CA LEU A 78 7.21 24.80 -7.16
C LEU A 78 8.00 24.15 -8.29
N LYS A 79 9.15 23.53 -7.97
CA LYS A 79 9.90 22.80 -8.98
C LYS A 79 9.12 21.58 -9.49
N ARG A 80 8.47 20.85 -8.58
CA ARG A 80 7.70 19.68 -9.01
C ARG A 80 6.59 20.06 -9.96
N LEU A 81 5.89 21.17 -9.69
CA LEU A 81 4.86 21.63 -10.59
C LEU A 81 5.43 22.01 -11.95
N GLN A 82 6.53 22.75 -11.95
CA GLN A 82 7.11 23.23 -13.20
C GLN A 82 7.72 22.12 -14.04
N ARG A 83 7.92 20.93 -13.49
CA ARG A 83 8.39 19.79 -14.28
C ARG A 83 7.28 18.80 -14.59
N HIS A 84 6.10 18.95 -13.99
CA HIS A 84 4.92 18.20 -14.41
C HIS A 84 4.16 18.92 -15.52
N TYR A 85 4.04 20.24 -15.42
CA TYR A 85 3.49 21.03 -16.51
C TYR A 85 4.50 21.28 -17.62
N ASN A 86 5.77 20.94 -17.40
CA ASN A 86 6.86 21.23 -18.33
C ASN A 86 6.92 22.73 -18.63
N HIS A 87 7.00 23.53 -17.56
CA HIS A 87 6.98 24.98 -17.64
C HIS A 87 8.39 25.54 -17.45
N SER A 88 8.67 26.63 -18.16
CA SER A 88 9.90 27.37 -18.02
C SER A 88 9.60 28.83 -17.73
N GLY A 89 10.50 29.48 -17.02
CA GLY A 89 10.32 30.87 -16.66
C GLY A 89 9.78 31.05 -15.26
N SER A 90 9.29 32.26 -15.01
CA SER A 90 8.78 32.61 -13.69
C SER A 90 7.34 32.13 -13.53
N HIS A 91 7.07 31.54 -12.36
CA HIS A 91 5.73 31.06 -12.05
C HIS A 91 5.44 31.34 -10.59
N THR A 92 4.15 31.27 -10.25
CA THR A 92 3.68 31.56 -8.91
C THR A 92 3.11 30.30 -8.25
N TYR A 93 3.28 30.23 -6.93
CA TYR A 93 2.70 29.16 -6.13
C TYR A 93 2.24 29.78 -4.82
N GLN A 94 0.97 29.61 -4.49
CA GLN A 94 0.39 30.26 -3.33
C GLN A 94 -0.35 29.28 -2.44
N ARG A 95 -0.46 29.65 -1.19
CA ARG A 95 -1.08 28.82 -0.17
C ARG A 95 -1.83 29.70 0.80
N MET A 96 -2.97 29.19 1.28
CA MET A 96 -3.73 29.89 2.31
C MET A 96 -4.36 28.85 3.23
N ILE A 97 -3.92 28.84 4.49
CA ILE A 97 -4.52 28.02 5.53
C ILE A 97 -5.11 28.96 6.57
N GLY A 98 -6.16 28.49 7.25
CA GLY A 98 -6.77 29.33 8.27
C GLY A 98 -8.04 28.72 8.81
N CYS A 99 -8.63 29.47 9.74
CA CYS A 99 -9.85 29.06 10.42
C CYS A 99 -10.62 30.29 10.86
N GLU A 100 -11.92 30.08 11.13
CA GLU A 100 -12.79 31.13 11.61
C GLU A 100 -13.52 30.68 12.86
N LEU A 101 -13.79 31.64 13.75
CA LEU A 101 -14.55 31.40 14.98
C LEU A 101 -15.83 32.20 14.91
N LEU A 102 -16.96 31.52 14.73
CA LEU A 102 -18.24 32.17 14.52
C LEU A 102 -18.79 32.73 15.83
N GLU A 103 -19.84 33.53 15.70
CA GLU A 103 -20.47 34.13 16.88
C GLU A 103 -21.13 33.07 17.76
N ASP A 104 -21.76 32.07 17.14
CA ASP A 104 -22.44 31.02 17.88
C ASP A 104 -21.49 29.99 18.47
N GLY A 105 -20.19 30.12 18.25
CA GLY A 105 -19.20 29.20 18.77
C GLY A 105 -18.75 28.14 17.79
N SER A 106 -19.41 28.01 16.65
CA SER A 106 -18.99 27.05 15.64
C SER A 106 -17.72 27.53 14.93
N THR A 107 -16.99 26.59 14.36
CA THR A 107 -15.71 26.87 13.73
C THR A 107 -15.70 26.34 12.30
N THR A 108 -14.91 26.99 11.45
CA THR A 108 -14.67 26.55 10.09
C THR A 108 -13.18 26.47 9.84
N GLY A 109 -12.78 25.61 8.91
CA GLY A 109 -11.38 25.43 8.60
C GLY A 109 -11.13 25.24 7.11
N PHE A 110 -10.13 25.94 6.58
CA PHE A 110 -9.87 25.93 5.15
C PHE A 110 -8.38 25.87 4.88
N LEU A 111 -8.01 25.19 3.80
CA LEU A 111 -6.64 25.13 3.32
C LEU A 111 -6.66 24.85 1.83
N GLN A 112 -6.00 25.71 1.06
CA GLN A 112 -5.98 25.53 -0.38
C GLN A 112 -4.69 26.09 -0.96
N TYR A 113 -4.28 25.53 -2.10
CA TYR A 113 -3.11 25.97 -2.84
C TYR A 113 -3.55 26.49 -4.21
N ALA A 114 -2.70 27.34 -4.79
CA ALA A 114 -2.96 27.89 -6.11
C ALA A 114 -1.68 27.96 -6.90
N TYR A 115 -1.76 27.67 -8.20
CA TYR A 115 -0.63 27.74 -9.11
C TYR A 115 -0.94 28.74 -10.21
N ASP A 116 -0.09 29.77 -10.33
CA ASP A 116 -0.27 30.85 -11.30
C ASP A 116 -1.64 31.53 -11.15
N GLY A 117 -2.10 31.68 -9.91
CA GLY A 117 -3.29 32.47 -9.65
C GLY A 117 -4.61 31.76 -9.80
N GLN A 118 -4.61 30.44 -9.99
CA GLN A 118 -5.85 29.68 -10.11
C GLN A 118 -5.87 28.55 -9.11
N ASP A 119 -7.08 28.22 -8.64
CA ASP A 119 -7.25 27.16 -7.65
C ASP A 119 -6.61 25.86 -8.14
N PHE A 120 -5.77 25.28 -7.30
CA PHE A 120 -5.01 24.08 -7.64
C PHE A 120 -5.43 22.89 -6.79
N LEU A 121 -5.36 23.01 -5.46
CA LEU A 121 -5.73 21.95 -4.54
C LEU A 121 -6.54 22.56 -3.41
N ILE A 122 -7.64 21.92 -3.04
CA ILE A 122 -8.52 22.41 -1.99
C ILE A 122 -8.81 21.27 -1.02
N PHE A 123 -8.51 21.48 0.25
CA PHE A 123 -8.64 20.46 1.27
C PHE A 123 -10.04 20.45 1.86
N ASN A 124 -10.51 19.27 2.24
CA ASN A 124 -11.79 19.08 2.93
C ASN A 124 -11.50 18.32 4.22
N LYS A 125 -11.38 19.05 5.33
CA LYS A 125 -11.03 18.44 6.61
C LYS A 125 -12.15 17.57 7.16
N ASP A 126 -13.37 17.68 6.65
CA ASP A 126 -14.48 16.87 7.12
C ASP A 126 -14.63 15.57 6.36
N THR A 127 -13.90 15.39 5.25
CA THR A 127 -13.88 14.13 4.53
C THR A 127 -12.47 13.58 4.35
N LEU A 128 -11.44 14.31 4.79
CA LEU A 128 -10.04 13.90 4.65
C LEU A 128 -9.70 13.60 3.20
N SER A 129 -9.98 14.56 2.32
CA SER A 129 -9.74 14.41 0.90
C SER A 129 -9.36 15.76 0.31
N TRP A 130 -8.75 15.71 -0.87
CA TRP A 130 -8.29 16.90 -1.57
C TRP A 130 -9.03 17.02 -2.90
N LEU A 131 -9.54 18.22 -3.18
CA LEU A 131 -10.24 18.51 -4.43
C LEU A 131 -9.22 19.02 -5.44
N ALA A 132 -8.79 18.14 -6.34
CA ALA A 132 -7.81 18.51 -7.34
C ALA A 132 -8.48 19.20 -8.53
N VAL A 133 -7.71 20.04 -9.22
CA VAL A 133 -8.25 20.81 -10.33
C VAL A 133 -7.84 20.25 -11.70
N ASP A 134 -6.80 19.43 -11.76
CA ASP A 134 -6.37 18.81 -13.01
C ASP A 134 -5.54 17.58 -12.67
N ASN A 135 -4.92 16.99 -13.70
CA ASN A 135 -4.16 15.76 -13.49
C ASN A 135 -2.89 16.01 -12.69
N VAL A 136 -2.24 17.16 -12.87
CA VAL A 136 -1.05 17.48 -12.09
C VAL A 136 -1.41 17.60 -10.61
N ALA A 137 -2.51 18.30 -10.31
CA ALA A 137 -2.99 18.37 -8.94
C ALA A 137 -3.46 17.02 -8.44
N HIS A 138 -4.02 16.19 -9.33
CA HIS A 138 -4.48 14.87 -8.93
C HIS A 138 -3.32 13.98 -8.50
N THR A 139 -2.17 14.14 -9.15
CA THR A 139 -0.98 13.37 -8.76
C THR A 139 -0.58 13.71 -7.32
N ILE A 140 -0.55 14.99 -6.99
CA ILE A 140 -0.19 15.40 -5.63
C ILE A 140 -1.28 15.01 -4.65
N LYS A 141 -2.55 15.07 -5.08
CA LYS A 141 -3.65 14.66 -4.22
C LYS A 141 -3.50 13.21 -3.79
N GLN A 142 -3.08 12.34 -4.71
CA GLN A 142 -2.91 10.93 -4.36
C GLN A 142 -1.76 10.73 -3.37
N ALA A 143 -0.66 11.47 -3.57
CA ALA A 143 0.47 11.34 -2.66
C ALA A 143 0.09 11.73 -1.23
N TRP A 144 -0.67 12.81 -1.10
CA TRP A 144 -1.07 13.27 0.24
C TRP A 144 -2.11 12.35 0.85
N GLU A 145 -3.12 11.95 0.07
CA GLU A 145 -4.17 11.08 0.59
C GLU A 145 -3.66 9.70 0.94
N ALA A 146 -2.51 9.29 0.40
CA ALA A 146 -1.88 8.05 0.78
C ALA A 146 -1.13 8.15 2.11
N ASN A 147 -1.12 9.33 2.72
CA ASN A 147 -0.42 9.58 3.99
C ASN A 147 -1.47 10.02 5.00
N GLN A 148 -1.94 9.08 5.82
CA GLN A 148 -2.97 9.40 6.80
C GLN A 148 -2.50 10.45 7.79
N HIS A 149 -1.20 10.40 8.15
CA HIS A 149 -0.68 11.38 9.09
C HIS A 149 -0.82 12.79 8.55
N GLU A 150 -0.50 13.00 7.26
CA GLU A 150 -0.66 14.31 6.65
C GLU A 150 -2.11 14.79 6.72
N LEU A 151 -3.06 13.87 6.51
CA LEU A 151 -4.46 14.24 6.56
C LEU A 151 -4.90 14.54 7.99
N LEU A 152 -4.51 13.70 8.94
CA LEU A 152 -4.89 13.93 10.34
C LEU A 152 -4.16 15.14 10.92
N TYR A 153 -2.89 15.32 10.53
CA TYR A 153 -2.12 16.47 10.99
C TYR A 153 -2.79 17.78 10.59
N GLN A 154 -3.21 17.88 9.32
CA GLN A 154 -3.82 19.13 8.87
C GLN A 154 -5.17 19.34 9.50
N LYS A 155 -6.01 18.29 9.54
CA LYS A 155 -7.29 18.39 10.22
C LYS A 155 -7.15 18.83 11.67
N ASN A 156 -6.08 18.38 12.34
CA ASN A 156 -5.88 18.75 13.73
C ASN A 156 -5.55 20.23 13.87
N TRP A 157 -4.68 20.74 13.00
CA TRP A 157 -4.32 22.14 13.07
C TRP A 157 -5.52 23.04 12.78
N LEU A 158 -6.32 22.67 11.78
CA LEU A 158 -7.47 23.50 11.41
C LEU A 158 -8.50 23.54 12.53
N GLU A 159 -8.76 22.40 13.17
CA GLU A 159 -9.84 22.32 14.15
C GLU A 159 -9.39 22.64 15.57
N GLU A 160 -8.13 22.40 15.91
CA GLU A 160 -7.66 22.53 17.28
C GLU A 160 -6.66 23.67 17.45
N GLU A 161 -5.52 23.60 16.76
CA GLU A 161 -4.43 24.54 17.05
C GLU A 161 -4.72 25.94 16.50
N CYS A 162 -5.36 26.03 15.34
CA CYS A 162 -5.69 27.34 14.77
C CYS A 162 -6.67 28.09 15.66
N ILE A 163 -7.70 27.40 16.15
CA ILE A 163 -8.68 28.03 17.02
C ILE A 163 -8.03 28.44 18.34
N ALA A 164 -7.08 27.64 18.82
CA ALA A 164 -6.37 28.00 20.05
C ALA A 164 -5.50 29.24 19.85
N TRP A 165 -4.78 29.30 18.73
CA TRP A 165 -3.98 30.48 18.43
C TRP A 165 -4.87 31.70 18.20
N LEU A 166 -6.03 31.50 17.56
CA LEU A 166 -6.92 32.61 17.28
C LEU A 166 -7.40 33.27 18.57
N LYS A 167 -7.83 32.46 19.54
CA LYS A 167 -8.24 33.02 20.83
C LYS A 167 -7.07 33.67 21.54
N ARG A 168 -5.89 33.06 21.45
CA ARG A 168 -4.70 33.64 22.09
C ARG A 168 -4.37 34.99 21.48
N PHE A 169 -4.46 35.10 20.15
CA PHE A 169 -4.19 36.37 19.50
C PHE A 169 -5.27 37.39 19.79
N LEU A 170 -6.53 36.95 19.95
CA LEU A 170 -7.61 37.88 20.24
C LEU A 170 -7.45 38.53 21.61
N GLU A 171 -6.90 37.79 22.58
CA GLU A 171 -6.62 38.39 23.88
C GLU A 171 -5.43 39.33 23.80
N TYR A 172 -4.43 39.00 22.98
CA TYR A 172 -3.24 39.82 22.88
C TYR A 172 -3.55 41.19 22.30
N GLY A 173 -4.44 41.24 21.31
CA GLY A 173 -4.80 42.50 20.70
C GLY A 173 -6.25 42.89 20.93
N LYS A 174 -6.74 42.64 22.15
CA LYS A 174 -8.15 42.91 22.45
C LYS A 174 -8.48 44.40 22.31
N ASP A 175 -7.51 45.28 22.56
CA ASP A 175 -7.77 46.71 22.46
C ASP A 175 -8.01 47.15 21.03
N THR A 176 -7.41 46.46 20.06
CA THR A 176 -7.49 46.86 18.66
C THR A 176 -8.47 46.04 17.84
N LEU A 177 -8.49 44.72 18.03
CA LEU A 177 -9.29 43.86 17.17
C LEU A 177 -10.76 43.86 17.55
N GLN A 178 -11.07 44.08 18.82
CA GLN A 178 -12.45 44.02 19.31
C GLN A 178 -13.04 45.40 19.56
N ARG A 179 -12.34 46.46 19.18
CA ARG A 179 -12.88 47.81 19.34
C ARG A 179 -13.96 48.07 18.29
N THR A 180 -14.76 49.11 18.54
CA THR A 180 -15.81 49.52 17.62
C THR A 180 -15.81 51.04 17.53
N GLU A 181 -15.62 51.56 16.32
CA GLU A 181 -15.68 52.99 16.07
C GLU A 181 -16.85 53.28 15.13
N PRO A 182 -17.79 54.14 15.52
CA PRO A 182 -18.96 54.36 14.68
C PRO A 182 -18.58 55.17 13.44
N PRO A 183 -19.28 54.97 12.33
CA PRO A 183 -18.98 55.74 11.13
C PRO A 183 -19.48 57.18 11.25
N LEU A 184 -18.75 58.08 10.60
CA LEU A 184 -19.14 59.49 10.49
C LEU A 184 -19.86 59.66 9.17
N VAL A 185 -21.19 59.67 9.21
CA VAL A 185 -22.01 59.64 8.00
C VAL A 185 -22.39 61.06 7.61
N ARG A 186 -22.41 61.31 6.30
CA ARG A 186 -22.79 62.61 5.77
C ARG A 186 -23.36 62.41 4.37
N VAL A 187 -24.15 63.38 3.92
CA VAL A 187 -24.79 63.34 2.62
C VAL A 187 -24.27 64.49 1.78
N ASN A 188 -24.02 64.22 0.49
CA ASN A 188 -23.50 65.20 -0.44
C ASN A 188 -24.34 65.18 -1.72
N ARG A 189 -24.67 66.36 -2.22
CA ARG A 189 -25.48 66.48 -3.43
C ARG A 189 -24.60 66.77 -4.64
N LYS A 190 -23.74 65.81 -4.97
CA LYS A 190 -22.92 65.92 -6.17
C LYS A 190 -23.77 65.72 -7.42
N GLU A 191 -23.27 66.20 -8.54
CA GLU A 191 -24.03 66.17 -9.79
C GLU A 191 -23.13 65.75 -10.94
N THR A 192 -23.76 65.38 -12.05
CA THR A 192 -23.07 65.04 -13.28
C THR A 192 -24.03 65.08 -14.46
N LEU A 199 -28.18 61.43 -2.07
CA LEU A 199 -27.56 61.06 -3.34
C LEU A 199 -26.17 60.47 -3.12
N PHE A 200 -25.48 60.94 -2.07
CA PHE A 200 -24.15 60.44 -1.74
C PHE A 200 -24.06 60.30 -0.22
N CYS A 201 -24.39 59.12 0.28
CA CYS A 201 -24.32 58.83 1.72
C CYS A 201 -22.91 58.31 2.01
N LYS A 202 -22.01 59.23 2.32
CA LYS A 202 -20.61 58.91 2.54
C LYS A 202 -20.33 58.78 4.03
N ALA A 203 -19.69 57.68 4.41
CA ALA A 203 -19.28 57.43 5.79
C ALA A 203 -17.81 57.06 5.82
N HIS A 204 -17.16 57.37 6.94
CA HIS A 204 -15.72 57.15 7.06
C HIS A 204 -15.36 57.07 8.54
N GLY A 205 -14.13 56.60 8.78
CA GLY A 205 -13.60 56.58 10.14
C GLY A 205 -14.22 55.53 11.03
N PHE A 206 -14.61 54.39 10.47
CA PHE A 206 -15.26 53.35 11.25
C PHE A 206 -14.42 52.09 11.25
N TYR A 207 -14.69 51.25 12.25
CA TYR A 207 -14.04 49.97 12.43
C TYR A 207 -14.96 49.14 13.29
N PRO A 208 -15.23 47.86 12.96
CA PRO A 208 -14.83 47.06 11.80
C PRO A 208 -15.40 47.50 10.45
N PRO A 209 -14.70 47.13 9.37
CA PRO A 209 -15.11 47.56 8.03
C PRO A 209 -16.44 46.98 7.56
N GLU A 210 -16.99 45.98 8.24
CA GLU A 210 -18.30 45.44 7.85
C GLU A 210 -19.35 46.51 8.10
N ILE A 211 -19.92 47.05 7.02
CA ILE A 211 -20.90 48.11 7.12
C ILE A 211 -21.96 47.91 6.04
N TYR A 212 -23.21 48.12 6.41
CA TYR A 212 -24.34 48.00 5.51
C TYR A 212 -24.96 49.38 5.30
N MET A 213 -25.03 49.80 4.04
CA MET A 213 -25.62 51.07 3.67
C MET A 213 -26.62 50.84 2.55
N THR A 214 -27.76 51.54 2.62
CA THR A 214 -28.80 51.41 1.62
C THR A 214 -29.66 52.67 1.67
N TRP A 215 -30.70 52.68 0.83
CA TRP A 215 -31.64 53.80 0.78
C TRP A 215 -33.08 53.32 0.88
N GLU A 225 -31.05 52.15 -10.16
CA GLU A 225 -29.88 51.39 -9.74
C GLU A 225 -29.09 52.16 -8.68
N ILE A 226 -28.95 51.56 -7.50
CA ILE A 226 -28.23 52.16 -6.39
C ILE A 226 -26.75 51.77 -6.50
N ASP A 227 -25.87 52.77 -6.55
CA ASP A 227 -24.45 52.55 -6.75
C ASP A 227 -23.74 52.52 -5.40
N TYR A 228 -22.86 51.54 -5.22
CA TYR A 228 -22.10 51.37 -4.00
C TYR A 228 -20.62 51.67 -4.24
N GLY A 229 -19.94 52.02 -3.15
CA GLY A 229 -18.51 52.24 -3.19
C GLY A 229 -17.78 51.21 -2.34
N ASP A 230 -16.56 50.90 -2.73
CA ASP A 230 -15.77 49.91 -2.01
C ASP A 230 -15.47 50.38 -0.60
N ILE A 231 -15.32 49.41 0.30
CA ILE A 231 -14.93 49.68 1.69
C ILE A 231 -13.40 49.72 1.70
N LEU A 232 -12.84 50.94 1.67
CA LEU A 232 -11.42 51.15 1.47
C LEU A 232 -10.72 51.52 2.78
N PRO A 233 -9.45 51.13 2.92
CA PRO A 233 -8.69 51.54 4.11
C PRO A 233 -8.38 53.03 4.05
N SER A 234 -8.61 53.72 5.17
CA SER A 234 -8.28 55.14 5.24
C SER A 234 -6.80 55.37 5.49
N GLY A 235 -6.15 54.45 6.20
CA GLY A 235 -4.72 54.56 6.51
C GLY A 235 -4.41 54.68 7.98
N ASP A 236 -5.40 54.88 8.84
CA ASP A 236 -5.18 55.01 10.28
C ASP A 236 -5.83 53.89 11.07
N GLY A 237 -6.21 52.80 10.40
CA GLY A 237 -6.91 51.71 11.03
C GLY A 237 -8.41 51.73 10.86
N THR A 238 -8.96 52.77 10.25
CA THR A 238 -10.38 52.89 9.98
C THR A 238 -10.64 52.70 8.49
N TYR A 239 -11.92 52.72 8.11
CA TYR A 239 -12.33 52.48 6.75
C TYR A 239 -13.38 53.51 6.34
N GLN A 240 -13.69 53.52 5.05
CA GLN A 240 -14.62 54.49 4.48
C GLN A 240 -15.37 53.85 3.33
N ALA A 241 -16.60 54.31 3.12
CA ALA A 241 -17.44 53.80 2.04
C ALA A 241 -18.52 54.83 1.74
N TRP A 242 -19.27 54.59 0.66
CA TRP A 242 -20.34 55.48 0.26
C TRP A 242 -21.38 54.70 -0.53
N ALA A 243 -22.55 55.31 -0.68
CA ALA A 243 -23.64 54.73 -1.45
C ALA A 243 -24.32 55.84 -2.26
N SER A 244 -24.52 55.60 -3.54
CA SER A 244 -25.08 56.59 -4.45
C SER A 244 -26.42 56.12 -5.00
N ILE A 245 -27.20 57.08 -5.49
CA ILE A 245 -28.46 56.80 -6.16
C ILE A 245 -28.69 57.80 -7.29
N CYS A 257 -31.08 57.92 4.26
CA CYS A 257 -30.02 56.93 4.20
C CYS A 257 -29.99 56.07 5.47
N HIS A 258 -29.90 54.75 5.28
CA HIS A 258 -29.82 53.80 6.37
C HIS A 258 -28.42 53.22 6.43
N VAL A 259 -27.82 53.21 7.62
CA VAL A 259 -26.47 52.69 7.84
C VAL A 259 -26.48 51.80 9.08
N GLU A 260 -26.01 50.57 8.91
CA GLU A 260 -25.86 49.63 10.02
C GLU A 260 -24.38 49.31 10.19
N HIS A 261 -23.90 49.37 11.44
CA HIS A 261 -22.50 49.09 11.74
C HIS A 261 -22.40 48.59 13.17
N SER A 262 -21.93 47.36 13.34
CA SER A 262 -21.81 46.72 14.65
C SER A 262 -23.15 46.71 15.39
N GLY A 263 -24.23 46.51 14.64
CA GLY A 263 -25.55 46.44 15.23
C GLY A 263 -26.13 47.78 15.64
N VAL A 264 -25.65 48.88 15.06
CA VAL A 264 -26.16 50.21 15.35
C VAL A 264 -26.67 50.81 14.05
N HIS A 265 -27.94 51.20 14.03
CA HIS A 265 -28.58 51.73 12.84
C HIS A 265 -28.66 53.26 12.93
N MET A 266 -28.26 53.92 11.86
CA MET A 266 -28.30 55.37 11.76
C MET A 266 -29.17 55.78 10.57
N VAL A 267 -29.94 56.85 10.76
CA VAL A 267 -30.82 57.38 9.73
C VAL A 267 -30.44 58.84 9.48
N LEU A 268 -30.32 59.21 8.21
CA LEU A 268 -30.01 60.58 7.81
C LEU A 268 -30.93 60.98 6.67
N GLN A 269 -31.61 62.12 6.84
CA GLN A 269 -32.55 62.60 5.85
C GLN A 269 -31.83 63.51 4.85
N VAL A 270 -32.60 64.04 3.91
CA VAL A 270 -32.06 64.85 2.82
C VAL A 270 -31.28 66.06 3.34
N MET B 1 -1.57 30.45 -16.90
CA MET B 1 -0.97 31.67 -16.39
C MET B 1 -1.98 32.81 -16.40
N ILE B 2 -2.46 33.16 -15.22
CA ILE B 2 -3.51 34.17 -15.07
C ILE B 2 -2.87 35.53 -14.92
N GLN B 3 -3.49 36.53 -15.54
CA GLN B 3 -3.13 37.92 -15.35
C GLN B 3 -4.37 38.75 -15.10
N ARG B 4 -4.32 39.57 -14.06
CA ARG B 4 -5.43 40.43 -13.72
C ARG B 4 -4.95 41.88 -13.63
N THR B 5 -5.69 42.74 -14.27
CA THR B 5 -5.25 44.12 -14.28
C THR B 5 -5.56 44.77 -12.93
N PRO B 6 -4.69 45.67 -12.48
CA PRO B 6 -4.90 46.32 -11.19
C PRO B 6 -6.11 47.24 -11.22
N LYS B 7 -6.73 47.40 -10.05
CA LYS B 7 -7.82 48.33 -9.84
C LYS B 7 -7.29 49.49 -8.99
N ILE B 8 -7.22 50.68 -9.59
CA ILE B 8 -6.64 51.85 -8.95
C ILE B 8 -7.76 52.71 -8.39
N GLN B 9 -7.65 53.09 -7.12
CA GLN B 9 -8.61 53.98 -6.48
C GLN B 9 -7.85 55.00 -5.66
N VAL B 10 -7.98 56.28 -6.02
CA VAL B 10 -7.30 57.38 -5.35
C VAL B 10 -8.30 58.14 -4.52
N TYR B 11 -7.97 58.40 -3.25
CA TYR B 11 -8.89 59.01 -2.31
C TYR B 11 -8.07 59.60 -1.17
N SER B 12 -8.76 60.25 -0.23
CA SER B 12 -8.13 60.88 0.92
C SER B 12 -8.59 60.21 2.20
N ARG B 13 -7.73 60.25 3.21
CA ARG B 13 -8.06 59.63 4.50
C ARG B 13 -9.25 60.32 5.16
N HIS B 14 -9.28 61.65 5.11
CA HIS B 14 -10.34 62.46 5.68
C HIS B 14 -11.02 63.27 4.59
N PRO B 15 -12.27 63.70 4.81
CA PRO B 15 -12.91 64.61 3.85
C PRO B 15 -12.07 65.86 3.65
N ALA B 16 -11.59 66.03 2.42
CA ALA B 16 -10.56 67.02 2.14
C ALA B 16 -11.10 68.44 2.20
N GLU B 17 -10.40 69.31 2.93
CA GLU B 17 -10.68 70.74 2.95
C GLU B 17 -9.36 71.48 2.77
N ASN B 18 -9.36 72.48 1.89
CA ASN B 18 -8.12 73.17 1.56
C ASN B 18 -7.54 73.87 2.79
N GLY B 19 -6.25 73.66 3.03
CA GLY B 19 -5.56 74.25 4.15
C GLY B 19 -5.44 73.36 5.37
N LYS B 20 -6.05 72.17 5.34
CA LYS B 20 -6.01 71.23 6.46
C LYS B 20 -5.21 70.00 6.05
N SER B 21 -4.24 69.62 6.87
CA SER B 21 -3.39 68.49 6.54
C SER B 21 -4.21 67.20 6.46
N ASN B 22 -3.82 66.32 5.55
CA ASN B 22 -4.55 65.08 5.30
C ASN B 22 -3.58 64.06 4.73
N PHE B 23 -4.12 62.92 4.29
CA PHE B 23 -3.34 61.84 3.70
C PHE B 23 -3.99 61.42 2.38
N LEU B 24 -3.17 61.35 1.33
CA LEU B 24 -3.63 60.96 0.00
C LEU B 24 -3.37 59.47 -0.18
N ASN B 25 -4.44 58.71 -0.44
CA ASN B 25 -4.35 57.26 -0.55
C ASN B 25 -4.54 56.82 -1.99
N CYS B 26 -3.78 55.79 -2.38
CA CYS B 26 -3.95 55.11 -3.66
C CYS B 26 -4.00 53.62 -3.38
N TYR B 27 -5.17 53.01 -3.57
CA TYR B 27 -5.41 51.62 -3.20
C TYR B 27 -5.44 50.78 -4.48
N VAL B 28 -4.38 50.01 -4.71
CA VAL B 28 -4.25 49.15 -5.88
C VAL B 28 -4.57 47.73 -5.45
N SER B 29 -5.56 47.12 -6.09
CA SER B 29 -6.04 45.81 -5.64
C SER B 29 -6.46 44.96 -6.83
N GLY B 30 -6.44 43.65 -6.61
CA GLY B 30 -7.03 42.71 -7.55
C GLY B 30 -6.19 42.39 -8.76
N PHE B 31 -4.86 42.43 -8.63
CA PHE B 31 -4.00 42.16 -9.77
C PHE B 31 -3.23 40.87 -9.56
N HIS B 32 -2.72 40.36 -10.65
CA HIS B 32 -1.92 39.15 -10.65
C HIS B 32 -1.05 39.17 -11.91
N PRO B 33 0.25 38.93 -11.81
CA PRO B 33 1.12 38.61 -10.65
C PRO B 33 1.44 39.79 -9.71
N SER B 34 2.33 39.55 -8.74
CA SER B 34 2.58 40.52 -7.68
C SER B 34 3.51 41.65 -8.08
N ASP B 35 4.34 41.45 -9.11
N ASP B 35 4.34 41.44 -9.10
CA ASP B 35 5.30 42.47 -9.50
CA ASP B 35 5.28 42.47 -9.52
C ASP B 35 4.56 43.70 -10.04
C ASP B 35 4.53 43.69 -10.03
N ILE B 36 4.72 44.83 -9.35
CA ILE B 36 4.02 46.06 -9.69
C ILE B 36 4.79 47.23 -9.10
N GLU B 37 4.74 48.37 -9.77
CA GLU B 37 5.33 49.61 -9.27
C GLU B 37 4.29 50.72 -9.29
N VAL B 38 4.24 51.50 -8.21
CA VAL B 38 3.24 52.54 -8.04
C VAL B 38 3.94 53.84 -7.64
N ASP B 39 3.51 54.95 -8.25
CA ASP B 39 4.03 56.26 -7.94
C ASP B 39 2.89 57.25 -7.77
N LEU B 40 3.06 58.17 -6.83
CA LEU B 40 2.11 59.25 -6.59
C LEU B 40 2.63 60.53 -7.21
N LEU B 41 1.74 61.30 -7.83
CA LEU B 41 2.12 62.47 -8.60
C LEU B 41 1.43 63.72 -8.06
N LYS B 42 2.21 64.78 -7.84
CA LYS B 42 1.69 66.10 -7.55
C LYS B 42 1.95 66.97 -8.77
N ASN B 43 0.89 67.18 -9.56
CA ASN B 43 0.98 67.93 -10.82
C ASN B 43 2.02 67.31 -11.76
N GLY B 44 2.01 65.99 -11.86
CA GLY B 44 2.87 65.27 -12.77
C GLY B 44 4.23 64.88 -12.21
N GLU B 45 4.66 65.50 -11.10
CA GLU B 45 5.95 65.20 -10.51
C GLU B 45 5.83 64.09 -9.48
N ARG B 46 6.75 63.14 -9.53
CA ARG B 46 6.72 61.99 -8.63
C ARG B 46 7.09 62.41 -7.21
N ILE B 47 6.14 62.29 -6.29
CA ILE B 47 6.42 62.54 -4.89
C ILE B 47 7.35 61.45 -4.36
N GLU B 48 8.36 61.85 -3.59
CA GLU B 48 9.36 60.91 -3.11
C GLU B 48 9.09 60.40 -1.70
N LYS B 49 8.49 61.21 -0.84
CA LYS B 49 8.15 60.78 0.52
C LYS B 49 6.78 60.09 0.49
N VAL B 50 6.76 58.92 -0.12
CA VAL B 50 5.54 58.14 -0.31
C VAL B 50 5.76 56.78 0.32
N GLU B 51 5.24 56.60 1.53
CA GLU B 51 5.27 55.30 2.18
C GLU B 51 4.16 54.41 1.63
N HIS B 52 4.25 53.11 1.95
CA HIS B 52 3.22 52.16 1.55
C HIS B 52 3.15 51.05 2.58
N SER B 53 2.14 50.20 2.42
CA SER B 53 2.05 48.97 3.20
C SER B 53 2.83 47.86 2.48
N ASP B 54 3.07 46.78 3.20
CA ASP B 54 3.68 45.61 2.58
C ASP B 54 2.65 44.85 1.77
N LEU B 55 3.13 44.11 0.77
CA LEU B 55 2.24 43.38 -0.14
C LEU B 55 1.32 42.46 0.65
N SER B 56 0.02 42.60 0.41
CA SER B 56 -1.00 41.83 1.12
C SER B 56 -1.59 40.79 0.18
N PHE B 57 -2.39 39.89 0.77
CA PHE B 57 -2.94 38.75 0.05
C PHE B 57 -4.44 38.68 0.24
N SER B 58 -5.15 38.25 -0.81
CA SER B 58 -6.59 38.07 -0.78
C SER B 58 -6.94 36.59 -0.93
N LYS B 59 -8.21 36.29 -0.71
CA LYS B 59 -8.65 34.89 -0.78
C LYS B 59 -8.66 34.38 -2.21
N ASP B 60 -8.97 35.23 -3.18
CA ASP B 60 -9.00 34.84 -4.59
C ASP B 60 -7.62 34.86 -5.25
N TRP B 61 -6.56 34.80 -4.45
CA TRP B 61 -5.16 34.81 -4.88
C TRP B 61 -4.72 36.09 -5.56
N SER B 62 -5.50 37.15 -5.49
CA SER B 62 -5.05 38.44 -5.96
C SER B 62 -4.32 39.17 -4.85
N PHE B 63 -3.65 40.25 -5.20
CA PHE B 63 -2.87 41.04 -4.26
C PHE B 63 -3.37 42.48 -4.24
N TYR B 64 -3.16 43.13 -3.09
CA TYR B 64 -3.54 44.52 -2.95
C TYR B 64 -2.49 45.27 -2.15
N LEU B 65 -2.44 46.58 -2.37
CA LEU B 65 -1.44 47.44 -1.75
C LEU B 65 -2.07 48.80 -1.47
N LEU B 66 -1.53 49.48 -0.46
CA LEU B 66 -1.96 50.84 -0.10
C LEU B 66 -0.74 51.75 -0.12
N TYR B 67 -0.77 52.76 -0.99
CA TYR B 67 0.23 53.80 -1.04
C TYR B 67 -0.38 55.09 -0.49
N TYR B 68 0.36 55.78 0.38
CA TYR B 68 -0.16 56.97 1.02
C TYR B 68 0.97 57.96 1.24
N THR B 69 0.59 59.23 1.42
CA THR B 69 1.55 60.29 1.68
C THR B 69 0.86 61.41 2.44
N GLU B 70 1.63 62.12 3.24
CA GLU B 70 1.13 63.30 3.95
C GLU B 70 1.13 64.49 3.01
N PHE B 71 0.03 65.24 2.98
CA PHE B 71 -0.10 66.36 2.06
C PHE B 71 -1.16 67.31 2.58
N THR B 72 -1.20 68.50 2.00
CA THR B 72 -2.24 69.47 2.24
C THR B 72 -2.94 69.78 0.93
N PRO B 73 -4.27 69.77 0.89
CA PRO B 73 -4.97 70.09 -0.35
C PRO B 73 -5.15 71.59 -0.54
N THR B 74 -5.20 71.99 -1.81
CA THR B 74 -5.48 73.37 -2.18
C THR B 74 -6.55 73.39 -3.27
N GLU B 75 -6.79 74.55 -3.87
CA GLU B 75 -7.70 74.64 -5.00
C GLU B 75 -7.00 74.51 -6.35
N LYS B 76 -5.69 74.73 -6.39
CA LYS B 76 -4.93 74.71 -7.63
C LYS B 76 -4.19 73.40 -7.86
N ASP B 77 -3.66 72.78 -6.81
CA ASP B 77 -2.85 71.57 -6.97
C ASP B 77 -3.71 70.38 -7.36
N GLU B 78 -3.18 69.56 -8.25
CA GLU B 78 -3.84 68.34 -8.70
C GLU B 78 -2.94 67.15 -8.38
N TYR B 79 -3.53 66.11 -7.78
CA TYR B 79 -2.80 64.90 -7.41
C TYR B 79 -3.32 63.72 -8.21
N ALA B 80 -2.42 62.78 -8.51
CA ALA B 80 -2.79 61.61 -9.30
C ALA B 80 -1.90 60.44 -8.90
N CYS B 81 -2.38 59.23 -9.20
CA CYS B 81 -1.66 58.00 -8.93
C CYS B 81 -1.29 57.33 -10.24
N ARG B 82 -0.05 56.84 -10.33
CA ARG B 82 0.47 56.23 -11.54
C ARG B 82 0.94 54.82 -11.23
N VAL B 83 0.44 53.85 -11.99
CA VAL B 83 0.68 52.43 -11.75
C VAL B 83 1.14 51.78 -13.05
N ASN B 84 2.15 50.92 -12.95
CA ASN B 84 2.62 50.11 -14.06
C ASN B 84 2.58 48.65 -13.66
N HIS B 85 2.05 47.81 -14.55
CA HIS B 85 1.83 46.40 -14.28
C HIS B 85 1.94 45.64 -15.60
N VAL B 86 2.26 44.34 -15.50
CA VAL B 86 2.48 43.54 -16.70
C VAL B 86 1.29 43.59 -17.63
N THR B 87 0.09 43.78 -17.09
CA THR B 87 -1.13 43.88 -17.87
C THR B 87 -1.29 45.23 -18.56
N LEU B 88 -0.36 46.15 -18.34
CA LEU B 88 -0.45 47.50 -18.89
C LEU B 88 0.74 47.72 -19.81
N SER B 89 0.46 48.12 -21.06
CA SER B 89 1.53 48.46 -21.98
C SER B 89 2.15 49.80 -21.63
N GLN B 90 1.37 50.70 -21.03
CA GLN B 90 1.82 52.00 -20.57
C GLN B 90 1.30 52.24 -19.16
N PRO B 91 2.02 53.01 -18.35
CA PRO B 91 1.53 53.31 -17.00
C PRO B 91 0.19 54.03 -17.04
N LYS B 92 -0.75 53.56 -16.23
CA LYS B 92 -2.08 54.15 -16.15
C LYS B 92 -2.11 55.17 -15.02
N ILE B 93 -2.55 56.38 -15.34
CA ILE B 93 -2.61 57.48 -14.38
C ILE B 93 -4.08 57.72 -14.02
N VAL B 94 -4.38 57.65 -12.73
CA VAL B 94 -5.72 57.93 -12.21
C VAL B 94 -5.64 59.20 -11.38
N LYS B 95 -6.40 60.21 -11.77
CA LYS B 95 -6.41 61.47 -11.06
C LYS B 95 -7.30 61.38 -9.82
N TRP B 96 -7.05 62.28 -8.87
CA TRP B 96 -7.83 62.35 -7.64
C TRP B 96 -9.04 63.23 -7.88
N ASP B 97 -10.21 62.60 -8.04
CA ASP B 97 -11.46 63.34 -8.17
C ASP B 97 -11.85 63.83 -6.77
N ARG B 98 -11.52 65.08 -6.47
CA ARG B 98 -11.83 65.67 -5.17
C ARG B 98 -13.31 65.51 -4.87
N ASP B 99 -13.62 65.24 -3.60
CA ASP B 99 -14.97 64.85 -3.22
C ASP B 99 -16.00 65.91 -3.55
N MET B 100 -15.58 67.17 -3.63
CA MET B 100 -16.44 68.34 -3.85
C MET B 100 -17.76 68.08 -4.58
N ARG C 2 -15.87 -41.89 10.14
CA ARG C 2 -14.42 -41.80 10.12
C ARG C 2 -13.97 -40.47 9.50
N THR C 3 -12.67 -40.25 9.50
CA THR C 3 -12.09 -39.02 9.00
C THR C 3 -11.58 -39.23 7.58
N HIS C 4 -11.91 -38.29 6.69
CA HIS C 4 -11.53 -38.32 5.28
C HIS C 4 -10.83 -37.04 4.90
N SER C 5 -10.02 -37.12 3.85
CA SER C 5 -9.22 -35.98 3.44
C SER C 5 -8.96 -36.04 1.95
N LEU C 6 -8.66 -34.87 1.39
CA LEU C 6 -8.25 -34.71 0.00
C LEU C 6 -7.04 -33.78 0.00
N ARG C 7 -5.96 -34.22 -0.63
CA ARG C 7 -4.73 -33.44 -0.71
CA ARG C 7 -4.73 -33.44 -0.72
C ARG C 7 -4.17 -33.50 -2.13
N TYR C 8 -3.73 -32.34 -2.64
CA TYR C 8 -2.95 -32.25 -3.86
C TYR C 8 -1.54 -31.82 -3.53
N PHE C 9 -0.60 -32.39 -4.28
CA PHE C 9 0.81 -32.08 -4.14
C PHE C 9 1.35 -31.50 -5.43
N ARG C 10 2.48 -30.81 -5.29
CA ARG C 10 3.29 -30.39 -6.42
C ARG C 10 4.76 -30.62 -6.09
N LEU C 11 5.49 -31.11 -7.08
CA LEU C 11 6.92 -31.34 -6.94
C LEU C 11 7.63 -30.74 -8.14
N GLY C 12 8.38 -29.68 -7.88
CA GLY C 12 9.18 -29.05 -8.92
C GLY C 12 10.66 -29.21 -8.67
N VAL C 13 11.41 -29.58 -9.70
CA VAL C 13 12.85 -29.77 -9.61
C VAL C 13 13.50 -28.98 -10.72
N SER C 14 14.40 -28.07 -10.35
CA SER C 14 15.14 -27.28 -11.33
C SER C 14 16.41 -28.02 -11.75
N ASP C 15 16.78 -27.82 -13.02
CA ASP C 15 17.90 -28.53 -13.64
C ASP C 15 17.88 -30.02 -13.33
N PRO C 16 16.80 -30.72 -13.66
CA PRO C 16 16.71 -32.14 -13.29
C PRO C 16 17.60 -33.01 -14.16
N ILE C 17 17.94 -34.17 -13.63
CA ILE C 17 18.66 -35.18 -14.39
C ILE C 17 17.71 -35.75 -15.44
N HIS C 18 18.24 -36.51 -16.39
CA HIS C 18 17.37 -37.14 -17.37
C HIS C 18 16.43 -38.12 -16.70
N GLY C 19 15.19 -38.15 -17.16
CA GLY C 19 14.21 -39.05 -16.60
C GLY C 19 13.29 -38.41 -15.57
N VAL C 20 13.86 -37.82 -14.53
CA VAL C 20 13.06 -37.19 -13.48
C VAL C 20 12.40 -35.94 -14.03
N PRO C 21 11.08 -35.85 -13.98
CA PRO C 21 10.38 -34.69 -14.58
C PRO C 21 10.63 -33.41 -13.79
N GLU C 22 10.42 -32.29 -14.48
CA GLU C 22 10.58 -30.99 -13.87
C GLU C 22 9.41 -30.62 -12.98
N PHE C 23 8.24 -31.19 -13.22
CA PHE C 23 7.04 -30.85 -12.45
C PHE C 23 6.16 -32.09 -12.35
N ILE C 24 5.70 -32.38 -11.14
CA ILE C 24 4.78 -33.49 -10.88
C ILE C 24 3.71 -33.00 -9.93
N SER C 25 2.45 -33.38 -10.19
CA SER C 25 1.34 -33.05 -9.31
C SER C 25 0.42 -34.26 -9.23
N VAL C 26 0.15 -34.70 -8.01
CA VAL C 26 -0.69 -35.88 -7.78
C VAL C 26 -1.69 -35.54 -6.68
N GLY C 27 -2.95 -35.91 -6.91
CA GLY C 27 -4.01 -35.75 -5.94
C GLY C 27 -4.32 -37.06 -5.25
N TYR C 28 -4.82 -36.95 -4.01
CA TYR C 28 -5.09 -38.08 -3.14
C TYR C 28 -6.39 -37.87 -2.39
N VAL C 29 -7.29 -38.85 -2.47
CA VAL C 29 -8.33 -39.01 -1.47
C VAL C 29 -7.86 -40.05 -0.46
N ASP C 30 -7.74 -39.63 0.79
CA ASP C 30 -7.24 -40.49 1.88
C ASP C 30 -5.87 -40.99 1.46
N SER C 31 -5.70 -42.30 1.28
CA SER C 31 -4.46 -42.96 0.93
C SER C 31 -4.39 -43.33 -0.55
N HIS C 32 -5.36 -42.86 -1.36
CA HIS C 32 -5.56 -43.29 -2.74
C HIS C 32 -5.18 -42.21 -3.72
N PRO C 33 -4.24 -42.48 -4.64
CA PRO C 33 -4.06 -41.59 -5.78
C PRO C 33 -5.35 -41.52 -6.61
N ILE C 34 -5.74 -40.30 -6.97
CA ILE C 34 -6.93 -40.06 -7.76
C ILE C 34 -6.60 -39.37 -9.08
N THR C 35 -5.68 -38.40 -9.06
CA THR C 35 -5.30 -37.63 -10.24
C THR C 35 -3.78 -37.58 -10.33
N THR C 36 -3.30 -37.28 -11.53
CA THR C 36 -1.87 -37.16 -11.74
C THR C 36 -1.58 -36.22 -12.91
N TYR C 37 -0.41 -35.61 -12.87
CA TYR C 37 0.03 -34.68 -13.92
C TYR C 37 1.52 -34.48 -13.79
N ASP C 38 2.23 -34.54 -14.90
CA ASP C 38 3.67 -34.27 -14.92
C ASP C 38 4.01 -33.42 -16.13
N SER C 39 5.22 -32.87 -16.11
CA SER C 39 5.68 -32.00 -17.19
C SER C 39 5.99 -32.77 -18.47
N VAL C 40 5.95 -34.10 -18.44
CA VAL C 40 6.22 -34.91 -19.62
C VAL C 40 4.93 -35.07 -20.42
N THR C 41 3.93 -35.71 -19.81
CA THR C 41 2.66 -35.92 -20.50
C THR C 41 1.91 -34.61 -20.69
N ARG C 42 1.99 -33.71 -19.70
CA ARG C 42 1.29 -32.43 -19.72
C ARG C 42 -0.22 -32.61 -19.86
N GLN C 43 -0.75 -33.69 -19.29
CA GLN C 43 -2.17 -33.97 -19.23
C GLN C 43 -2.54 -34.40 -17.82
N LYS C 44 -3.73 -33.99 -17.37
CA LYS C 44 -4.28 -34.47 -16.11
C LYS C 44 -5.01 -35.78 -16.37
N GLU C 45 -4.60 -36.84 -15.67
CA GLU C 45 -5.14 -38.16 -15.92
C GLU C 45 -5.63 -38.79 -14.62
N PRO C 46 -6.65 -39.64 -14.70
CA PRO C 46 -7.13 -40.33 -13.50
C PRO C 46 -6.21 -41.46 -13.09
N ARG C 47 -6.07 -41.64 -11.77
CA ARG C 47 -5.34 -42.77 -11.21
C ARG C 47 -6.26 -43.74 -10.48
N ALA C 48 -7.57 -43.56 -10.59
CA ALA C 48 -8.55 -44.45 -10.02
C ALA C 48 -9.63 -44.68 -11.06
N PRO C 49 -10.07 -45.93 -11.26
CA PRO C 49 -11.11 -46.19 -12.26
C PRO C 49 -12.40 -45.45 -11.97
N TRP C 50 -12.77 -45.30 -10.69
CA TRP C 50 -13.99 -44.57 -10.34
C TRP C 50 -13.85 -43.07 -10.56
N MET C 51 -12.63 -42.55 -10.74
CA MET C 51 -12.47 -41.14 -11.06
C MET C 51 -12.84 -40.87 -12.53
N ALA C 52 -12.43 -41.75 -13.44
CA ALA C 52 -12.72 -41.56 -14.85
C ALA C 52 -14.17 -41.87 -15.18
N GLU C 53 -14.81 -42.75 -14.40
CA GLU C 53 -16.20 -43.11 -14.68
C GLU C 53 -17.19 -42.01 -14.32
N ASN C 54 -16.77 -41.03 -13.52
CA ASN C 54 -17.67 -39.98 -13.04
C ASN C 54 -17.29 -38.58 -13.48
N LEU C 55 -16.11 -38.38 -14.07
CA LEU C 55 -15.67 -37.06 -14.50
C LEU C 55 -15.65 -37.01 -16.03
N ALA C 56 -16.47 -36.13 -16.59
CA ALA C 56 -16.56 -35.98 -18.03
C ALA C 56 -15.24 -35.42 -18.58
N PRO C 57 -14.98 -35.64 -19.88
CA PRO C 57 -13.69 -35.18 -20.44
C PRO C 57 -13.45 -33.69 -20.35
N ASP C 58 -14.50 -32.86 -20.26
CA ASP C 58 -14.28 -31.44 -20.08
C ASP C 58 -13.66 -31.11 -18.73
N HIS C 59 -13.80 -32.00 -17.74
CA HIS C 59 -13.12 -31.80 -16.45
C HIS C 59 -11.61 -31.93 -16.60
N TRP C 60 -11.15 -33.02 -17.20
CA TRP C 60 -9.71 -33.21 -17.41
C TRP C 60 -9.17 -32.18 -18.39
N GLU C 61 -9.98 -31.78 -19.37
CA GLU C 61 -9.57 -30.77 -20.33
C GLU C 61 -9.36 -29.43 -19.66
N ARG C 62 -10.30 -29.02 -18.80
CA ARG C 62 -10.19 -27.72 -18.13
C ARG C 62 -9.01 -27.69 -17.16
N TYR C 63 -8.86 -28.74 -16.35
CA TYR C 63 -7.83 -28.77 -15.32
C TYR C 63 -6.46 -29.11 -15.86
N THR C 64 -6.37 -29.65 -17.07
CA THR C 64 -5.08 -29.74 -17.72
C THR C 64 -4.54 -28.35 -18.04
N GLN C 65 -5.43 -27.45 -18.47
CA GLN C 65 -5.01 -26.08 -18.76
C GLN C 65 -4.58 -25.36 -17.49
N LEU C 66 -5.27 -25.60 -16.37
CA LEU C 66 -4.85 -24.99 -15.11
C LEU C 66 -3.50 -25.53 -14.64
N LEU C 67 -3.30 -26.84 -14.79
CA LEU C 67 -2.04 -27.46 -14.34
C LEU C 67 -0.87 -27.09 -15.23
N ARG C 68 -1.13 -26.77 -16.50
CA ARG C 68 -0.06 -26.28 -17.36
C ARG C 68 0.38 -24.89 -16.92
N GLY C 69 -0.57 -24.04 -16.52
CA GLY C 69 -0.21 -22.78 -15.91
C GLY C 69 0.48 -22.93 -14.57
N TRP C 70 0.03 -23.89 -13.75
CA TRP C 70 0.68 -24.13 -12.48
C TRP C 70 2.07 -24.74 -12.64
N GLN C 71 2.27 -25.56 -13.66
CA GLN C 71 3.61 -26.09 -13.93
C GLN C 71 4.57 -24.97 -14.26
N GLN C 72 4.17 -24.07 -15.16
CA GLN C 72 5.05 -22.96 -15.54
C GLN C 72 5.32 -22.04 -14.37
N MET C 73 4.28 -21.68 -13.61
CA MET C 73 4.47 -20.77 -12.49
C MET C 73 5.31 -21.39 -11.39
N PHE C 74 5.22 -22.72 -11.22
CA PHE C 74 6.07 -23.40 -10.26
C PHE C 74 7.55 -23.26 -10.64
N LYS C 75 7.84 -23.31 -11.94
CA LYS C 75 9.21 -23.07 -12.40
C LYS C 75 9.62 -21.62 -12.15
N VAL C 76 8.69 -20.68 -12.31
CA VAL C 76 9.01 -19.27 -12.08
C VAL C 76 9.30 -19.02 -10.61
N GLU C 77 8.48 -19.57 -9.71
CA GLU C 77 8.71 -19.38 -8.29
C GLU C 77 10.01 -20.04 -7.85
N LEU C 78 10.35 -21.18 -8.44
CA LEU C 78 11.61 -21.83 -8.11
C LEU C 78 12.81 -21.00 -8.58
N LYS C 79 12.63 -20.22 -9.65
CA LYS C 79 13.69 -19.30 -10.07
C LYS C 79 13.85 -18.16 -9.08
N ARG C 80 12.73 -17.61 -8.57
CA ARG C 80 12.80 -16.56 -7.57
C ARG C 80 13.52 -17.06 -6.31
N LEU C 81 13.24 -18.30 -5.90
CA LEU C 81 13.88 -18.85 -4.71
C LEU C 81 15.39 -18.98 -4.92
N GLN C 82 15.81 -19.44 -6.09
CA GLN C 82 17.23 -19.69 -6.30
C GLN C 82 18.03 -18.39 -6.45
N ARG C 83 17.38 -17.31 -6.88
CA ARG C 83 18.08 -16.03 -6.95
C ARG C 83 17.89 -15.20 -5.68
N HIS C 84 17.02 -15.63 -4.75
CA HIS C 84 16.98 -15.03 -3.43
C HIS C 84 17.92 -15.73 -2.46
N TYR C 85 18.15 -17.02 -2.64
CA TYR C 85 19.18 -17.74 -1.90
C TYR C 85 20.54 -17.72 -2.59
N ASN C 86 20.61 -17.16 -3.80
CA ASN C 86 21.83 -17.18 -4.61
C ASN C 86 22.32 -18.61 -4.81
N HIS C 87 21.39 -19.50 -5.14
CA HIS C 87 21.64 -20.93 -5.24
C HIS C 87 21.89 -21.34 -6.69
N SER C 88 22.93 -22.12 -6.90
CA SER C 88 23.20 -22.76 -8.19
C SER C 88 22.88 -24.25 -8.07
N GLY C 89 22.70 -24.89 -9.22
CA GLY C 89 22.45 -26.31 -9.26
C GLY C 89 20.98 -26.65 -9.22
N SER C 90 20.72 -27.89 -8.80
CA SER C 90 19.38 -28.45 -8.79
C SER C 90 18.77 -28.34 -7.39
N HIS C 91 17.54 -27.84 -7.32
CA HIS C 91 16.85 -27.67 -6.05
C HIS C 91 15.41 -28.13 -6.21
N THR C 92 14.72 -28.23 -5.08
CA THR C 92 13.40 -28.82 -5.02
C THR C 92 12.40 -27.80 -4.47
N TYR C 93 11.20 -27.79 -5.07
CA TYR C 93 10.09 -26.99 -4.58
C TYR C 93 8.89 -27.92 -4.43
N GLN C 94 8.19 -27.79 -3.30
CA GLN C 94 7.07 -28.66 -3.01
C GLN C 94 5.90 -27.86 -2.48
N ARG C 95 4.70 -28.38 -2.75
CA ARG C 95 3.47 -27.75 -2.35
C ARG C 95 2.48 -28.81 -1.91
N MET C 96 1.70 -28.49 -0.89
CA MET C 96 0.63 -29.37 -0.42
C MET C 96 -0.55 -28.52 0.01
N ILE C 97 -1.70 -28.75 -0.61
CA ILE C 97 -2.95 -28.12 -0.22
C ILE C 97 -3.97 -29.23 0.01
N GLY C 98 -4.93 -28.97 0.88
CA GLY C 98 -5.94 -29.97 1.15
C GLY C 98 -6.81 -29.62 2.33
N CYS C 99 -7.78 -30.50 2.56
CA CYS C 99 -8.77 -30.34 3.61
C CYS C 99 -9.12 -31.70 4.20
N GLU C 100 -9.81 -31.68 5.34
CA GLU C 100 -10.27 -32.88 6.00
C GLU C 100 -11.74 -32.75 6.37
N LEU C 101 -12.43 -33.90 6.37
CA LEU C 101 -13.83 -33.98 6.78
C LEU C 101 -13.92 -34.98 7.93
N LEU C 102 -14.16 -34.47 9.13
CA LEU C 102 -14.15 -35.30 10.32
C LEU C 102 -15.51 -35.96 10.54
N GLU C 103 -15.54 -36.88 11.51
CA GLU C 103 -16.76 -37.65 11.76
C GLU C 103 -17.90 -36.77 12.24
N ASP C 104 -17.59 -35.79 13.09
CA ASP C 104 -18.61 -34.94 13.69
C ASP C 104 -19.07 -33.81 12.76
N GLY C 105 -18.58 -33.75 11.53
CA GLY C 105 -18.93 -32.71 10.61
C GLY C 105 -17.96 -31.53 10.58
N SER C 106 -17.06 -31.44 11.55
CA SER C 106 -16.06 -30.38 11.54
C SER C 106 -15.08 -30.61 10.39
N THR C 107 -14.47 -29.52 9.94
CA THR C 107 -13.55 -29.55 8.82
C THR C 107 -12.28 -28.78 9.17
N THR C 108 -11.17 -29.21 8.57
CA THR C 108 -9.90 -28.51 8.69
C THR C 108 -9.33 -28.29 7.30
N GLY C 109 -8.51 -27.24 7.17
CA GLY C 109 -7.86 -26.95 5.90
C GLY C 109 -6.40 -26.61 6.13
N PHE C 110 -5.61 -26.79 5.08
CA PHE C 110 -4.18 -26.56 5.19
C PHE C 110 -3.58 -26.28 3.82
N LEU C 111 -2.50 -25.53 3.82
CA LEU C 111 -1.72 -25.24 2.62
C LEU C 111 -0.33 -24.81 3.06
N GLN C 112 0.70 -25.48 2.55
CA GLN C 112 2.05 -25.14 2.92
C GLN C 112 3.02 -25.47 1.79
N TYR C 113 4.14 -24.77 1.78
CA TYR C 113 5.18 -24.91 0.77
C TYR C 113 6.47 -25.39 1.41
N ALA C 114 7.29 -26.08 0.63
CA ALA C 114 8.57 -26.57 1.08
C ALA C 114 9.65 -26.27 0.04
N TYR C 115 10.83 -25.87 0.51
CA TYR C 115 11.98 -25.66 -0.33
C TYR C 115 13.10 -26.59 0.11
N ASP C 116 13.58 -27.41 -0.81
CA ASP C 116 14.63 -28.40 -0.53
C ASP C 116 14.24 -29.30 0.65
N GLY C 117 12.96 -29.67 0.71
CA GLY C 117 12.50 -30.68 1.65
C GLY C 117 12.25 -30.21 3.06
N GLN C 118 12.13 -28.91 3.29
CA GLN C 118 11.87 -28.37 4.61
C GLN C 118 10.79 -27.31 4.53
N ASP C 119 10.13 -27.08 5.66
CA ASP C 119 9.04 -26.12 5.71
C ASP C 119 9.52 -24.74 5.28
N PHE C 120 8.76 -24.11 4.38
CA PHE C 120 9.08 -22.78 3.88
C PHE C 120 8.00 -21.77 4.20
N LEU C 121 6.75 -22.03 3.83
CA LEU C 121 5.63 -21.14 4.11
C LEU C 121 4.43 -21.98 4.50
N ILE C 122 3.80 -21.63 5.61
CA ILE C 122 2.60 -22.31 6.11
C ILE C 122 1.47 -21.30 6.23
N PHE C 123 0.29 -21.66 5.74
CA PHE C 123 -0.84 -20.75 5.67
C PHE C 123 -1.81 -21.00 6.82
N ASN C 124 -2.35 -19.92 7.36
CA ASN C 124 -3.37 -19.97 8.42
C ASN C 124 -4.62 -19.28 7.88
N LYS C 125 -5.57 -20.07 7.36
CA LYS C 125 -6.79 -19.50 6.81
C LYS C 125 -7.64 -18.84 7.87
N ASP C 126 -7.51 -19.24 9.13
CA ASP C 126 -8.30 -18.63 10.19
C ASP C 126 -7.89 -17.19 10.45
N THR C 127 -6.59 -16.88 10.30
CA THR C 127 -6.09 -15.53 10.50
C THR C 127 -5.64 -14.87 9.20
N LEU C 128 -5.77 -15.56 8.06
CA LEU C 128 -5.39 -15.03 6.76
C LEU C 128 -3.94 -14.53 6.76
N SER C 129 -3.06 -15.30 7.37
CA SER C 129 -1.65 -14.93 7.49
C SER C 129 -0.77 -16.09 7.04
N TRP C 130 0.49 -15.78 6.77
CA TRP C 130 1.47 -16.76 6.32
C TRP C 130 2.61 -16.85 7.33
N LEU C 131 3.08 -18.07 7.57
CA LEU C 131 4.16 -18.34 8.50
C LEU C 131 5.44 -18.57 7.70
N ALA C 132 6.42 -17.70 7.90
CA ALA C 132 7.67 -17.73 7.15
C ALA C 132 8.80 -18.24 8.03
N VAL C 133 9.63 -19.12 7.47
CA VAL C 133 10.68 -19.77 8.26
C VAL C 133 11.98 -18.98 8.25
N ASP C 134 12.24 -18.19 7.21
CA ASP C 134 13.44 -17.37 7.16
C ASP C 134 13.08 -16.04 6.50
N ASN C 135 14.10 -15.26 6.16
CA ASN C 135 13.87 -13.95 5.57
C ASN C 135 13.48 -14.02 4.10
N VAL C 136 13.82 -15.10 3.41
CA VAL C 136 13.40 -15.26 2.02
C VAL C 136 11.90 -15.52 1.96
N ALA C 137 11.42 -16.45 2.79
CA ALA C 137 9.98 -16.70 2.84
C ALA C 137 9.21 -15.48 3.32
N HIS C 138 9.82 -14.67 4.19
CA HIS C 138 9.16 -13.46 4.65
C HIS C 138 8.93 -12.48 3.52
N THR C 139 9.88 -12.40 2.58
CA THR C 139 9.71 -11.54 1.41
C THR C 139 8.49 -11.97 0.61
N ILE C 140 8.36 -13.27 0.36
CA ILE C 140 7.20 -13.78 -0.38
C ILE C 140 5.93 -13.63 0.45
N LYS C 141 6.03 -13.86 1.76
CA LYS C 141 4.87 -13.71 2.65
C LYS C 141 4.31 -12.30 2.60
N GLN C 142 5.19 -11.30 2.56
CA GLN C 142 4.72 -9.91 2.47
C GLN C 142 4.05 -9.66 1.12
N ALA C 143 4.57 -10.24 0.05
CA ALA C 143 3.99 -10.05 -1.27
C ALA C 143 2.57 -10.60 -1.32
N TRP C 144 2.35 -11.80 -0.77
CA TRP C 144 1.03 -12.41 -0.82
C TRP C 144 0.06 -11.69 0.10
N GLU C 145 0.49 -11.33 1.30
CA GLU C 145 -0.41 -10.68 2.26
C GLU C 145 -0.82 -9.29 1.80
N ALA C 146 -0.04 -8.65 0.93
CA ALA C 146 -0.48 -7.40 0.32
C ALA C 146 -1.55 -7.63 -0.74
N ASN C 147 -1.66 -8.85 -1.26
CA ASN C 147 -2.68 -9.21 -2.23
C ASN C 147 -3.83 -9.83 -1.45
N GLN C 148 -4.80 -8.99 -1.08
CA GLN C 148 -5.94 -9.48 -0.30
C GLN C 148 -6.74 -10.52 -1.06
N HIS C 149 -6.77 -10.43 -2.39
CA HIS C 149 -7.48 -11.44 -3.18
C HIS C 149 -6.85 -12.81 -3.01
N GLU C 150 -5.51 -12.86 -2.88
CA GLU C 150 -4.83 -14.14 -2.72
C GLU C 150 -5.32 -14.88 -1.47
N LEU C 151 -5.37 -14.18 -0.34
CA LEU C 151 -5.73 -14.83 0.92
C LEU C 151 -7.19 -15.26 0.92
N LEU C 152 -8.09 -14.40 0.45
CA LEU C 152 -9.51 -14.76 0.39
C LEU C 152 -9.75 -15.86 -0.65
N TYR C 153 -9.07 -15.77 -1.78
CA TYR C 153 -9.19 -16.82 -2.79
C TYR C 153 -8.79 -18.19 -2.23
N GLN C 154 -7.76 -18.21 -1.38
CA GLN C 154 -7.24 -19.46 -0.85
C GLN C 154 -8.11 -19.97 0.30
N LYS C 155 -8.50 -19.06 1.19
CA LYS C 155 -9.38 -19.43 2.28
C LYS C 155 -10.68 -20.03 1.75
N ASN C 156 -11.19 -19.47 0.65
CA ASN C 156 -12.44 -19.95 0.09
C ASN C 156 -12.31 -21.38 -0.41
N TRP C 157 -11.23 -21.69 -1.11
CA TRP C 157 -11.03 -23.03 -1.64
C TRP C 157 -10.89 -24.05 -0.52
N LEU C 158 -10.12 -23.71 0.52
CA LEU C 158 -9.89 -24.64 1.61
C LEU C 158 -11.18 -24.98 2.35
N GLU C 159 -12.01 -23.98 2.61
CA GLU C 159 -13.18 -24.17 3.46
C GLU C 159 -14.44 -24.54 2.69
N GLU C 160 -14.54 -24.16 1.41
CA GLU C 160 -15.77 -24.38 0.64
C GLU C 160 -15.57 -25.36 -0.50
N GLU C 161 -14.65 -25.08 -1.42
CA GLU C 161 -14.55 -25.89 -2.63
C GLU C 161 -13.90 -27.24 -2.34
N CYS C 162 -12.86 -27.26 -1.49
CA CYS C 162 -12.18 -28.52 -1.20
C CYS C 162 -13.10 -29.52 -0.53
N ILE C 163 -13.96 -29.04 0.38
CA ILE C 163 -14.90 -29.93 1.05
C ILE C 163 -15.93 -30.47 0.06
N ALA C 164 -16.37 -29.62 -0.87
CA ALA C 164 -17.33 -30.06 -1.88
C ALA C 164 -16.74 -31.16 -2.75
N TRP C 165 -15.48 -31.00 -3.16
CA TRP C 165 -14.83 -32.02 -3.98
C TRP C 165 -14.65 -33.33 -3.21
N LEU C 166 -14.34 -33.23 -1.91
CA LEU C 166 -14.12 -34.42 -1.11
C LEU C 166 -15.39 -35.28 -1.04
N LYS C 167 -16.55 -34.64 -0.84
CA LYS C 167 -17.79 -35.39 -0.75
C LYS C 167 -18.14 -36.04 -2.09
N ARG C 168 -17.85 -35.35 -3.20
CA ARG C 168 -18.04 -35.96 -4.51
C ARG C 168 -17.13 -37.18 -4.69
N PHE C 169 -15.85 -37.02 -4.34
CA PHE C 169 -14.91 -38.13 -4.51
C PHE C 169 -15.24 -39.27 -3.56
N LEU C 170 -15.70 -38.96 -2.35
CA LEU C 170 -16.12 -40.02 -1.42
C LEU C 170 -17.32 -40.79 -1.95
N GLU C 171 -18.17 -40.14 -2.74
CA GLU C 171 -19.32 -40.82 -3.34
C GLU C 171 -18.91 -41.59 -4.58
N TYR C 172 -17.97 -41.04 -5.37
CA TYR C 172 -17.51 -41.74 -6.56
C TYR C 172 -16.76 -43.02 -6.19
N GLY C 173 -15.97 -42.98 -5.14
CA GLY C 173 -15.23 -44.15 -4.69
C GLY C 173 -15.77 -44.72 -3.40
N LYS C 174 -17.10 -44.74 -3.27
CA LYS C 174 -17.74 -45.22 -2.04
C LYS C 174 -17.38 -46.67 -1.76
N ASP C 175 -17.40 -47.52 -2.79
CA ASP C 175 -17.14 -48.95 -2.63
C ASP C 175 -15.69 -49.24 -2.26
N THR C 176 -14.80 -48.28 -2.41
CA THR C 176 -13.39 -48.44 -2.06
C THR C 176 -12.97 -47.62 -0.85
N LEU C 177 -13.39 -46.35 -0.79
CA LEU C 177 -12.92 -45.44 0.24
C LEU C 177 -13.65 -45.62 1.56
N GLN C 178 -14.92 -46.00 1.52
CA GLN C 178 -15.71 -46.20 2.72
C GLN C 178 -15.83 -47.67 3.11
N ARG C 179 -15.19 -48.57 2.36
CA ARG C 179 -15.23 -49.99 2.69
C ARG C 179 -14.44 -50.25 3.97
N THR C 180 -14.82 -51.34 4.66
CA THR C 180 -14.13 -51.76 5.87
C THR C 180 -13.79 -53.24 5.74
N GLU C 181 -12.51 -53.57 5.87
CA GLU C 181 -12.06 -54.95 5.85
C GLU C 181 -11.34 -55.26 7.16
N PRO C 182 -11.80 -56.25 7.93
CA PRO C 182 -11.19 -56.51 9.23
C PRO C 182 -9.81 -57.12 9.06
N PRO C 183 -8.93 -56.97 10.05
CA PRO C 183 -7.60 -57.59 9.97
C PRO C 183 -7.66 -59.08 10.27
N LEU C 184 -6.72 -59.80 9.67
CA LEU C 184 -6.51 -61.22 9.95
C LEU C 184 -5.27 -61.33 10.84
N VAL C 185 -5.50 -61.61 12.12
CA VAL C 185 -4.46 -61.52 13.15
C VAL C 185 -4.07 -62.92 13.58
N ARG C 186 -2.77 -63.11 13.84
CA ARG C 186 -2.24 -64.38 14.31
C ARG C 186 -1.02 -64.11 15.17
N VAL C 187 -0.73 -65.03 16.09
CA VAL C 187 0.39 -64.89 17.01
C VAL C 187 1.35 -66.06 16.78
N ASN C 188 2.64 -65.74 16.70
CA ASN C 188 3.68 -66.72 16.45
C ASN C 188 4.56 -66.87 17.69
N ARG C 189 5.00 -68.10 17.94
CA ARG C 189 5.94 -68.38 19.02
C ARG C 189 7.27 -67.68 18.77
N THR C 197 13.11 -66.21 22.83
CA THR C 197 11.71 -66.53 22.67
C THR C 197 10.86 -65.27 22.56
N ALA C 198 10.56 -64.87 21.32
CA ALA C 198 9.78 -63.68 21.05
C ALA C 198 8.41 -64.05 20.48
N LEU C 199 7.41 -63.25 20.82
CA LEU C 199 6.04 -63.46 20.39
C LEU C 199 5.64 -62.33 19.44
N PHE C 200 5.16 -62.69 18.26
CA PHE C 200 4.80 -61.72 17.22
C PHE C 200 3.31 -61.78 16.96
N CYS C 201 2.63 -60.65 17.14
CA CYS C 201 1.21 -60.51 16.84
C CYS C 201 1.10 -59.76 15.51
N LYS C 202 0.80 -60.49 14.45
CA LYS C 202 0.84 -59.98 13.09
C LYS C 202 -0.57 -59.90 12.50
N ALA C 203 -0.89 -58.76 11.89
CA ALA C 203 -2.20 -58.54 11.28
C ALA C 203 -2.01 -58.08 9.84
N HIS C 204 -2.96 -58.47 8.98
CA HIS C 204 -2.86 -58.16 7.57
C HIS C 204 -4.26 -58.20 6.96
N GLY C 205 -4.36 -57.69 5.73
CA GLY C 205 -5.58 -57.77 4.95
C GLY C 205 -6.66 -56.79 5.33
N PHE C 206 -6.33 -55.70 6.01
CA PHE C 206 -7.35 -54.79 6.48
C PHE C 206 -7.30 -53.47 5.72
N TYR C 207 -8.43 -52.77 5.78
CA TYR C 207 -8.59 -51.47 5.24
C TYR C 207 -9.66 -50.81 6.11
N PRO C 208 -9.49 -49.54 6.53
CA PRO C 208 -8.41 -48.58 6.27
C PRO C 208 -7.10 -48.90 7.00
N PRO C 209 -6.01 -48.20 6.67
CA PRO C 209 -4.71 -48.48 7.30
C PRO C 209 -4.65 -48.19 8.80
N GLU C 210 -5.65 -47.53 9.38
CA GLU C 210 -5.57 -47.13 10.78
C GLU C 210 -5.84 -48.34 11.66
N ILE C 211 -4.82 -48.77 12.40
CA ILE C 211 -4.95 -49.91 13.28
C ILE C 211 -4.19 -49.65 14.59
N TYR C 212 -4.63 -50.34 15.63
CA TYR C 212 -4.04 -50.22 16.95
C TYR C 212 -3.80 -51.62 17.50
N MET C 213 -2.58 -51.85 17.99
CA MET C 213 -2.19 -53.16 18.51
C MET C 213 -1.37 -52.96 19.78
N THR C 214 -1.61 -53.82 20.77
CA THR C 214 -0.90 -53.76 22.04
C THR C 214 -0.67 -55.17 22.56
N TRP C 215 0.14 -55.26 23.61
CA TRP C 215 0.36 -56.49 24.36
C TRP C 215 0.05 -56.21 25.82
N MET C 216 -0.88 -56.98 26.39
CA MET C 216 -1.26 -56.84 27.78
C MET C 216 -0.91 -58.11 28.54
N LYS C 217 -0.65 -57.97 29.84
CA LYS C 217 -0.27 -59.11 30.69
C LYS C 217 -1.52 -59.74 31.31
N ASN C 218 -2.20 -59.03 32.20
CA ASN C 218 -3.47 -59.49 32.74
C ASN C 218 -4.55 -58.42 32.57
N GLY C 219 -4.33 -57.22 33.09
CA GLY C 219 -5.21 -56.10 32.87
C GLY C 219 -4.38 -54.84 32.73
N GLU C 220 -3.08 -55.03 32.52
CA GLU C 220 -2.13 -53.94 32.33
C GLU C 220 -1.12 -54.37 31.28
N GLU C 221 -0.39 -53.38 30.75
CA GLU C 221 0.52 -53.62 29.64
C GLU C 221 1.98 -53.61 30.07
N ILE C 226 7.58 -53.08 23.90
CA ILE C 226 6.85 -53.52 22.71
C ILE C 226 7.50 -52.98 21.45
N ASP C 227 7.92 -53.87 20.56
CA ASP C 227 8.50 -53.49 19.28
C ASP C 227 7.39 -53.45 18.24
N TYR C 228 7.19 -52.29 17.63
CA TYR C 228 6.10 -52.08 16.70
C TYR C 228 6.61 -52.11 15.26
N GLY C 229 5.82 -52.73 14.38
CA GLY C 229 6.09 -52.74 12.96
C GLY C 229 5.23 -51.70 12.25
N ASP C 230 5.79 -51.12 11.19
CA ASP C 230 5.08 -50.08 10.46
C ASP C 230 3.85 -50.63 9.76
N ILE C 231 2.85 -49.77 9.60
CA ILE C 231 1.66 -50.10 8.83
C ILE C 231 2.04 -50.03 7.35
N LEU C 232 2.17 -51.18 6.70
CA LEU C 232 2.68 -51.23 5.34
C LEU C 232 1.60 -51.70 4.37
N PRO C 233 1.53 -51.12 3.18
CA PRO C 233 0.59 -51.60 2.16
C PRO C 233 1.04 -52.92 1.57
N SER C 234 0.09 -53.85 1.43
CA SER C 234 0.38 -55.17 0.90
C SER C 234 0.31 -55.22 -0.63
N GLY C 235 -0.26 -54.21 -1.28
CA GLY C 235 -0.34 -54.15 -2.71
C GLY C 235 -1.70 -54.46 -3.30
N ASP C 236 -2.58 -55.10 -2.52
CA ASP C 236 -3.92 -55.43 -2.99
C ASP C 236 -4.97 -54.45 -2.47
N GLY C 237 -4.56 -53.27 -2.03
CA GLY C 237 -5.46 -52.32 -1.42
C GLY C 237 -5.62 -52.46 0.07
N THR C 238 -5.06 -53.50 0.67
CA THR C 238 -5.09 -53.71 2.10
C THR C 238 -3.70 -53.48 2.69
N TYR C 239 -3.64 -53.45 4.01
CA TYR C 239 -2.43 -53.08 4.73
C TYR C 239 -2.10 -54.15 5.77
N GLN C 240 -0.93 -54.02 6.39
CA GLN C 240 -0.47 -55.00 7.36
C GLN C 240 0.43 -54.32 8.38
N ALA C 241 0.57 -54.97 9.54
CA ALA C 241 1.41 -54.49 10.62
C ALA C 241 1.64 -55.64 11.59
N TRP C 242 2.47 -55.38 12.61
CA TRP C 242 2.77 -56.40 13.61
C TRP C 242 3.30 -55.72 14.87
N ALA C 243 3.34 -56.48 15.96
CA ALA C 243 3.87 -56.01 17.23
C ALA C 243 4.49 -57.18 17.98
N SER C 244 5.75 -57.06 18.35
CA SER C 244 6.48 -58.11 19.04
C SER C 244 6.62 -57.79 20.53
N ILE C 245 7.08 -58.78 21.29
CA ILE C 245 7.17 -58.66 22.74
C ILE C 245 8.20 -59.65 23.25
N GLU C 246 9.01 -59.20 24.20
CA GLU C 246 10.01 -60.01 24.93
C GLU C 246 10.63 -61.14 24.13
N SER C 252 5.73 -66.64 33.07
CA SER C 252 5.40 -65.82 34.22
C SER C 252 3.96 -65.30 34.15
N ASN C 253 3.73 -64.31 33.30
CA ASN C 253 2.43 -63.66 33.17
C ASN C 253 1.63 -64.26 32.03
N LEU C 254 0.38 -63.82 31.92
CA LEU C 254 -0.59 -64.40 30.99
C LEU C 254 -0.77 -63.50 29.77
N TYR C 255 0.32 -63.31 29.04
CA TYR C 255 0.37 -62.31 27.97
C TYR C 255 -0.63 -62.61 26.87
N SER C 256 -1.26 -61.55 26.36
CA SER C 256 -2.25 -61.66 25.28
C SER C 256 -2.14 -60.43 24.39
N CYS C 257 -2.56 -60.58 23.14
CA CYS C 257 -2.50 -59.51 22.15
C CYS C 257 -3.88 -58.89 21.94
N HIS C 258 -3.90 -57.57 21.81
CA HIS C 258 -5.13 -56.81 21.60
C HIS C 258 -5.01 -56.02 20.30
N VAL C 259 -6.04 -56.09 19.47
CA VAL C 259 -6.09 -55.41 18.18
C VAL C 259 -7.41 -54.67 18.07
N GLU C 260 -7.35 -53.36 17.87
CA GLU C 260 -8.53 -52.54 17.62
C GLU C 260 -8.44 -51.95 16.22
N HIS C 261 -9.46 -52.19 15.41
CA HIS C 261 -9.51 -51.71 14.03
C HIS C 261 -10.92 -51.26 13.72
N SER C 262 -11.08 -49.96 13.43
CA SER C 262 -12.37 -49.38 13.08
C SER C 262 -13.39 -49.61 14.20
N GLY C 263 -12.95 -49.47 15.44
CA GLY C 263 -13.83 -49.63 16.59
C GLY C 263 -14.19 -51.05 16.93
N VAL C 264 -13.54 -52.04 16.33
CA VAL C 264 -13.78 -53.45 16.61
C VAL C 264 -12.58 -54.00 17.37
N HIS C 265 -12.81 -54.42 18.61
CA HIS C 265 -11.75 -54.93 19.47
C HIS C 265 -11.63 -56.43 19.32
N MET C 266 -10.39 -56.92 19.36
CA MET C 266 -10.10 -58.33 19.17
C MET C 266 -8.97 -58.73 20.11
N VAL C 267 -9.13 -59.86 20.79
CA VAL C 267 -8.18 -60.32 21.80
C VAL C 267 -7.67 -61.70 21.39
N LEU C 268 -6.36 -61.79 21.14
CA LEU C 268 -5.71 -63.05 20.82
C LEU C 268 -4.79 -63.48 21.95
N GLN C 269 -4.44 -64.76 21.96
CA GLN C 269 -3.47 -65.28 22.91
C GLN C 269 -2.46 -66.15 22.17
N VAL C 270 -1.39 -66.48 22.88
CA VAL C 270 -0.25 -67.20 22.32
C VAL C 270 -0.60 -68.69 22.23
N PRO C 271 0.03 -69.44 21.31
CA PRO C 271 -0.20 -70.88 21.21
C PRO C 271 0.64 -71.68 22.20
N MET D 1 19.32 -27.48 2.56
CA MET D 1 19.24 -28.63 1.68
C MET D 1 19.27 -29.94 2.45
N ILE D 2 18.10 -30.50 2.65
CA ILE D 2 17.97 -31.70 3.46
C ILE D 2 18.19 -32.92 2.59
N GLN D 3 18.79 -33.94 3.20
CA GLN D 3 18.96 -35.25 2.61
C GLN D 3 18.60 -36.30 3.65
N ARG D 4 17.65 -37.17 3.32
CA ARG D 4 17.23 -38.20 4.23
C ARG D 4 17.39 -39.56 3.58
N THR D 5 18.03 -40.43 4.28
CA THR D 5 18.30 -41.73 3.72
C THR D 5 17.03 -42.55 3.68
N PRO D 6 16.82 -43.33 2.62
CA PRO D 6 15.57 -44.08 2.49
C PRO D 6 15.51 -45.22 3.49
N LYS D 7 14.31 -45.45 4.01
CA LYS D 7 14.03 -46.61 4.85
C LYS D 7 13.53 -47.75 3.96
N ILE D 8 14.19 -48.90 4.06
CA ILE D 8 13.94 -50.04 3.17
C ILE D 8 13.35 -51.18 3.99
N GLN D 9 12.20 -51.66 3.56
CA GLN D 9 11.50 -52.77 4.22
C GLN D 9 11.04 -53.76 3.16
N VAL D 10 11.40 -55.02 3.34
CA VAL D 10 11.07 -56.09 2.40
C VAL D 10 10.11 -57.05 3.09
N TYR D 11 8.99 -57.33 2.44
CA TYR D 11 7.97 -58.19 3.01
C TYR D 11 7.14 -58.78 1.88
N SER D 12 6.15 -59.59 2.26
CA SER D 12 5.28 -60.28 1.30
C SER D 12 3.84 -59.82 1.47
N ARG D 13 3.09 -59.86 0.37
CA ARG D 13 1.69 -59.49 0.40
C ARG D 13 0.90 -60.43 1.30
N HIS D 14 1.07 -61.73 1.11
CA HIS D 14 0.44 -62.77 1.91
C HIS D 14 1.49 -63.51 2.72
N PRO D 15 1.09 -64.17 3.80
CA PRO D 15 2.06 -64.96 4.57
C PRO D 15 2.77 -65.98 3.70
N ALA D 16 4.09 -66.03 3.81
CA ALA D 16 4.93 -66.81 2.91
C ALA D 16 4.74 -68.30 3.18
N GLU D 17 4.16 -69.01 2.21
CA GLU D 17 4.02 -70.45 2.26
C GLU D 17 4.77 -71.05 1.08
N ASN D 18 5.70 -71.96 1.37
CA ASN D 18 6.52 -72.58 0.33
C ASN D 18 5.66 -73.36 -0.65
N GLY D 19 5.58 -72.90 -1.90
CA GLY D 19 4.87 -73.60 -2.96
C GLY D 19 3.76 -72.78 -3.59
N LYS D 20 3.18 -71.86 -2.84
CA LYS D 20 2.08 -71.03 -3.32
C LYS D 20 2.59 -69.70 -3.81
N SER D 21 2.00 -69.21 -4.90
CA SER D 21 2.41 -67.93 -5.47
C SER D 21 2.08 -66.79 -4.51
N ASN D 22 2.80 -65.68 -4.67
CA ASN D 22 2.69 -64.55 -3.76
C ASN D 22 3.21 -63.32 -4.47
N PHE D 23 3.30 -62.21 -3.73
CA PHE D 23 3.89 -60.97 -4.21
C PHE D 23 4.92 -60.50 -3.20
N LEU D 24 6.13 -60.18 -3.69
CA LEU D 24 7.21 -59.69 -2.84
C LEU D 24 7.25 -58.17 -2.93
N ASN D 25 7.06 -57.51 -1.79
CA ASN D 25 6.99 -56.07 -1.71
C ASN D 25 8.28 -55.50 -1.13
N CYS D 26 8.75 -54.40 -1.72
CA CYS D 26 9.81 -53.58 -1.14
C CYS D 26 9.29 -52.16 -1.02
N TYR D 27 9.12 -51.69 0.22
CA TYR D 27 8.54 -50.38 0.52
C TYR D 27 9.67 -49.47 0.96
N VAL D 28 10.13 -48.61 0.05
CA VAL D 28 11.15 -47.61 0.35
C VAL D 28 10.45 -46.29 0.59
N SER D 29 10.83 -45.60 1.66
CA SER D 29 10.05 -44.47 2.15
C SER D 29 10.94 -43.55 2.98
N GLY D 30 10.45 -42.34 3.17
CA GLY D 30 11.11 -41.38 4.04
C GLY D 30 12.39 -40.82 3.48
N PHE D 31 12.55 -40.83 2.15
CA PHE D 31 13.77 -40.32 1.55
C PHE D 31 13.50 -38.99 0.89
N HIS D 32 14.55 -38.23 0.76
CA HIS D 32 14.53 -36.95 0.09
C HIS D 32 15.97 -36.62 -0.28
N PRO D 33 16.26 -36.22 -1.53
CA PRO D 33 15.41 -35.95 -2.71
C PRO D 33 14.71 -37.16 -3.35
N SER D 34 14.04 -36.93 -4.49
CA SER D 34 13.18 -37.96 -5.08
C SER D 34 13.92 -38.96 -5.94
N ASP D 35 15.10 -38.61 -6.44
CA ASP D 35 15.85 -39.53 -7.30
C ASP D 35 16.33 -40.73 -6.50
N ILE D 36 15.96 -41.92 -6.93
CA ILE D 36 16.30 -43.15 -6.21
C ILE D 36 16.27 -44.31 -7.19
N GLU D 37 16.99 -45.38 -6.86
CA GLU D 37 17.09 -46.58 -7.69
C GLU D 37 16.73 -47.78 -6.82
N VAL D 38 15.69 -48.51 -7.22
CA VAL D 38 15.19 -49.65 -6.44
C VAL D 38 15.18 -50.87 -7.34
N ASP D 39 15.69 -51.99 -6.81
CA ASP D 39 15.72 -53.25 -7.53
C ASP D 39 15.36 -54.39 -6.60
N LEU D 40 14.73 -55.42 -7.16
CA LEU D 40 14.44 -56.66 -6.45
C LEU D 40 15.46 -57.72 -6.86
N LEU D 41 15.86 -58.55 -5.90
CA LEU D 41 16.91 -59.53 -6.12
C LEU D 41 16.40 -60.93 -5.80
N LYS D 42 16.74 -61.88 -6.67
CA LYS D 42 16.50 -63.31 -6.45
C LYS D 42 17.84 -64.00 -6.50
N ASN D 43 18.37 -64.36 -5.33
CA ASN D 43 19.71 -64.96 -5.21
C ASN D 43 20.78 -64.03 -5.77
N GLY D 44 20.67 -62.74 -5.44
CA GLY D 44 21.63 -61.75 -5.89
C GLY D 44 21.46 -61.29 -7.32
N GLU D 45 20.48 -61.82 -8.05
CA GLU D 45 20.25 -61.46 -9.43
C GLU D 45 19.02 -60.56 -9.55
N ARG D 46 19.11 -59.54 -10.39
CA ARG D 46 18.02 -58.58 -10.54
C ARG D 46 16.81 -59.23 -11.19
N ILE D 47 15.63 -58.95 -10.65
CA ILE D 47 14.38 -59.43 -11.21
C ILE D 47 13.89 -58.43 -12.24
N GLU D 48 13.48 -58.92 -13.41
CA GLU D 48 13.07 -58.04 -14.50
C GLU D 48 11.58 -57.74 -14.47
N LYS D 49 10.74 -58.76 -14.29
CA LYS D 49 9.29 -58.57 -14.25
C LYS D 49 8.89 -57.87 -12.96
N VAL D 50 8.84 -56.54 -12.98
CA VAL D 50 8.59 -55.74 -11.80
C VAL D 50 7.61 -54.63 -12.14
N GLU D 51 6.69 -54.34 -11.23
CA GLU D 51 5.83 -53.18 -11.29
C GLU D 51 6.02 -52.36 -10.03
N HIS D 52 5.70 -51.07 -10.11
CA HIS D 52 5.86 -50.18 -8.97
C HIS D 52 4.88 -49.03 -9.08
N SER D 53 4.37 -48.60 -7.93
CA SER D 53 3.50 -47.44 -7.88
C SER D 53 4.28 -46.18 -8.25
N ASP D 54 3.54 -45.15 -8.65
CA ASP D 54 4.17 -43.88 -8.97
C ASP D 54 4.78 -43.26 -7.71
N LEU D 55 5.68 -42.31 -7.93
CA LEU D 55 6.29 -41.58 -6.82
C LEU D 55 5.21 -40.93 -5.97
N SER D 56 5.25 -41.20 -4.67
CA SER D 56 4.22 -40.75 -3.75
C SER D 56 4.80 -39.74 -2.77
N PHE D 57 3.95 -38.83 -2.32
CA PHE D 57 4.35 -37.74 -1.45
C PHE D 57 3.71 -37.92 -0.07
N SER D 58 4.50 -37.67 0.97
CA SER D 58 4.03 -37.73 2.34
C SER D 58 3.93 -36.32 2.93
N LYS D 59 3.30 -36.24 4.10
CA LYS D 59 3.03 -34.94 4.71
C LYS D 59 4.30 -34.19 5.08
N ASP D 60 5.35 -34.90 5.49
CA ASP D 60 6.60 -34.28 5.91
C ASP D 60 7.56 -34.03 4.75
N TRP D 61 7.04 -33.91 3.53
CA TRP D 61 7.78 -33.66 2.30
C TRP D 61 8.77 -34.74 1.92
N SER D 62 8.65 -35.94 2.50
CA SER D 62 9.45 -37.06 2.04
C SER D 62 8.65 -37.85 1.01
N PHE D 63 9.29 -38.87 0.44
CA PHE D 63 8.69 -39.66 -0.62
C PHE D 63 8.67 -41.13 -0.22
N TYR D 64 7.72 -41.87 -0.79
CA TYR D 64 7.66 -43.30 -0.59
C TYR D 64 7.25 -44.00 -1.87
N LEU D 65 7.83 -45.18 -2.08
CA LEU D 65 7.58 -46.00 -3.26
C LEU D 65 7.27 -47.43 -2.84
N LEU D 66 6.54 -48.14 -3.69
CA LEU D 66 6.24 -49.55 -3.48
C LEU D 66 6.60 -50.33 -4.74
N TYR D 67 7.70 -51.07 -4.68
CA TYR D 67 8.08 -52.00 -5.73
C TYR D 67 7.61 -53.40 -5.35
N TYR D 68 7.15 -54.16 -6.34
CA TYR D 68 6.61 -55.48 -6.07
C TYR D 68 6.75 -56.36 -7.31
N THR D 69 6.96 -57.65 -7.07
CA THR D 69 7.00 -58.65 -8.13
C THR D 69 6.26 -59.89 -7.68
N GLU D 70 5.77 -60.65 -8.65
CA GLU D 70 5.05 -61.88 -8.39
C GLU D 70 6.04 -63.03 -8.32
N PHE D 71 6.04 -63.77 -7.21
CA PHE D 71 7.00 -64.84 -7.01
C PHE D 71 6.35 -65.99 -6.25
N THR D 72 6.96 -67.17 -6.35
CA THR D 72 6.55 -68.35 -5.60
C THR D 72 7.72 -68.80 -4.74
N PRO D 73 7.68 -68.54 -3.43
CA PRO D 73 8.86 -68.79 -2.60
C PRO D 73 9.11 -70.27 -2.37
N THR D 74 10.38 -70.65 -2.47
CA THR D 74 10.85 -71.97 -2.10
C THR D 74 11.99 -71.82 -1.10
N GLU D 75 12.43 -72.94 -0.52
CA GLU D 75 13.47 -72.88 0.49
C GLU D 75 14.85 -72.63 -0.11
N LYS D 76 15.02 -72.81 -1.42
CA LYS D 76 16.32 -72.60 -2.04
C LYS D 76 16.55 -71.13 -2.34
N ASP D 77 15.56 -70.44 -2.89
CA ASP D 77 15.72 -69.06 -3.33
C ASP D 77 15.82 -68.10 -2.16
N GLU D 78 16.61 -67.05 -2.34
CA GLU D 78 16.71 -65.96 -1.39
C GLU D 78 16.38 -64.65 -2.11
N TYR D 79 15.63 -63.77 -1.43
CA TYR D 79 15.13 -62.55 -2.03
C TYR D 79 15.57 -61.34 -1.22
N ALA D 80 15.87 -60.25 -1.93
CA ALA D 80 16.34 -59.03 -1.29
C ALA D 80 15.94 -57.83 -2.13
N CYS D 81 16.14 -56.64 -1.56
CA CYS D 81 15.85 -55.38 -2.23
C CYS D 81 17.09 -54.51 -2.24
N ARG D 82 17.47 -54.03 -3.41
CA ARG D 82 18.68 -53.23 -3.60
C ARG D 82 18.28 -51.79 -3.89
N VAL D 83 18.73 -50.87 -3.04
CA VAL D 83 18.35 -49.47 -3.14
C VAL D 83 19.63 -48.62 -3.15
N ASN D 84 19.68 -47.65 -4.05
CA ASN D 84 20.77 -46.68 -4.10
C ASN D 84 20.19 -45.28 -4.08
N HIS D 85 20.83 -44.38 -3.34
CA HIS D 85 20.33 -43.04 -3.13
C HIS D 85 21.53 -42.12 -2.95
N VAL D 86 21.28 -40.81 -2.97
CA VAL D 86 22.36 -39.86 -2.83
C VAL D 86 22.97 -39.92 -1.43
N THR D 87 22.23 -40.48 -0.47
CA THR D 87 22.68 -40.58 0.90
C THR D 87 23.49 -41.83 1.19
N LEU D 88 23.60 -42.74 0.22
CA LEU D 88 24.28 -44.01 0.40
C LEU D 88 25.53 -44.04 -0.47
N SER D 89 26.68 -44.35 0.15
CA SER D 89 27.92 -44.45 -0.59
C SER D 89 27.86 -45.56 -1.63
N GLN D 90 27.47 -46.75 -1.20
CA GLN D 90 27.23 -47.90 -2.05
C GLN D 90 25.79 -48.38 -1.87
N PRO D 91 25.22 -49.09 -2.84
CA PRO D 91 23.84 -49.54 -2.71
C PRO D 91 23.63 -50.39 -1.45
N LYS D 92 22.50 -50.18 -0.81
CA LYS D 92 22.13 -50.93 0.39
C LYS D 92 21.21 -52.08 -0.01
N ILE D 93 21.53 -53.27 0.48
CA ILE D 93 20.77 -54.48 0.18
C ILE D 93 20.11 -54.96 1.45
N VAL D 94 18.79 -55.00 1.46
CA VAL D 94 18.00 -55.50 2.59
C VAL D 94 17.41 -56.83 2.18
N LYS D 95 17.77 -57.89 2.91
CA LYS D 95 17.29 -59.23 2.59
C LYS D 95 15.90 -59.45 3.16
N TRP D 96 15.11 -60.26 2.44
CA TRP D 96 13.76 -60.59 2.89
C TRP D 96 13.86 -61.68 3.95
N ASP D 97 13.96 -61.24 5.20
CA ASP D 97 13.89 -62.18 6.32
C ASP D 97 12.51 -62.83 6.34
N ARG D 98 12.47 -64.16 6.21
CA ARG D 98 11.21 -64.86 6.21
C ARG D 98 10.46 -64.61 7.52
N ASP D 99 9.13 -64.63 7.41
CA ASP D 99 8.23 -64.20 8.48
C ASP D 99 8.64 -64.78 9.83
N MET D 100 8.93 -63.90 10.78
CA MET D 100 9.34 -64.31 12.12
C MET D 100 8.13 -64.52 13.02
N GLU E 4 8.81 20.42 27.35
CA GLU E 4 8.13 19.95 28.54
C GLU E 4 8.80 18.71 29.11
N VAL E 5 8.01 17.80 29.68
CA VAL E 5 8.52 16.55 30.23
C VAL E 5 7.51 15.44 29.94
N GLU E 6 8.03 14.27 29.58
CA GLU E 6 7.23 13.06 29.40
C GLU E 6 7.66 12.04 30.43
N GLN E 7 6.68 11.43 31.09
CA GLN E 7 6.94 10.50 32.19
C GLN E 7 6.35 9.14 31.85
N ASN E 8 7.22 8.13 31.78
CA ASN E 8 6.83 6.73 31.66
C ASN E 8 7.29 5.98 32.90
N SER E 9 6.93 4.70 32.98
CA SER E 9 7.38 3.87 34.08
C SER E 9 8.69 3.18 33.69
N GLY E 10 9.07 2.15 34.43
CA GLY E 10 10.33 1.47 34.19
C GLY E 10 10.15 0.07 33.63
N PRO E 11 10.31 -0.94 34.50
CA PRO E 11 10.19 -2.34 34.03
C PRO E 11 8.80 -2.91 34.26
N LEU E 12 8.26 -3.60 33.26
CA LEU E 12 6.90 -4.15 33.34
C LEU E 12 6.87 -5.58 32.84
N SER E 13 6.11 -6.42 33.55
CA SER E 13 5.96 -7.83 33.23
C SER E 13 4.48 -8.12 32.97
N VAL E 14 4.20 -8.84 31.88
CA VAL E 14 2.82 -9.12 31.48
C VAL E 14 2.70 -10.58 31.05
N PRO E 15 1.70 -11.32 31.56
CA PRO E 15 1.52 -12.71 31.13
C PRO E 15 1.16 -12.79 29.65
N GLU E 16 1.60 -13.87 29.01
CA GLU E 16 1.32 -14.07 27.59
C GLU E 16 -0.19 -14.20 27.37
N GLY E 17 -0.66 -13.63 26.26
CA GLY E 17 -2.07 -13.62 25.95
C GLY E 17 -2.86 -12.54 26.65
N ALA E 18 -2.39 -12.02 27.77
CA ALA E 18 -3.07 -10.97 28.49
C ALA E 18 -2.83 -9.62 27.83
N ILE E 19 -3.61 -8.62 28.24
CA ILE E 19 -3.51 -7.27 27.71
C ILE E 19 -2.45 -6.51 28.49
N ALA E 20 -1.49 -5.94 27.78
CA ALA E 20 -0.45 -5.11 28.37
C ALA E 20 -0.80 -3.64 28.15
N SER E 21 -0.69 -2.84 29.22
CA SER E 21 -1.08 -1.44 29.20
C SER E 21 0.11 -0.57 29.62
N LEU E 22 0.63 0.21 28.68
CA LEU E 22 1.71 1.15 28.95
C LEU E 22 1.13 2.56 29.00
N ASN E 23 1.32 3.25 30.12
CA ASN E 23 0.75 4.56 30.33
C ASN E 23 1.84 5.63 30.29
N CYS E 24 1.46 6.82 29.86
CA CYS E 24 2.39 7.92 29.67
C CYS E 24 1.69 9.23 29.97
N THR E 25 2.38 10.12 30.69
CA THR E 25 1.84 11.41 31.05
C THR E 25 2.79 12.52 30.62
N TYR E 26 2.23 13.70 30.36
CA TYR E 26 2.98 14.84 29.87
C TYR E 26 2.51 16.10 30.57
N SER E 27 3.38 17.10 30.62
CA SER E 27 3.09 18.32 31.36
C SER E 27 2.52 19.43 30.50
N ASP E 28 2.95 19.54 29.25
CA ASP E 28 2.52 20.63 28.38
C ASP E 28 1.09 20.40 27.92
N ARG E 29 0.18 21.29 28.35
CA ARG E 29 -1.23 21.14 27.96
C ARG E 29 -1.43 21.45 26.48
N GLY E 30 -0.57 22.28 25.88
CA GLY E 30 -0.69 22.66 24.50
C GLY E 30 -0.19 21.65 23.49
N SER E 31 0.20 20.47 23.93
CA SER E 31 0.68 19.44 23.01
C SER E 31 -0.47 18.89 22.18
N GLN E 32 -0.16 18.47 20.96
CA GLN E 32 -1.18 18.12 19.98
C GLN E 32 -1.12 16.65 19.55
N SER E 33 0.03 16.15 19.15
CA SER E 33 0.15 14.78 18.67
C SER E 33 0.97 13.94 19.64
N PHE E 34 0.64 12.65 19.67
CA PHE E 34 1.24 11.72 20.62
C PHE E 34 1.60 10.44 19.88
N PHE E 35 2.84 9.99 20.07
CA PHE E 35 3.41 8.91 19.28
C PHE E 35 3.92 7.81 20.20
N TRP E 36 3.78 6.56 19.75
CA TRP E 36 4.33 5.41 20.44
C TRP E 36 5.37 4.76 19.54
N TYR E 37 6.56 4.56 20.10
CA TYR E 37 7.66 3.91 19.39
C TYR E 37 8.01 2.60 20.09
N ARG E 38 8.36 1.59 19.31
CA ARG E 38 8.83 0.32 19.82
C ARG E 38 10.30 0.15 19.44
N GLN E 39 11.10 -0.35 20.37
CA GLN E 39 12.53 -0.49 20.14
C GLN E 39 13.02 -1.77 20.80
N TYR E 40 13.40 -2.74 19.98
CA TYR E 40 14.07 -3.92 20.48
C TYR E 40 15.50 -3.56 20.89
N SER E 41 16.17 -4.49 21.58
CA SER E 41 17.39 -4.15 22.30
C SER E 41 18.46 -3.56 21.38
N GLY E 42 18.79 -4.27 20.30
CA GLY E 42 19.84 -3.82 19.42
C GLY E 42 19.42 -2.97 18.24
N LYS E 43 18.13 -2.62 18.14
CA LYS E 43 17.59 -1.91 16.99
C LYS E 43 17.25 -0.47 17.39
N SER E 44 16.82 0.30 16.38
CA SER E 44 16.41 1.69 16.51
C SER E 44 14.94 1.77 16.86
N PRO E 45 14.47 2.93 17.33
CA PRO E 45 13.03 3.09 17.56
C PRO E 45 12.24 2.94 16.27
N GLU E 46 11.09 2.28 16.37
CA GLU E 46 10.17 2.11 15.26
C GLU E 46 8.81 2.63 15.66
N LEU E 47 8.26 3.56 14.87
CA LEU E 47 6.94 4.07 15.14
C LEU E 47 5.89 2.99 14.86
N ILE E 48 5.02 2.74 15.82
CA ILE E 48 3.99 1.72 15.70
C ILE E 48 2.61 2.34 15.46
N MET E 49 2.32 3.49 16.06
CA MET E 49 1.10 4.23 15.79
C MET E 49 1.17 5.59 16.47
N PHE E 50 0.15 6.41 16.20
CA PHE E 50 0.05 7.75 16.74
C PHE E 50 -1.42 8.09 16.95
N ILE E 51 -1.67 9.15 17.71
CA ILE E 51 -3.04 9.57 17.99
C ILE E 51 -3.07 11.08 18.16
N TYR E 52 -4.14 11.71 17.69
CA TYR E 52 -4.31 13.16 17.69
C TYR E 52 -5.44 13.65 18.58
N SER E 53 -6.56 12.94 18.59
CA SER E 53 -7.76 13.40 19.28
C SER E 53 -8.13 12.45 20.41
N ASN E 54 -8.99 12.94 21.30
CA ASN E 54 -9.41 12.15 22.46
C ASN E 54 -10.15 10.90 22.01
N GLY E 55 -10.02 9.85 22.82
CA GLY E 55 -10.67 8.59 22.51
C GLY E 55 -9.70 7.46 22.27
N ASP E 56 -10.16 6.38 21.64
CA ASP E 56 -9.35 5.22 21.35
C ASP E 56 -9.05 5.15 19.86
N LYS E 57 -7.94 4.49 19.53
CA LYS E 57 -7.53 4.27 18.14
C LYS E 57 -6.92 2.89 18.05
N GLU E 58 -7.55 2.01 17.28
CA GLU E 58 -7.12 0.62 17.17
C GLU E 58 -6.40 0.38 15.85
N ASP E 59 -5.31 -0.38 15.92
CA ASP E 59 -4.56 -0.83 14.75
C ASP E 59 -4.06 -2.24 15.05
N GLY E 60 -4.79 -3.23 14.56
CA GLY E 60 -4.43 -4.61 14.87
C GLY E 60 -4.63 -4.89 16.34
N ARG E 61 -3.60 -5.40 16.99
CA ARG E 61 -3.64 -5.67 18.42
C ARG E 61 -3.31 -4.46 19.26
N PHE E 62 -2.98 -3.33 18.65
CA PHE E 62 -2.61 -2.12 19.37
C PHE E 62 -3.83 -1.22 19.54
N THR E 63 -3.85 -0.50 20.66
CA THR E 63 -4.92 0.44 20.97
C THR E 63 -4.31 1.65 21.67
N ALA E 64 -4.42 2.82 21.05
CA ALA E 64 -3.89 4.06 21.60
C ALA E 64 -5.01 4.87 22.20
N GLN E 65 -4.84 5.28 23.45
CA GLN E 65 -5.85 6.03 24.20
C GLN E 65 -5.28 7.39 24.59
N LEU E 66 -6.01 8.45 24.24
CA LEU E 66 -5.62 9.82 24.57
C LEU E 66 -6.71 10.49 25.38
N ASN E 67 -6.34 11.06 26.52
CA ASN E 67 -7.23 11.87 27.35
C ASN E 67 -6.53 13.20 27.57
N LYS E 68 -6.77 14.14 26.66
CA LYS E 68 -6.09 15.43 26.72
C LYS E 68 -6.47 16.22 27.97
N ALA E 69 -7.66 15.97 28.53
CA ALA E 69 -8.06 16.67 29.75
C ALA E 69 -7.18 16.26 30.93
N SER E 70 -7.03 14.96 31.15
CA SER E 70 -6.16 14.45 32.20
C SER E 70 -4.71 14.34 31.75
N GLN E 71 -4.43 14.52 30.46
CA GLN E 71 -3.07 14.58 29.93
C GLN E 71 -2.31 13.27 30.16
N TYR E 72 -2.92 12.16 29.74
CA TYR E 72 -2.23 10.88 29.73
C TYR E 72 -2.53 10.15 28.42
N VAL E 73 -1.52 9.45 27.91
CA VAL E 73 -1.64 8.66 26.69
C VAL E 73 -1.28 7.22 27.04
N SER E 74 -2.09 6.27 26.57
CA SER E 74 -1.90 4.86 26.86
C SER E 74 -1.81 4.06 25.58
N LEU E 75 -1.12 2.92 25.67
CA LEU E 75 -0.99 1.99 24.56
C LEU E 75 -1.34 0.60 25.05
N LEU E 76 -2.37 0.01 24.46
CA LEU E 76 -2.86 -1.31 24.87
C LEU E 76 -2.45 -2.35 23.85
N ILE E 77 -1.78 -3.40 24.31
CA ILE E 77 -1.39 -4.51 23.46
C ILE E 77 -2.21 -5.73 23.82
N ARG E 78 -3.35 -5.91 23.15
CA ARG E 78 -4.21 -7.05 23.45
C ARG E 78 -3.60 -8.33 22.91
N ASP E 79 -3.82 -9.42 23.65
CA ASP E 79 -3.28 -10.74 23.30
C ASP E 79 -1.78 -10.66 23.07
N SER E 80 -1.08 -10.04 24.02
CA SER E 80 0.35 -9.82 23.88
C SER E 80 1.11 -11.14 23.95
N GLN E 81 2.18 -11.22 23.17
CA GLN E 81 3.02 -12.40 23.05
C GLN E 81 4.47 -12.01 23.27
N PRO E 82 5.36 -12.98 23.49
CA PRO E 82 6.77 -12.64 23.74
C PRO E 82 7.41 -11.83 22.62
N SER E 83 6.86 -11.85 21.41
CA SER E 83 7.39 -11.02 20.33
C SER E 83 7.29 -9.53 20.67
N ASP E 84 6.33 -9.15 21.50
CA ASP E 84 6.14 -7.76 21.89
C ASP E 84 7.05 -7.32 23.01
N SER E 85 7.93 -8.19 23.50
CA SER E 85 8.86 -7.81 24.56
C SER E 85 9.90 -6.84 24.00
N ALA E 86 9.82 -5.58 24.41
CA ALA E 86 10.71 -4.53 23.94
C ALA E 86 10.53 -3.33 24.85
N THR E 87 11.26 -2.26 24.53
CA THR E 87 11.10 -0.98 25.21
C THR E 87 10.22 -0.07 24.36
N TYR E 88 9.17 0.46 24.98
CA TYR E 88 8.18 1.27 24.28
C TYR E 88 8.32 2.73 24.69
N LEU E 89 8.60 3.58 23.70
CA LEU E 89 8.89 4.99 23.92
C LEU E 89 7.65 5.84 23.66
N CYS E 90 7.34 6.72 24.60
CA CYS E 90 6.25 7.67 24.46
C CYS E 90 6.82 9.01 24.00
N ALA E 91 6.34 9.49 22.86
CA ALA E 91 6.77 10.76 22.30
C ALA E 91 5.59 11.71 22.17
N VAL E 92 5.83 12.97 22.52
CA VAL E 92 4.79 14.00 22.53
C VAL E 92 5.28 15.20 21.72
N ARG E 93 4.42 15.71 20.84
CA ARG E 93 4.73 16.84 19.99
C ARG E 93 4.02 18.09 20.49
N ASP E 94 4.74 19.21 20.51
CA ASP E 94 4.19 20.48 20.96
C ASP E 94 3.76 21.33 19.77
N ALA E 95 3.40 22.59 20.05
CA ALA E 95 2.93 23.48 18.98
C ALA E 95 4.03 23.76 17.96
N GLY E 96 5.26 23.93 18.42
CA GLY E 96 6.39 24.13 17.53
C GLY E 96 6.81 22.89 16.76
N ASN E 97 5.99 21.84 16.78
CA ASN E 97 6.27 20.57 16.10
C ASN E 97 7.56 19.94 16.59
N MET E 98 7.96 20.25 17.82
CA MET E 98 9.11 19.62 18.44
C MET E 98 8.65 18.39 19.23
N LEU E 99 9.47 17.35 19.21
CA LEU E 99 9.11 16.06 19.79
C LEU E 99 9.88 15.85 21.09
N THR E 100 9.16 15.53 22.16
CA THR E 100 9.75 15.26 23.46
C THR E 100 9.57 13.78 23.79
N PHE E 101 10.66 13.10 24.10
CA PHE E 101 10.65 11.66 24.35
C PHE E 101 10.61 11.36 25.84
N GLY E 102 9.94 10.26 26.19
CA GLY E 102 9.99 9.73 27.53
C GLY E 102 11.18 8.82 27.74
N GLY E 103 11.35 8.38 28.98
CA GLY E 103 12.42 7.45 29.31
C GLY E 103 12.20 6.04 28.82
N GLY E 104 10.97 5.71 28.44
CA GLY E 104 10.67 4.37 27.94
C GLY E 104 10.30 3.41 29.05
N THR E 105 9.45 2.46 28.70
CA THR E 105 9.02 1.38 29.60
C THR E 105 9.35 0.06 28.94
N ARG E 106 10.24 -0.72 29.56
CA ARG E 106 10.56 -2.03 29.03
C ARG E 106 9.46 -3.02 29.41
N LEU E 107 8.94 -3.73 28.42
CA LEU E 107 7.88 -4.71 28.61
C LEU E 107 8.46 -6.11 28.44
N MET E 108 8.20 -6.98 29.42
CA MET E 108 8.64 -8.37 29.38
C MET E 108 7.39 -9.25 29.42
N VAL E 109 7.10 -9.90 28.30
CA VAL E 109 5.92 -10.76 28.19
C VAL E 109 6.37 -12.18 28.50
N LYS E 110 6.03 -12.66 29.69
CA LYS E 110 6.43 -14.00 30.11
C LYS E 110 5.70 -15.04 29.28
N PRO E 111 6.40 -16.01 28.69
CA PRO E 111 5.73 -17.02 27.86
C PRO E 111 4.94 -18.01 28.70
N ASN E 112 3.98 -18.65 28.04
CA ASN E 112 3.11 -19.64 28.69
C ASN E 112 3.71 -21.02 28.49
N ILE E 113 4.26 -21.59 29.55
CA ILE E 113 4.82 -22.95 29.51
C ILE E 113 3.71 -23.91 29.91
N GLN E 114 3.09 -24.54 28.91
CA GLN E 114 1.93 -25.39 29.18
C GLN E 114 2.30 -26.59 30.03
N ASN E 115 3.34 -27.32 29.63
CA ASN E 115 3.78 -28.53 30.32
C ASN E 115 5.24 -28.36 30.72
N PRO E 116 5.52 -27.76 31.87
CA PRO E 116 6.91 -27.56 32.28
C PRO E 116 7.60 -28.88 32.62
N ASP E 117 8.92 -28.86 32.51
CA ASP E 117 9.75 -30.03 32.82
C ASP E 117 11.15 -29.57 33.17
N PRO E 118 11.33 -28.90 34.32
CA PRO E 118 12.66 -28.34 34.63
C PRO E 118 13.72 -29.41 34.72
N ALA E 119 14.88 -29.11 34.13
CA ALA E 119 15.98 -30.06 34.09
C ALA E 119 17.27 -29.32 33.81
N VAL E 120 18.38 -29.93 34.22
CA VAL E 120 19.72 -29.41 33.98
C VAL E 120 20.50 -30.48 33.24
N TYR E 121 20.83 -30.21 31.98
CA TYR E 121 21.54 -31.15 31.13
C TYR E 121 22.98 -30.71 30.92
N GLN E 122 23.83 -31.67 30.53
CA GLN E 122 25.22 -31.41 30.22
C GLN E 122 25.50 -31.77 28.77
N LEU E 123 26.23 -30.91 28.08
CA LEU E 123 26.55 -31.09 26.67
C LEU E 123 28.05 -30.91 26.46
N ARG E 124 28.59 -31.58 25.44
CA ARG E 124 30.01 -31.54 25.14
C ARG E 124 30.22 -31.14 23.68
N ASP E 125 31.48 -30.85 23.35
CA ASP E 125 31.88 -30.42 22.01
C ASP E 125 31.40 -31.37 20.91
N LYS E 131 35.54 -26.88 26.43
CA LYS E 131 35.06 -27.05 27.80
C LYS E 131 33.79 -27.89 27.83
N SER E 132 32.95 -27.65 28.85
CA SER E 132 31.67 -28.32 28.99
C SER E 132 30.64 -27.32 29.48
N VAL E 133 29.39 -27.51 29.05
CA VAL E 133 28.33 -26.53 29.27
C VAL E 133 27.13 -27.22 29.89
N CYS E 134 26.54 -26.59 30.91
CA CYS E 134 25.31 -27.06 31.54
C CYS E 134 24.14 -26.23 31.02
N LEU E 135 23.01 -26.89 30.78
CA LEU E 135 21.82 -26.26 30.23
C LEU E 135 20.65 -26.48 31.18
N PHE E 136 20.10 -25.39 31.70
CA PHE E 136 18.89 -25.41 32.53
C PHE E 136 17.73 -24.90 31.68
N THR E 137 16.81 -25.80 31.32
CA THR E 137 15.78 -25.48 30.35
C THR E 137 14.45 -26.04 30.79
N ASP E 138 13.41 -25.73 30.01
CA ASP E 138 12.05 -26.26 30.20
C ASP E 138 11.47 -25.88 31.56
N PHE E 139 11.95 -24.79 32.15
CA PHE E 139 11.34 -24.29 33.37
C PHE E 139 10.25 -23.27 33.02
N ASP E 140 9.31 -23.10 33.93
CA ASP E 140 8.21 -22.18 33.68
C ASP E 140 8.67 -20.75 33.99
N SER E 141 7.94 -19.79 33.42
CA SER E 141 8.36 -18.40 33.44
C SER E 141 8.33 -17.77 34.83
N GLN E 142 7.83 -18.48 35.84
CA GLN E 142 7.82 -17.94 37.20
C GLN E 142 9.16 -18.06 37.88
N THR E 143 10.01 -19.00 37.48
CA THR E 143 11.33 -19.14 38.07
C THR E 143 12.29 -18.13 37.45
N ASN E 144 13.17 -17.57 38.28
CA ASN E 144 14.14 -16.58 37.85
C ASN E 144 15.54 -17.16 37.95
N VAL E 145 16.39 -16.80 36.99
CA VAL E 145 17.79 -17.21 37.00
C VAL E 145 18.60 -16.09 37.64
N SER E 146 19.46 -16.45 38.59
CA SER E 146 20.26 -15.49 39.34
C SER E 146 21.73 -15.65 38.95
N GLN E 147 22.45 -14.54 38.90
CA GLN E 147 23.87 -14.57 38.55
C GLN E 147 24.64 -15.39 39.58
N SER E 148 25.67 -16.07 39.09
CA SER E 148 26.43 -17.00 39.93
C SER E 148 27.19 -16.26 41.02
N LYS E 149 27.44 -16.98 42.12
CA LYS E 149 28.18 -16.39 43.24
C LYS E 149 29.68 -16.35 42.96
N ASP E 150 30.18 -17.23 42.10
CA ASP E 150 31.60 -17.30 41.77
C ASP E 150 31.86 -16.63 40.43
N SER E 151 33.03 -16.01 40.30
CA SER E 151 33.41 -15.35 39.06
C SER E 151 34.01 -16.30 38.04
N ASP E 152 34.43 -17.49 38.46
CA ASP E 152 34.96 -18.48 37.53
C ASP E 152 33.86 -19.18 36.74
N VAL E 153 32.62 -19.10 37.19
CA VAL E 153 31.48 -19.72 36.52
C VAL E 153 30.63 -18.61 35.91
N TYR E 154 30.22 -18.81 34.66
CA TYR E 154 29.43 -17.83 33.92
C TYR E 154 28.01 -18.37 33.73
N ILE E 155 27.03 -17.54 34.06
CA ILE E 155 25.61 -17.89 33.93
C ILE E 155 24.92 -16.79 33.15
N THR E 156 24.15 -17.16 32.14
CA THR E 156 23.41 -16.21 31.33
C THR E 156 22.04 -15.97 31.97
N ASP E 157 21.15 -15.31 31.23
CA ASP E 157 19.79 -15.06 31.68
C ASP E 157 18.83 -16.01 30.97
N LYS E 158 17.57 -16.01 31.41
CA LYS E 158 16.56 -16.84 30.78
C LYS E 158 16.31 -16.39 29.35
N CYS E 159 16.12 -17.35 28.46
CA CYS E 159 15.91 -17.08 27.04
C CYS E 159 14.72 -17.88 26.54
N VAL E 160 13.86 -17.23 25.76
CA VAL E 160 12.64 -17.82 25.26
C VAL E 160 12.85 -18.15 23.79
N LEU E 161 12.99 -19.43 23.47
CA LEU E 161 13.09 -19.88 22.09
C LEU E 161 11.74 -20.44 21.64
N ASP E 162 11.38 -20.14 20.40
CA ASP E 162 10.08 -20.50 19.85
C ASP E 162 10.28 -21.44 18.67
N MET E 163 9.80 -22.68 18.82
CA MET E 163 9.73 -23.63 17.71
C MET E 163 8.39 -23.43 17.04
N ARG E 164 8.35 -22.48 16.10
CA ARG E 164 7.08 -22.00 15.56
C ARG E 164 6.35 -23.11 14.80
N SER E 165 7.08 -24.03 14.18
CA SER E 165 6.44 -25.15 13.49
C SER E 165 5.72 -26.06 14.47
N MET E 166 6.33 -26.32 15.63
CA MET E 166 5.74 -27.19 16.64
C MET E 166 4.83 -26.45 17.61
N ASP E 167 4.71 -25.13 17.48
CA ASP E 167 3.91 -24.31 18.42
C ASP E 167 4.38 -24.51 19.86
N PHE E 168 5.70 -24.64 20.03
CA PHE E 168 6.30 -24.94 21.31
C PHE E 168 7.22 -23.80 21.73
N LYS E 169 7.27 -23.55 23.05
CA LYS E 169 8.15 -22.54 23.61
C LYS E 169 8.79 -23.10 24.88
N SER E 170 10.02 -22.68 25.13
CA SER E 170 10.76 -23.16 26.29
C SER E 170 11.71 -22.08 26.79
N ASN E 171 11.74 -21.90 28.10
CA ASN E 171 12.74 -21.06 28.74
C ASN E 171 14.03 -21.84 28.93
N SER E 172 15.16 -21.13 28.90
CA SER E 172 16.45 -21.80 28.98
C SER E 172 17.50 -20.82 29.48
N ALA E 173 18.48 -21.37 30.20
CA ALA E 173 19.62 -20.61 30.70
C ALA E 173 20.85 -21.48 30.64
N VAL E 174 21.99 -20.87 30.32
CA VAL E 174 23.24 -21.58 30.07
C VAL E 174 24.25 -21.19 31.14
N ALA E 175 24.91 -22.19 31.72
CA ALA E 175 25.99 -21.99 32.68
C ALA E 175 27.19 -22.80 32.25
N TRP E 176 28.35 -22.15 32.23
CA TRP E 176 29.61 -22.80 31.89
C TRP E 176 30.72 -22.22 32.74
N SER E 177 31.77 -23.02 32.93
CA SER E 177 32.91 -22.60 33.74
C SER E 177 34.15 -23.35 33.32
N ASN E 178 35.30 -22.77 33.64
CA ASN E 178 36.59 -23.43 33.45
C ASN E 178 37.12 -24.06 34.71
N LYS E 179 36.43 -23.88 35.84
CA LYS E 179 36.87 -24.47 37.10
C LYS E 179 36.69 -25.98 37.09
N SER E 180 37.61 -26.68 37.75
CA SER E 180 37.58 -28.13 37.75
C SER E 180 36.44 -28.66 38.62
N ASP E 181 36.17 -28.00 39.75
CA ASP E 181 35.11 -28.42 40.66
C ASP E 181 33.72 -28.15 40.10
N PHE E 182 33.60 -27.42 39.00
CA PHE E 182 32.29 -27.06 38.46
C PHE E 182 31.58 -28.30 37.93
N ALA E 183 30.30 -28.42 38.28
CA ALA E 183 29.46 -29.49 37.77
C ALA E 183 28.03 -28.96 37.65
N CYS E 184 27.23 -29.64 36.83
CA CYS E 184 25.89 -29.14 36.54
C CYS E 184 24.99 -29.20 37.78
N ALA E 185 25.29 -30.08 38.72
CA ALA E 185 24.47 -30.16 39.93
C ALA E 185 24.62 -28.92 40.80
N ASN E 186 25.77 -28.25 40.74
CA ASN E 186 26.04 -27.07 41.54
C ASN E 186 26.10 -25.79 40.70
N ALA E 187 25.67 -25.86 39.44
CA ALA E 187 25.81 -24.71 38.56
C ALA E 187 24.86 -23.58 38.96
N PHE E 188 23.59 -23.90 39.19
CA PHE E 188 22.55 -22.90 39.43
C PHE E 188 22.14 -22.86 40.90
N ASN E 189 23.10 -23.03 41.81
CA ASN E 189 22.78 -23.10 43.23
C ASN E 189 22.49 -21.74 43.86
N ASN E 190 22.64 -20.65 43.10
CA ASN E 190 22.26 -19.32 43.59
C ASN E 190 20.89 -18.89 43.09
N SER E 191 20.23 -19.71 42.28
CA SER E 191 18.90 -19.43 41.77
C SER E 191 17.88 -20.39 42.36
N ILE E 192 16.67 -19.89 42.57
CA ILE E 192 15.59 -20.72 43.11
C ILE E 192 14.97 -21.52 41.97
N ILE E 193 15.45 -22.74 41.78
CA ILE E 193 14.94 -23.63 40.74
C ILE E 193 13.86 -24.52 41.34
N PRO E 194 12.96 -25.08 40.53
CA PRO E 194 11.92 -25.96 41.10
C PRO E 194 12.50 -27.17 41.80
N GLU E 195 11.76 -27.65 42.80
CA GLU E 195 12.21 -28.82 43.55
C GLU E 195 12.35 -30.04 42.66
N ASP E 196 11.42 -30.23 41.72
CA ASP E 196 11.39 -31.39 40.84
C ASP E 196 12.32 -31.27 39.64
N THR E 197 13.33 -30.40 39.71
CA THR E 197 14.25 -30.24 38.59
C THR E 197 15.01 -31.54 38.34
N PHE E 198 15.06 -31.96 37.08
CA PHE E 198 15.65 -33.23 36.69
C PHE E 198 17.15 -33.06 36.51
N PHE E 199 17.94 -33.70 37.36
CA PHE E 199 19.40 -33.68 37.29
C PHE E 199 19.89 -35.08 36.88
N PRO E 200 19.98 -35.37 35.59
CA PRO E 200 20.41 -36.71 35.17
C PRO E 200 21.91 -36.89 35.37
N SER E 201 22.33 -38.15 35.27
CA SER E 201 23.73 -38.52 35.43
C SER E 201 24.60 -37.91 34.33
N SER F 2 8.24 5.91 5.50
CA SER F 2 8.09 6.58 4.22
C SER F 2 9.44 7.10 3.72
N ALA F 3 10.05 8.00 4.49
CA ALA F 3 11.38 8.49 4.16
C ALA F 3 12.42 7.49 4.66
N VAL F 4 13.30 7.07 3.77
CA VAL F 4 14.33 6.07 4.10
C VAL F 4 15.59 6.82 4.52
N ILE F 5 16.07 6.52 5.73
CA ILE F 5 17.21 7.19 6.34
C ILE F 5 18.38 6.23 6.35
N SER F 6 19.51 6.65 5.77
CA SER F 6 20.71 5.83 5.67
C SER F 6 21.85 6.50 6.44
N GLN F 7 22.29 5.85 7.51
CA GLN F 7 23.44 6.32 8.26
C GLN F 7 24.70 5.57 7.87
N LYS F 8 25.78 6.32 7.72
CA LYS F 8 27.09 5.78 7.42
C LYS F 8 28.09 6.31 8.44
N PRO F 9 28.95 5.47 9.02
CA PRO F 9 29.05 4.00 8.91
C PRO F 9 28.08 3.27 9.84
N SER F 10 27.84 1.97 9.62
CA SER F 10 27.04 1.20 10.57
C SER F 10 27.73 1.08 11.92
N ARG F 11 29.05 0.92 11.91
CA ARG F 11 29.86 0.71 13.10
CA ARG F 11 29.83 0.81 13.13
C ARG F 11 31.26 1.25 12.83
N ASP F 12 32.01 1.49 13.89
CA ASP F 12 33.39 1.89 13.75
C ASP F 12 34.06 1.74 15.12
N ILE F 13 35.31 1.29 15.10
CA ILE F 13 36.14 1.20 16.29
C ILE F 13 37.28 2.20 16.11
N CYS F 14 37.37 3.15 17.03
CA CYS F 14 38.27 4.27 16.87
C CYS F 14 39.13 4.46 18.11
N GLN F 15 40.29 5.08 17.91
CA GLN F 15 41.22 5.38 18.98
C GLN F 15 40.87 6.70 19.66
N ARG F 16 41.17 6.78 20.94
CA ARG F 16 41.05 8.03 21.68
C ARG F 16 41.96 9.08 21.06
N GLY F 17 41.49 10.32 21.02
CA GLY F 17 42.27 11.43 20.52
C GLY F 17 42.11 11.73 19.05
N THR F 18 41.33 10.94 18.32
CA THR F 18 41.06 11.17 16.91
C THR F 18 39.64 11.67 16.74
N SER F 19 39.30 12.02 15.49
CA SER F 19 37.98 12.50 15.15
C SER F 19 37.34 11.59 14.11
N LEU F 20 36.01 11.49 14.16
CA LEU F 20 35.27 10.70 13.20
C LEU F 20 34.04 11.49 12.77
N THR F 21 33.82 11.57 11.47
CA THR F 21 32.64 12.22 10.89
C THR F 21 31.70 11.15 10.36
N ILE F 22 30.50 11.09 10.92
CA ILE F 22 29.46 10.19 10.44
C ILE F 22 28.41 11.05 9.76
N GLN F 23 27.64 10.44 8.87
CA GLN F 23 26.71 11.20 8.06
C GLN F 23 25.37 10.50 7.97
N CYS F 24 24.42 11.22 7.38
CA CYS F 24 23.04 10.81 7.29
C CYS F 24 22.48 11.28 5.96
N GLN F 25 22.00 10.34 5.15
CA GLN F 25 21.47 10.62 3.83
C GLN F 25 20.05 10.09 3.74
N VAL F 26 19.13 10.95 3.33
CA VAL F 26 17.71 10.62 3.20
C VAL F 26 17.37 10.52 1.72
N ASP F 27 16.52 9.53 1.38
CA ASP F 27 16.10 9.32 0.00
C ASP F 27 15.17 10.41 -0.51
N SER F 28 14.69 11.29 0.37
CA SER F 28 13.76 12.34 -0.03
C SER F 28 14.02 13.57 0.83
N GLN F 29 13.39 14.68 0.46
CA GLN F 29 13.58 15.95 1.13
C GLN F 29 12.54 16.10 2.24
N VAL F 30 13.02 16.23 3.47
CA VAL F 30 12.17 16.42 4.65
C VAL F 30 12.71 17.61 5.43
N THR F 31 11.81 18.41 6.01
CA THR F 31 12.20 19.68 6.61
C THR F 31 13.13 19.47 7.81
N MET F 32 12.65 18.78 8.83
CA MET F 32 13.36 18.72 10.11
C MET F 32 14.24 17.48 10.19
N MET F 33 15.43 17.67 10.75
CA MET F 33 16.41 16.58 10.91
C MET F 33 17.06 16.74 12.28
N PHE F 34 17.27 15.61 12.96
CA PHE F 34 17.77 15.62 14.33
C PHE F 34 18.85 14.57 14.50
N TRP F 35 19.73 14.81 15.47
CA TRP F 35 20.79 13.88 15.83
C TRP F 35 20.61 13.46 17.28
N TYR F 36 20.55 12.16 17.52
CA TYR F 36 20.42 11.60 18.85
C TYR F 36 21.63 10.72 19.17
N ARG F 37 21.83 10.48 20.46
CA ARG F 37 22.75 9.47 20.94
C ARG F 37 22.01 8.59 21.93
N GLN F 38 22.38 7.31 21.98
CA GLN F 38 21.71 6.39 22.88
C GLN F 38 22.62 5.23 23.22
N GLN F 39 22.78 4.99 24.51
CA GLN F 39 23.43 3.78 25.00
C GLN F 39 22.47 2.60 24.90
N PRO F 40 22.96 1.41 24.59
CA PRO F 40 22.07 0.23 24.56
C PRO F 40 21.42 0.00 25.92
N GLY F 41 20.10 -0.17 25.91
CA GLY F 41 19.35 -0.35 27.13
C GLY F 41 19.09 0.91 27.92
N GLN F 42 19.46 2.07 27.41
CA GLN F 42 19.30 3.35 28.09
C GLN F 42 18.35 4.23 27.29
N SER F 43 18.23 5.49 27.71
CA SER F 43 17.25 6.40 27.15
C SER F 43 17.77 7.11 25.91
N LEU F 44 16.84 7.58 25.09
CA LEU F 44 17.16 8.28 23.85
C LEU F 44 17.43 9.75 24.16
N THR F 45 18.65 10.21 23.90
CA THR F 45 19.09 11.56 24.25
C THR F 45 19.27 12.37 22.99
N LEU F 46 18.59 13.51 22.91
CA LEU F 46 18.72 14.41 21.77
C LEU F 46 20.00 15.23 21.89
N ILE F 47 20.83 15.19 20.85
CA ILE F 47 22.06 15.96 20.84
C ILE F 47 21.79 17.37 20.33
N ALA F 48 21.23 17.48 19.13
CA ALA F 48 21.01 18.78 18.53
C ALA F 48 19.99 18.65 17.41
N THR F 49 19.60 19.80 16.86
CA THR F 49 18.73 19.91 15.70
C THR F 49 19.55 20.40 14.51
N ALA F 50 19.53 19.64 13.42
CA ALA F 50 20.28 20.00 12.23
C ALA F 50 19.53 21.08 11.46
N ASN F 51 20.13 22.27 11.36
CA ASN F 51 19.57 23.38 10.62
C ASN F 51 20.26 23.48 9.27
N GLN F 52 19.47 23.63 8.21
CA GLN F 52 19.98 23.62 6.85
C GLN F 52 20.68 24.94 6.56
N GLY F 53 21.97 24.86 6.23
CA GLY F 53 22.74 26.03 5.84
C GLY F 53 23.31 26.86 6.97
N SER F 54 23.07 26.47 8.23
CA SER F 54 23.59 27.21 9.37
C SER F 54 23.99 26.23 10.46
N GLU F 55 24.41 26.77 11.60
CA GLU F 55 24.84 25.95 12.72
C GLU F 55 23.64 25.21 13.32
N ALA F 56 23.94 24.12 14.02
CA ALA F 56 22.90 23.33 14.67
C ALA F 56 22.49 23.96 15.99
N THR F 57 21.24 23.70 16.38
CA THR F 57 20.73 24.11 17.68
C THR F 57 20.98 22.98 18.66
N TYR F 58 21.91 23.19 19.59
CA TYR F 58 22.37 22.13 20.46
C TYR F 58 21.58 22.09 21.77
N GLU F 59 21.48 20.90 22.34
CA GLU F 59 20.85 20.70 23.63
C GLU F 59 21.84 21.00 24.74
N SER F 60 21.36 20.95 25.99
CA SER F 60 22.22 21.20 27.13
C SER F 60 23.24 20.08 27.27
N GLY F 61 24.52 20.46 27.41
CA GLY F 61 25.60 19.52 27.55
C GLY F 61 26.39 19.27 26.28
N PHE F 62 25.74 19.37 25.12
CA PHE F 62 26.38 19.16 23.83
C PHE F 62 26.78 20.51 23.25
N VAL F 63 28.06 20.67 22.95
CA VAL F 63 28.60 21.93 22.46
C VAL F 63 29.07 21.74 21.03
N ILE F 64 29.11 22.85 20.27
CA ILE F 64 29.31 22.78 18.83
C ILE F 64 30.72 22.29 18.49
N ASP F 65 31.71 22.65 19.31
CA ASP F 65 33.08 22.24 19.04
C ASP F 65 33.31 20.76 19.34
N LYS F 66 32.46 20.15 20.17
CA LYS F 66 32.55 18.72 20.42
C LYS F 66 31.85 17.91 19.35
N PHE F 67 30.65 18.35 18.95
CA PHE F 67 29.82 17.65 17.97
C PHE F 67 29.43 18.59 16.84
N PRO F 68 30.38 18.95 15.97
CA PRO F 68 30.02 19.79 14.83
C PRO F 68 29.03 19.10 13.91
N ILE F 69 27.94 19.79 13.61
CA ILE F 69 26.88 19.28 12.74
C ILE F 69 26.70 20.24 11.57
N SER F 70 26.82 19.71 10.36
CA SER F 70 26.67 20.50 9.15
C SER F 70 25.59 19.87 8.27
N ARG F 71 24.73 20.71 7.70
CA ARG F 71 23.60 20.25 6.89
C ARG F 71 23.53 21.09 5.62
N PRO F 72 24.18 20.64 4.54
CA PRO F 72 24.17 21.45 3.31
C PRO F 72 22.82 21.51 2.62
N ASN F 73 22.04 20.43 2.66
CA ASN F 73 20.69 20.42 2.12
C ASN F 73 19.80 19.56 3.01
N LEU F 74 18.53 19.44 2.61
CA LEU F 74 17.55 18.76 3.46
C LEU F 74 17.76 17.25 3.52
N THR F 75 18.51 16.67 2.59
CA THR F 75 18.65 15.22 2.52
C THR F 75 19.97 14.71 3.09
N PHE F 76 20.88 15.60 3.49
CA PHE F 76 22.22 15.21 3.89
C PHE F 76 22.69 16.06 5.05
N SER F 77 23.31 15.40 6.03
CA SER F 77 23.95 16.11 7.14
C SER F 77 24.97 15.20 7.79
N THR F 78 26.00 15.80 8.36
CA THR F 78 27.07 15.07 9.02
C THR F 78 27.16 15.47 10.49
N LEU F 79 27.58 14.52 11.31
CA LEU F 79 27.92 14.77 12.70
C LEU F 79 29.34 14.28 12.95
N THR F 80 30.16 15.13 13.55
CA THR F 80 31.55 14.81 13.83
C THR F 80 31.75 14.71 15.34
N VAL F 81 32.44 13.66 15.78
CA VAL F 81 32.84 13.51 17.17
C VAL F 81 34.32 13.86 17.22
N SER F 82 34.62 15.08 17.65
CA SER F 82 35.99 15.57 17.67
C SER F 82 36.66 15.23 18.99
N ASN F 83 37.95 14.91 18.92
CA ASN F 83 38.76 14.55 20.08
C ASN F 83 38.08 13.44 20.89
N MET F 84 37.90 12.30 20.23
CA MET F 84 37.11 11.22 20.79
C MET F 84 37.74 10.66 22.06
N SER F 85 36.88 10.30 23.01
CA SER F 85 37.26 9.64 24.25
C SER F 85 36.30 8.49 24.48
N PRO F 86 36.71 7.48 25.27
CA PRO F 86 35.81 6.34 25.52
C PRO F 86 34.46 6.75 26.10
N GLU F 87 34.39 7.87 26.81
CA GLU F 87 33.12 8.37 27.33
C GLU F 87 32.14 8.70 26.22
N ASP F 88 32.62 8.91 25.00
CA ASP F 88 31.77 9.25 23.87
C ASP F 88 31.23 8.02 23.13
N SER F 89 31.59 6.82 23.57
CA SER F 89 31.10 5.61 22.93
C SER F 89 29.59 5.48 23.14
N SER F 90 28.85 5.35 22.03
CA SER F 90 27.41 5.28 22.07
C SER F 90 26.91 4.88 20.68
N ILE F 91 25.60 4.92 20.49
CA ILE F 91 24.97 4.71 19.19
C ILE F 91 24.31 6.02 18.79
N TYR F 92 24.81 6.62 17.71
CA TYR F 92 24.36 7.93 17.27
C TYR F 92 23.31 7.76 16.17
N LEU F 93 22.11 8.27 16.43
CA LEU F 93 20.96 8.06 15.56
C LEU F 93 20.60 9.35 14.83
N CYS F 94 20.25 9.21 13.55
CA CYS F 94 19.76 10.32 12.74
C CYS F 94 18.26 10.21 12.61
N SER F 95 17.56 11.31 12.89
CA SER F 95 16.11 11.35 12.82
C SER F 95 15.66 12.39 11.80
N VAL F 96 14.49 12.14 11.21
CA VAL F 96 13.95 13.00 10.17
C VAL F 96 12.44 13.01 10.30
N GLY F 97 11.84 14.19 10.17
CA GLY F 97 10.41 14.33 10.25
C GLY F 97 9.99 15.70 9.78
N GLY F 98 8.69 15.84 9.55
CA GLY F 98 8.13 17.10 9.10
C GLY F 98 7.60 17.02 7.69
N ASP F 99 7.52 18.18 7.06
CA ASP F 99 6.89 18.29 5.74
C ASP F 99 7.79 17.70 4.66
N SER F 100 7.14 17.23 3.60
CA SER F 100 7.82 16.60 2.48
C SER F 100 6.91 16.69 1.27
N LEU F 101 7.30 16.03 0.18
CA LEU F 101 6.46 16.00 -1.01
C LEU F 101 5.25 15.09 -0.84
N ILE F 102 5.27 14.18 0.13
CA ILE F 102 4.14 13.31 0.39
C ILE F 102 3.37 13.75 1.63
N GLY F 103 3.65 14.93 2.15
CA GLY F 103 2.95 15.46 3.32
C GLY F 103 3.83 15.43 4.56
N ASN F 104 3.19 15.79 5.68
CA ASN F 104 3.87 15.83 6.96
C ASN F 104 4.14 14.41 7.47
N GLN F 105 5.39 14.07 7.57
CA GLN F 105 5.69 12.74 8.07
C GLN F 105 6.08 12.77 9.54
N PRO F 106 5.79 11.72 10.29
CA PRO F 106 6.29 11.63 11.66
C PRO F 106 7.79 11.39 11.68
N GLN F 107 8.38 11.62 12.85
CA GLN F 107 9.82 11.40 13.01
C GLN F 107 10.15 9.92 12.89
N HIS F 108 11.09 9.61 12.00
CA HIS F 108 11.61 8.26 11.85
C HIS F 108 13.11 8.28 12.10
N PHE F 109 13.66 7.10 12.41
CA PHE F 109 15.06 6.98 12.77
C PHE F 109 15.78 6.07 11.79
N GLY F 110 17.06 6.38 11.55
CA GLY F 110 17.94 5.49 10.84
C GLY F 110 18.40 4.35 11.73
N ASP F 111 19.19 3.46 11.14
CA ASP F 111 19.71 2.31 11.88
C ASP F 111 20.87 2.67 12.79
N GLY F 112 21.29 3.93 12.82
CA GLY F 112 22.27 4.39 13.77
C GLY F 112 23.69 3.99 13.41
N THR F 113 24.64 4.68 14.04
CA THR F 113 26.06 4.37 13.97
C THR F 113 26.54 3.95 15.35
N ARG F 114 27.02 2.73 15.47
CA ARG F 114 27.53 2.22 16.74
C ARG F 114 29.02 2.57 16.83
N LEU F 115 29.36 3.49 17.73
CA LEU F 115 30.72 3.99 17.88
C LEU F 115 31.30 3.49 19.19
N SER F 116 32.47 2.84 19.11
CA SER F 116 33.18 2.34 20.28
C SER F 116 34.60 2.90 20.25
N ILE F 117 34.90 3.81 21.17
CA ILE F 117 36.19 4.48 21.24
C ILE F 117 37.01 3.79 22.34
N LEU F 118 38.17 3.26 21.96
CA LEU F 118 39.02 2.50 22.87
C LEU F 118 40.25 3.30 23.24
N GLU F 119 40.81 2.97 24.41
CA GLU F 119 42.07 3.57 24.84
C GLU F 119 43.18 3.27 23.85
N ASP F 120 43.22 2.03 23.35
CA ASP F 120 44.19 1.62 22.35
C ASP F 120 43.56 0.51 21.51
N LEU F 121 44.09 0.30 20.31
CA LEU F 121 43.58 -0.73 19.42
C LEU F 121 44.29 -2.06 19.56
N LYS F 122 45.24 -2.18 20.49
CA LYS F 122 46.00 -3.42 20.66
C LYS F 122 45.25 -4.48 21.46
N ASN F 123 44.00 -4.23 21.87
CA ASN F 123 43.22 -5.18 22.67
C ASN F 123 41.93 -5.56 21.96
N VAL F 124 41.89 -5.37 20.64
CA VAL F 124 40.77 -5.83 19.82
C VAL F 124 41.01 -7.29 19.46
N PHE F 125 40.01 -8.15 19.74
CA PHE F 125 40.16 -9.59 19.57
C PHE F 125 38.94 -10.22 18.91
N PRO F 126 39.15 -11.14 17.98
CA PRO F 126 38.04 -11.92 17.45
C PRO F 126 37.60 -12.97 18.45
N PRO F 127 36.36 -13.44 18.35
CA PRO F 127 35.85 -14.44 19.29
C PRO F 127 36.29 -15.85 18.93
N GLU F 128 36.29 -16.70 19.96
CA GLU F 128 36.40 -18.14 19.80
C GLU F 128 35.00 -18.73 19.83
N VAL F 129 34.66 -19.50 18.80
CA VAL F 129 33.31 -20.04 18.64
C VAL F 129 33.38 -21.56 18.79
N ALA F 130 32.58 -22.09 19.71
CA ALA F 130 32.50 -23.53 19.95
C ALA F 130 31.04 -23.94 20.05
N VAL F 131 30.73 -25.13 19.52
CA VAL F 131 29.38 -25.67 19.53
C VAL F 131 29.37 -26.93 20.38
N PHE F 132 28.24 -27.17 21.04
CA PHE F 132 28.10 -28.31 21.94
C PHE F 132 26.88 -29.12 21.54
N GLU F 133 27.10 -30.40 21.24
CA GLU F 133 26.03 -31.26 20.78
C GLU F 133 25.06 -31.58 21.91
N PRO F 134 23.79 -31.81 21.60
CA PRO F 134 22.76 -31.92 22.65
C PRO F 134 23.02 -33.09 23.59
N SER F 135 22.34 -33.04 24.73
CA SER F 135 22.48 -34.06 25.76
C SER F 135 21.65 -35.29 25.40
N GLU F 136 22.23 -36.48 25.62
CA GLU F 136 21.50 -37.71 25.38
C GLU F 136 20.32 -37.85 26.33
N ALA F 137 20.47 -37.36 27.56
CA ALA F 137 19.36 -37.40 28.52
C ALA F 137 18.19 -36.54 28.05
N GLU F 138 18.49 -35.36 27.50
CA GLU F 138 17.42 -34.49 27.02
C GLU F 138 16.68 -35.13 25.85
N ILE F 139 17.40 -35.82 24.96
CA ILE F 139 16.77 -36.43 23.80
C ILE F 139 15.79 -37.51 24.24
N SER F 140 16.15 -38.30 25.25
CA SER F 140 15.24 -39.33 25.74
C SER F 140 14.09 -38.71 26.54
N HIS F 141 14.38 -37.69 27.34
CA HIS F 141 13.38 -37.15 28.24
C HIS F 141 12.37 -36.26 27.53
N THR F 142 12.77 -35.56 26.47
CA THR F 142 11.91 -34.59 25.81
C THR F 142 11.68 -34.86 24.33
N GLN F 143 12.39 -35.82 23.72
CA GLN F 143 12.35 -36.05 22.27
C GLN F 143 12.72 -34.79 21.49
N LYS F 144 13.54 -33.92 22.11
CA LYS F 144 14.02 -32.71 21.49
C LYS F 144 15.52 -32.60 21.74
N ALA F 145 16.21 -31.89 20.86
CA ALA F 145 17.66 -31.73 20.93
C ALA F 145 17.99 -30.25 20.92
N THR F 146 18.78 -29.82 21.91
CA THR F 146 19.16 -28.41 22.06
C THR F 146 20.67 -28.29 21.94
N LEU F 147 21.13 -27.58 20.92
CA LEU F 147 22.54 -27.24 20.77
C LEU F 147 22.82 -25.90 21.45
N VAL F 148 24.06 -25.70 21.85
CA VAL F 148 24.50 -24.46 22.50
C VAL F 148 25.79 -24.00 21.85
N CYS F 149 25.89 -22.70 21.60
CA CYS F 149 27.06 -22.09 20.98
C CYS F 149 27.63 -21.04 21.91
N LEU F 150 28.96 -21.05 22.07
CA LEU F 150 29.66 -20.10 22.92
C LEU F 150 30.63 -19.29 22.08
N ALA F 151 30.47 -17.97 22.10
CA ALA F 151 31.42 -17.03 21.50
C ALA F 151 32.13 -16.33 22.65
N THR F 152 33.43 -16.58 22.79
CA THR F 152 34.18 -16.13 23.96
C THR F 152 35.42 -15.36 23.56
N GLY F 153 35.80 -14.41 24.41
CA GLY F 153 37.08 -13.75 24.32
C GLY F 153 37.18 -12.70 23.24
N PHE F 154 36.08 -12.05 22.88
CA PHE F 154 36.12 -11.03 21.84
C PHE F 154 36.00 -9.64 22.45
N TYR F 155 36.60 -8.69 21.76
CA TYR F 155 36.59 -7.36 22.23
C TYR F 155 36.81 -6.46 21.02
N PRO F 156 36.00 -5.40 20.85
CA PRO F 156 34.80 -5.09 21.63
C PRO F 156 33.59 -5.95 21.24
N ASP F 157 32.39 -5.60 21.71
CA ASP F 157 31.20 -6.41 21.49
C ASP F 157 30.48 -5.93 20.23
N HIS F 158 31.15 -6.14 19.10
CA HIS F 158 30.57 -5.93 17.77
C HIS F 158 30.46 -7.31 17.12
N VAL F 159 29.40 -8.04 17.46
CA VAL F 159 29.20 -9.40 16.99
C VAL F 159 27.75 -9.61 16.61
N GLU F 160 27.52 -10.52 15.67
CA GLU F 160 26.19 -10.98 15.30
C GLU F 160 26.24 -12.49 15.14
N LEU F 161 25.55 -13.21 16.03
CA LEU F 161 25.57 -14.66 16.03
C LEU F 161 24.37 -15.19 15.26
N SER F 162 24.62 -16.11 14.34
CA SER F 162 23.56 -16.72 13.54
C SER F 162 23.79 -18.22 13.46
N TRP F 163 22.69 -18.96 13.29
CA TRP F 163 22.71 -20.41 13.12
C TRP F 163 22.41 -20.76 11.67
N TRP F 164 23.16 -21.73 11.14
CA TRP F 164 23.00 -22.17 9.76
C TRP F 164 22.89 -23.68 9.75
N VAL F 165 21.73 -24.21 9.37
CA VAL F 165 21.55 -25.64 9.17
C VAL F 165 21.45 -25.90 7.67
N ASN F 166 22.21 -26.88 7.20
CA ASN F 166 22.19 -27.31 5.79
C ASN F 166 22.47 -26.16 4.83
N GLY F 167 23.17 -25.13 5.29
CA GLY F 167 23.57 -24.03 4.45
C GLY F 167 22.67 -22.80 4.50
N LYS F 168 21.48 -22.91 5.08
CA LYS F 168 20.56 -21.79 5.20
C LYS F 168 20.52 -21.30 6.64
N GLU F 169 20.49 -19.98 6.81
CA GLU F 169 20.31 -19.42 8.15
C GLU F 169 18.90 -19.73 8.65
N VAL F 170 18.81 -20.13 9.92
CA VAL F 170 17.53 -20.45 10.53
C VAL F 170 17.25 -19.46 11.65
N HIS F 171 15.97 -19.24 11.92
CA HIS F 171 15.54 -18.32 12.96
C HIS F 171 14.59 -18.94 13.97
N SER F 172 13.88 -20.01 13.61
CA SER F 172 12.98 -20.67 14.54
C SER F 172 13.76 -21.60 15.45
N GLY F 173 13.34 -21.67 16.72
CA GLY F 173 14.03 -22.49 17.68
C GLY F 173 15.39 -21.97 18.08
N VAL F 174 15.65 -20.68 17.90
CA VAL F 174 16.92 -20.06 18.23
C VAL F 174 16.68 -19.00 19.29
N CYS F 175 17.57 -18.97 20.29
CA CYS F 175 17.53 -17.93 21.31
C CYS F 175 18.96 -17.53 21.65
N THR F 176 19.27 -16.25 21.47
CA THR F 176 20.59 -15.71 21.73
C THR F 176 20.48 -14.66 22.83
N ASP F 177 21.53 -14.56 23.65
CA ASP F 177 21.56 -13.57 24.71
C ASP F 177 21.43 -12.17 24.11
N PRO F 178 20.53 -11.32 24.63
CA PRO F 178 20.36 -9.99 24.03
C PRO F 178 21.61 -9.14 24.05
N GLN F 179 22.44 -9.27 25.08
CA GLN F 179 23.68 -8.52 25.20
C GLN F 179 24.78 -9.44 25.68
N PRO F 180 26.03 -9.21 25.26
CA PRO F 180 27.13 -10.08 25.68
C PRO F 180 27.44 -10.00 27.17
N LEU F 181 28.42 -10.78 27.61
CA LEU F 181 28.75 -10.94 29.02
C LEU F 181 30.23 -10.69 29.23
N LYS F 182 30.57 -9.80 30.16
CA LYS F 182 31.96 -9.54 30.48
C LYS F 182 32.57 -10.75 31.18
N GLU F 183 33.64 -11.31 30.60
CA GLU F 183 34.30 -12.47 31.20
C GLU F 183 34.90 -12.15 32.56
N GLN F 184 35.18 -10.88 32.83
CA GLN F 184 35.63 -10.44 34.16
C GLN F 184 35.16 -9.01 34.36
N PRO F 185 34.03 -8.81 35.04
CA PRO F 185 33.45 -7.47 35.16
C PRO F 185 34.34 -6.48 35.89
N ALA F 186 35.30 -6.95 36.67
CA ALA F 186 36.18 -6.04 37.40
C ALA F 186 37.02 -5.18 36.46
N LEU F 187 37.41 -5.72 35.31
CA LEU F 187 38.20 -4.97 34.35
C LEU F 187 37.33 -3.95 33.61
N ASN F 188 37.99 -2.89 33.13
CA ASN F 188 37.31 -1.88 32.32
C ASN F 188 37.15 -2.33 30.88
N ASP F 189 38.26 -2.76 30.28
CA ASP F 189 38.37 -3.20 28.89
C ASP F 189 38.30 -4.73 28.82
N SER F 190 37.34 -5.28 29.57
CA SER F 190 37.24 -6.73 29.68
C SER F 190 36.69 -7.32 28.39
N ARG F 191 37.14 -8.53 28.08
CA ARG F 191 36.61 -9.22 26.91
C ARG F 191 35.23 -9.80 27.22
N TYR F 192 34.53 -10.15 26.15
CA TYR F 192 33.13 -10.51 26.22
C TYR F 192 32.89 -11.97 25.88
N ALA F 193 31.72 -12.43 26.29
CA ALA F 193 31.23 -13.76 25.94
C ALA F 193 29.77 -13.64 25.56
N LEU F 194 29.32 -14.58 24.72
CA LEU F 194 27.95 -14.57 24.21
C LEU F 194 27.53 -16.00 23.94
N SER F 195 26.35 -16.38 24.41
CA SER F 195 25.82 -17.72 24.25
C SER F 195 24.53 -17.69 23.44
N SER F 196 24.32 -18.75 22.66
CA SER F 196 23.10 -18.91 21.89
C SER F 196 22.79 -20.40 21.81
N ARG F 197 21.50 -20.71 21.69
CA ARG F 197 21.04 -22.09 21.65
C ARG F 197 20.11 -22.30 20.47
N LEU F 198 20.14 -23.51 19.93
CA LEU F 198 19.29 -23.91 18.81
C LEU F 198 18.62 -25.23 19.19
N ARG F 199 17.31 -25.18 19.42
CA ARG F 199 16.55 -26.37 19.76
C ARG F 199 15.92 -26.95 18.52
N VAL F 200 15.98 -28.28 18.39
CA VAL F 200 15.60 -28.98 17.18
C VAL F 200 15.08 -30.35 17.57
N SER F 201 14.17 -30.89 16.76
CA SER F 201 13.57 -32.18 17.07
C SER F 201 14.63 -33.27 17.12
N ALA F 202 14.39 -34.26 17.98
CA ALA F 202 15.35 -35.36 18.14
C ALA F 202 15.57 -36.11 16.83
N THR F 203 14.50 -36.29 16.05
CA THR F 203 14.64 -36.92 14.74
C THR F 203 15.53 -36.09 13.83
N PHE F 204 15.39 -34.76 13.89
CA PHE F 204 16.22 -33.89 13.06
C PHE F 204 17.69 -33.98 13.45
N TRP F 205 17.96 -34.04 14.76
CA TRP F 205 19.35 -34.17 15.20
C TRP F 205 19.89 -35.57 14.94
N GLN F 206 19.04 -36.59 15.01
CA GLN F 206 19.48 -37.96 14.75
C GLN F 206 19.66 -38.26 13.27
N ASN F 207 19.57 -37.24 12.41
CA ASN F 207 19.87 -37.41 10.99
C ASN F 207 21.34 -37.06 10.78
N PRO F 208 22.20 -38.04 10.46
CA PRO F 208 23.62 -37.72 10.25
C PRO F 208 23.89 -36.84 9.04
N ARG F 209 22.92 -36.68 8.15
CA ARG F 209 23.10 -35.84 6.97
C ARG F 209 22.83 -34.37 7.25
N ASN F 210 22.26 -34.03 8.40
CA ASN F 210 22.02 -32.64 8.75
C ASN F 210 23.30 -31.99 9.29
N HIS F 211 23.58 -30.79 8.82
CA HIS F 211 24.78 -30.05 9.19
C HIS F 211 24.37 -28.81 9.97
N PHE F 212 24.91 -28.67 11.19
CA PHE F 212 24.61 -27.56 12.07
C PHE F 212 25.85 -26.70 12.21
N ARG F 213 25.70 -25.39 12.00
CA ARG F 213 26.83 -24.47 12.07
C ARG F 213 26.44 -23.22 12.82
N CYS F 214 27.26 -22.83 13.78
CA CYS F 214 27.11 -21.58 14.51
C CYS F 214 28.09 -20.55 13.94
N GLN F 215 27.57 -19.44 13.45
CA GLN F 215 28.38 -18.41 12.82
C GLN F 215 28.34 -17.14 13.66
N VAL F 216 29.53 -16.59 13.95
CA VAL F 216 29.65 -15.34 14.69
C VAL F 216 30.39 -14.36 13.79
N GLN F 217 29.65 -13.39 13.26
CA GLN F 217 30.25 -12.31 12.50
C GLN F 217 30.85 -11.30 13.47
N PHE F 218 32.15 -11.06 13.33
CA PHE F 218 32.88 -10.16 14.21
C PHE F 218 33.29 -8.92 13.42
N TYR F 219 33.14 -7.75 14.03
CA TYR F 219 33.49 -6.49 13.41
C TYR F 219 34.67 -5.89 14.18
N GLY F 220 35.84 -5.88 13.55
CA GLY F 220 37.04 -5.36 14.18
C GLY F 220 37.66 -4.22 13.40
N LEU F 221 38.98 -4.25 13.28
CA LEU F 221 39.69 -3.20 12.56
C LEU F 221 39.45 -3.32 11.06
N SER F 222 39.75 -2.24 10.34
CA SER F 222 39.58 -2.17 8.90
C SER F 222 40.95 -2.06 8.22
N GLU F 223 40.91 -1.93 6.89
CA GLU F 223 42.15 -1.88 6.13
C GLU F 223 42.92 -0.60 6.35
N ASN F 224 42.22 0.50 6.66
CA ASN F 224 42.87 1.77 6.93
C ASN F 224 43.51 1.82 8.31
N ASP F 225 43.09 0.95 9.23
CA ASP F 225 43.71 0.91 10.56
C ASP F 225 45.10 0.30 10.47
N GLU F 226 46.07 0.95 11.08
CA GLU F 226 47.43 0.42 11.12
C GLU F 226 47.56 -0.62 12.21
N TRP F 227 48.38 -1.63 11.96
CA TRP F 227 48.59 -2.73 12.90
C TRP F 227 50.07 -3.05 12.96
N THR F 228 50.67 -2.86 14.14
CA THR F 228 52.09 -3.10 14.33
C THR F 228 52.36 -4.16 15.41
N GLN F 229 51.34 -4.89 15.84
CA GLN F 229 51.51 -5.84 16.93
C GLN F 229 52.02 -7.18 16.39
N ASP F 230 52.58 -7.96 17.30
CA ASP F 230 53.16 -9.26 16.95
C ASP F 230 52.12 -10.37 16.99
N ARG F 231 51.00 -10.15 16.29
CA ARG F 231 49.94 -11.13 16.17
C ARG F 231 49.07 -10.76 14.98
N ALA F 232 48.18 -11.68 14.60
CA ALA F 232 47.31 -11.45 13.46
C ALA F 232 46.42 -10.24 13.70
N LYS F 233 46.22 -9.45 12.64
CA LYS F 233 45.42 -8.24 12.76
C LYS F 233 43.96 -8.62 13.01
N PRO F 234 43.34 -8.09 14.07
CA PRO F 234 41.95 -8.46 14.42
C PRO F 234 40.92 -7.76 13.53
N VAL F 235 40.90 -8.14 12.26
CA VAL F 235 40.04 -7.50 11.28
C VAL F 235 38.63 -8.06 11.36
N THR F 236 37.69 -7.40 10.69
CA THR F 236 36.34 -7.92 10.55
C THR F 236 36.39 -9.28 9.88
N GLN F 237 35.87 -10.30 10.56
CA GLN F 237 35.99 -11.67 10.09
C GLN F 237 34.82 -12.49 10.62
N ILE F 238 34.62 -13.65 10.00
CA ILE F 238 33.58 -14.59 10.41
C ILE F 238 34.28 -15.77 11.08
N VAL F 239 33.86 -16.08 12.31
CA VAL F 239 34.34 -17.24 13.04
C VAL F 239 33.16 -18.18 13.25
N SER F 240 33.35 -19.46 12.93
CA SER F 240 32.26 -20.42 12.94
C SER F 240 32.67 -21.69 13.67
N ALA F 241 31.66 -22.47 14.05
CA ALA F 241 31.83 -23.79 14.65
C ALA F 241 30.70 -24.67 14.17
N GLU F 242 31.06 -25.82 13.58
CA GLU F 242 30.09 -26.71 12.96
C GLU F 242 29.95 -28.00 13.73
N ALA F 243 28.86 -28.73 13.44
CA ALA F 243 28.58 -30.01 14.06
C ALA F 243 27.59 -30.78 13.18
N TRP F 244 27.75 -32.10 13.16
CA TRP F 244 26.88 -32.98 12.40
C TRP F 244 26.00 -33.80 13.33
N GLY F 245 24.87 -34.24 12.80
CA GLY F 245 23.97 -35.08 13.57
C GLY F 245 24.51 -36.48 13.76
N ARG F 246 23.87 -37.21 14.68
CA ARG F 246 24.29 -38.56 15.00
C ARG F 246 23.09 -39.32 15.59
N ALA F 247 23.13 -40.64 15.45
CA ALA F 247 22.07 -41.48 16.00
C ALA F 247 22.61 -42.36 17.13
N GLU G 4 -24.34 -21.98 -18.31
CA GLU G 4 -24.21 -21.07 -17.18
C GLU G 4 -24.16 -19.61 -17.65
N VAL G 5 -25.09 -18.80 -17.17
CA VAL G 5 -25.21 -17.41 -17.60
C VAL G 5 -25.33 -16.50 -16.37
N GLU G 6 -24.95 -15.24 -16.57
CA GLU G 6 -25.17 -14.18 -15.60
C GLU G 6 -26.13 -13.17 -16.22
N GLN G 7 -27.08 -12.70 -15.41
CA GLN G 7 -28.18 -11.87 -15.90
C GLN G 7 -28.13 -10.49 -15.27
N ASN G 8 -28.22 -9.47 -16.12
CA ASN G 8 -28.32 -8.07 -15.71
C ASN G 8 -29.47 -7.41 -16.47
N SER G 9 -29.73 -6.15 -16.15
CA SER G 9 -30.80 -5.38 -16.78
C SER G 9 -30.22 -4.14 -17.46
N GLY G 10 -31.11 -3.24 -17.89
CA GLY G 10 -30.72 -2.10 -18.69
C GLY G 10 -30.43 -0.84 -17.90
N PRO G 11 -31.17 0.24 -18.21
CA PRO G 11 -30.83 1.56 -17.64
C PRO G 11 -31.50 1.87 -16.32
N LEU G 12 -30.70 2.26 -15.33
CA LEU G 12 -31.17 2.57 -13.99
C LEU G 12 -30.95 4.05 -13.70
N SER G 13 -32.00 4.73 -13.25
CA SER G 13 -31.94 6.14 -12.90
C SER G 13 -31.99 6.28 -11.38
N VAL G 14 -30.96 6.92 -10.82
CA VAL G 14 -30.86 7.10 -9.37
C VAL G 14 -30.63 8.57 -9.06
N PRO G 15 -31.41 9.16 -8.15
CA PRO G 15 -31.15 10.55 -7.75
C PRO G 15 -29.78 10.70 -7.09
N GLU G 16 -29.19 11.87 -7.24
CA GLU G 16 -27.91 12.16 -6.60
C GLU G 16 -28.05 12.09 -5.09
N GLY G 17 -27.08 11.45 -4.44
CA GLY G 17 -27.11 11.27 -3.01
C GLY G 17 -27.81 10.02 -2.53
N ALA G 18 -28.56 9.35 -3.39
CA ALA G 18 -29.25 8.12 -3.02
C ALA G 18 -28.32 6.92 -3.16
N ILE G 19 -28.81 5.77 -2.70
CA ILE G 19 -28.06 4.52 -2.78
C ILE G 19 -28.55 3.75 -3.99
N ALA G 20 -27.62 3.41 -4.88
CA ALA G 20 -27.92 2.64 -6.08
C ALA G 20 -27.64 1.16 -5.80
N SER G 21 -28.66 0.33 -5.98
CA SER G 21 -28.56 -1.11 -5.77
C SER G 21 -28.68 -1.80 -7.12
N LEU G 22 -27.63 -2.52 -7.52
CA LEU G 22 -27.58 -3.21 -8.80
C LEU G 22 -27.69 -4.71 -8.56
N ASN G 23 -28.65 -5.35 -9.20
CA ASN G 23 -28.88 -6.78 -9.04
C ASN G 23 -28.11 -7.57 -10.09
N CYS G 24 -27.84 -8.84 -9.76
CA CYS G 24 -27.18 -9.76 -10.66
C CYS G 24 -27.48 -11.18 -10.19
N THR G 25 -27.88 -12.05 -11.12
CA THR G 25 -28.18 -13.43 -10.81
C THR G 25 -27.40 -14.36 -11.72
N TYR G 26 -26.93 -15.47 -11.16
CA TYR G 26 -26.18 -16.47 -11.88
C TYR G 26 -26.85 -17.83 -11.72
N SER G 27 -26.55 -18.74 -12.65
CA SER G 27 -27.19 -20.04 -12.68
C SER G 27 -26.31 -21.19 -12.22
N ASP G 28 -25.00 -20.99 -12.12
CA ASP G 28 -24.07 -22.05 -11.73
C ASP G 28 -23.96 -22.07 -10.21
N ARG G 29 -24.44 -23.16 -9.59
CA ARG G 29 -24.33 -23.30 -8.14
C ARG G 29 -22.90 -23.45 -7.69
N GLY G 30 -22.04 -24.06 -8.52
CA GLY G 30 -20.66 -24.28 -8.16
C GLY G 30 -19.77 -23.07 -8.17
N SER G 31 -20.30 -21.91 -8.55
CA SER G 31 -19.51 -20.69 -8.57
C SER G 31 -19.14 -20.26 -7.16
N GLN G 32 -17.93 -19.70 -7.00
CA GLN G 32 -17.43 -19.33 -5.68
C GLN G 32 -16.85 -17.93 -5.60
N SER G 33 -16.69 -17.21 -6.72
CA SER G 33 -16.16 -15.86 -6.69
C SER G 33 -16.98 -14.97 -7.62
N PHE G 34 -17.22 -13.74 -7.18
CA PHE G 34 -18.13 -12.83 -7.86
C PHE G 34 -17.54 -11.43 -7.87
N PHE G 35 -17.54 -10.80 -9.03
CA PHE G 35 -16.81 -9.57 -9.26
C PHE G 35 -17.72 -8.49 -9.82
N TRP G 36 -17.41 -7.24 -9.49
CA TRP G 36 -18.11 -6.07 -10.02
C TRP G 36 -17.11 -5.17 -10.71
N TYR G 37 -17.32 -4.93 -12.00
CA TYR G 37 -16.48 -4.05 -12.80
C TYR G 37 -17.26 -2.79 -13.16
N ARG G 38 -16.58 -1.65 -13.15
CA ARG G 38 -17.13 -0.39 -13.61
C ARG G 38 -16.43 0.01 -14.90
N GLN G 39 -17.22 0.40 -15.90
CA GLN G 39 -16.69 0.76 -17.21
C GLN G 39 -17.33 2.05 -17.66
N TYR G 40 -16.50 3.09 -17.88
CA TYR G 40 -17.00 4.33 -18.45
C TYR G 40 -17.10 4.19 -19.97
N SER G 41 -17.58 5.24 -20.63
CA SER G 41 -18.03 5.13 -22.01
C SER G 41 -16.90 4.71 -22.95
N GLY G 42 -15.78 5.43 -22.90
CA GLY G 42 -14.70 5.14 -23.83
C GLY G 42 -13.52 4.42 -23.21
N LYS G 43 -13.73 3.80 -22.05
CA LYS G 43 -12.67 3.17 -21.29
C LYS G 43 -12.93 1.67 -21.14
N SER G 44 -11.96 0.98 -20.55
CA SER G 44 -12.01 -0.46 -20.29
C SER G 44 -12.68 -0.73 -18.95
N PRO G 45 -13.15 -1.95 -18.71
CA PRO G 45 -13.69 -2.28 -17.39
C PRO G 45 -12.61 -2.20 -16.31
N GLU G 46 -13.02 -1.68 -15.16
CA GLU G 46 -12.14 -1.54 -14.00
C GLU G 46 -12.77 -2.26 -12.81
N LEU G 47 -12.03 -3.17 -12.21
CA LEU G 47 -12.52 -3.92 -11.07
C LEU G 47 -12.62 -3.01 -9.85
N ILE G 48 -13.76 -3.05 -9.16
CA ILE G 48 -13.99 -2.18 -8.01
C ILE G 48 -14.35 -3.01 -6.79
N MET G 49 -14.93 -4.19 -6.99
CA MET G 49 -15.37 -5.02 -5.88
C MET G 49 -15.31 -6.49 -6.26
N PHE G 50 -14.94 -7.33 -5.30
CA PHE G 50 -15.12 -8.78 -5.40
C PHE G 50 -15.63 -9.28 -4.06
N ILE G 51 -16.22 -10.46 -4.06
CA ILE G 51 -16.75 -11.05 -2.83
C ILE G 51 -16.72 -12.57 -2.96
N TYR G 52 -16.45 -13.24 -1.84
CA TYR G 52 -16.29 -14.68 -1.79
C TYR G 52 -17.32 -15.38 -0.92
N SER G 53 -17.65 -14.82 0.25
CA SER G 53 -18.53 -15.46 1.21
C SER G 53 -19.87 -14.73 1.28
N ASN G 54 -20.87 -15.44 1.78
CA ASN G 54 -22.20 -14.86 1.95
C ASN G 54 -22.15 -13.70 2.93
N GLY G 55 -22.89 -12.63 2.60
CA GLY G 55 -23.01 -11.48 3.48
C GLY G 55 -22.64 -10.20 2.75
N ASP G 56 -21.99 -9.29 3.48
CA ASP G 56 -21.62 -7.99 2.97
C ASP G 56 -20.10 -7.83 2.92
N LYS G 57 -19.64 -6.98 2.01
CA LYS G 57 -18.26 -6.52 1.98
C LYS G 57 -18.30 -5.04 1.62
N GLU G 58 -17.74 -4.20 2.47
CA GLU G 58 -17.81 -2.75 2.32
C GLU G 58 -16.43 -2.21 1.99
N ASP G 59 -16.37 -1.32 1.00
CA ASP G 59 -15.10 -0.71 0.57
C ASP G 59 -15.41 0.72 0.13
N GLY G 60 -15.18 1.67 1.04
CA GLY G 60 -15.52 3.05 0.75
C GLY G 60 -17.02 3.20 0.61
N ARG G 61 -17.45 3.72 -0.54
CA ARG G 61 -18.86 3.90 -0.84
C ARG G 61 -19.50 2.68 -1.49
N PHE G 62 -18.75 1.60 -1.68
CA PHE G 62 -19.26 0.40 -2.33
C PHE G 62 -19.53 -0.68 -1.30
N THR G 63 -20.57 -1.48 -1.56
CA THR G 63 -20.88 -2.65 -0.77
C THR G 63 -21.35 -3.77 -1.68
N ALA G 64 -20.70 -4.92 -1.60
CA ALA G 64 -21.08 -6.10 -2.36
C ALA G 64 -21.86 -7.04 -1.45
N GLN G 65 -23.00 -7.51 -1.94
CA GLN G 65 -23.86 -8.41 -1.20
C GLN G 65 -24.00 -9.72 -1.95
N LEU G 66 -23.75 -10.83 -1.27
CA LEU G 66 -23.75 -12.15 -1.89
C LEU G 66 -24.60 -13.11 -1.08
N ASN G 67 -25.43 -13.89 -1.78
CA ASN G 67 -26.20 -14.96 -1.17
C ASN G 67 -26.16 -16.16 -2.12
N LYS G 68 -25.27 -17.11 -1.83
CA LYS G 68 -25.09 -18.27 -2.69
C LYS G 68 -26.32 -19.18 -2.72
N ALA G 69 -27.22 -19.05 -1.74
CA ALA G 69 -28.42 -19.87 -1.73
C ALA G 69 -29.36 -19.48 -2.86
N SER G 70 -29.81 -18.22 -2.87
CA SER G 70 -30.65 -17.72 -3.95
C SER G 70 -29.87 -17.39 -5.20
N GLN G 71 -28.53 -17.44 -5.15
CA GLN G 71 -27.66 -17.22 -6.30
C GLN G 71 -27.87 -15.82 -6.90
N TYR G 72 -27.63 -14.81 -6.06
CA TYR G 72 -27.66 -13.43 -6.53
C TYR G 72 -26.53 -12.65 -5.88
N VAL G 73 -26.04 -11.64 -6.60
CA VAL G 73 -25.02 -10.73 -6.12
C VAL G 73 -25.55 -9.31 -6.30
N SER G 74 -25.12 -8.41 -5.41
CA SER G 74 -25.57 -7.04 -5.42
C SER G 74 -24.39 -6.09 -5.27
N LEU G 75 -24.57 -4.87 -5.76
CA LEU G 75 -23.60 -3.79 -5.61
C LEU G 75 -24.32 -2.54 -5.14
N LEU G 76 -23.95 -2.04 -3.98
CA LEU G 76 -24.56 -0.85 -3.39
C LEU G 76 -23.60 0.33 -3.57
N ILE G 77 -24.06 1.37 -4.25
CA ILE G 77 -23.28 2.60 -4.43
C ILE G 77 -23.87 3.63 -3.48
N ARG G 78 -23.18 3.86 -2.37
CA ARG G 78 -23.67 4.78 -1.35
C ARG G 78 -23.37 6.22 -1.73
N ASP G 79 -24.35 7.09 -1.49
CA ASP G 79 -24.24 8.51 -1.84
C ASP G 79 -23.81 8.68 -3.29
N SER G 80 -24.64 8.15 -4.18
CA SER G 80 -24.32 8.14 -5.61
C SER G 80 -24.21 9.55 -6.15
N GLN G 81 -23.27 9.74 -7.07
CA GLN G 81 -22.94 11.03 -7.65
C GLN G 81 -23.00 10.92 -9.16
N PRO G 82 -23.18 12.06 -9.87
CA PRO G 82 -23.16 12.01 -11.33
C PRO G 82 -21.89 11.42 -11.91
N SER G 83 -20.77 11.51 -11.19
CA SER G 83 -19.52 10.90 -11.66
C SER G 83 -19.59 9.39 -11.66
N ASP G 84 -20.49 8.79 -10.88
CA ASP G 84 -20.65 7.34 -10.85
C ASP G 84 -21.43 6.82 -12.04
N SER G 85 -21.95 7.68 -12.90
CA SER G 85 -22.75 7.26 -14.04
C SER G 85 -21.87 6.51 -15.02
N ALA G 86 -22.09 5.20 -15.14
CA ALA G 86 -21.34 4.35 -16.05
C ALA G 86 -22.10 3.03 -16.20
N THR G 87 -21.50 2.09 -16.91
CA THR G 87 -22.01 0.73 -17.00
C THR G 87 -21.25 -0.15 -16.02
N TYR G 88 -21.98 -0.98 -15.28
CA TYR G 88 -21.40 -1.84 -14.26
C TYR G 88 -21.60 -3.29 -14.68
N LEU G 89 -20.50 -4.01 -14.80
CA LEU G 89 -20.51 -5.38 -15.32
C LEU G 89 -20.40 -6.37 -14.17
N CYS G 90 -21.28 -7.37 -14.17
CA CYS G 90 -21.25 -8.44 -13.19
C CYS G 90 -20.46 -9.62 -13.75
N ALA G 91 -19.51 -10.12 -12.96
CA ALA G 91 -18.66 -11.22 -13.39
C ALA G 91 -18.68 -12.32 -12.35
N VAL G 92 -18.88 -13.55 -12.80
CA VAL G 92 -18.95 -14.73 -11.93
C VAL G 92 -17.98 -15.76 -12.47
N ARG G 93 -17.06 -16.24 -11.63
CA ARG G 93 -16.13 -17.28 -12.02
C ARG G 93 -16.52 -18.61 -11.38
N ASP G 94 -16.25 -19.69 -12.11
CA ASP G 94 -16.63 -21.03 -11.70
C ASP G 94 -15.44 -21.72 -11.02
N ALA G 95 -15.58 -23.03 -10.79
CA ALA G 95 -14.51 -23.78 -10.13
C ALA G 95 -13.24 -23.80 -10.95
N GLY G 96 -13.35 -23.81 -12.28
CA GLY G 96 -12.21 -23.76 -13.16
C GLY G 96 -11.59 -22.39 -13.34
N ASN G 97 -11.99 -21.42 -12.52
CA ASN G 97 -11.49 -20.04 -12.57
C ASN G 97 -11.81 -19.34 -13.89
N MET G 98 -12.79 -19.86 -14.64
CA MET G 98 -13.23 -19.21 -15.87
C MET G 98 -14.32 -18.20 -15.53
N LEU G 99 -14.15 -16.98 -16.03
CA LEU G 99 -15.03 -15.88 -15.69
C LEU G 99 -16.15 -15.73 -16.73
N THR G 100 -17.37 -15.48 -16.24
CA THR G 100 -18.52 -15.27 -17.08
C THR G 100 -19.12 -13.90 -16.78
N PHE G 101 -19.33 -13.10 -17.82
CA PHE G 101 -19.82 -11.73 -17.68
C PHE G 101 -21.31 -11.65 -17.97
N GLY G 102 -21.96 -10.69 -17.30
CA GLY G 102 -23.33 -10.36 -17.61
C GLY G 102 -23.42 -9.32 -18.71
N GLY G 103 -24.66 -8.95 -19.04
CA GLY G 103 -24.87 -7.95 -20.08
C GLY G 103 -24.45 -6.55 -19.67
N GLY G 104 -24.42 -6.26 -18.37
CA GLY G 104 -24.03 -4.95 -17.90
C GLY G 104 -25.22 -4.04 -17.63
N THR G 105 -25.13 -3.23 -16.59
CA THR G 105 -26.19 -2.32 -16.20
C THR G 105 -25.68 -0.88 -16.31
N ARG G 106 -26.39 -0.05 -17.07
CA ARG G 106 -26.02 1.35 -17.23
C ARG G 106 -26.69 2.15 -16.12
N LEU G 107 -25.89 2.86 -15.35
CA LEU G 107 -26.36 3.67 -14.22
C LEU G 107 -26.34 5.14 -14.60
N MET G 108 -27.47 5.81 -14.43
CA MET G 108 -27.58 7.25 -14.62
C MET G 108 -27.91 7.88 -13.26
N VAL G 109 -27.00 8.68 -12.74
CA VAL G 109 -27.23 9.41 -11.49
C VAL G 109 -27.61 10.83 -11.87
N LYS G 110 -28.88 11.16 -11.69
CA LYS G 110 -29.36 12.49 -12.05
C LYS G 110 -28.86 13.50 -11.02
N PRO G 111 -28.22 14.58 -11.45
CA PRO G 111 -27.77 15.60 -10.49
C PRO G 111 -28.96 16.30 -9.86
N ASN G 112 -28.77 16.75 -8.63
CA ASN G 112 -29.80 17.48 -7.89
C ASN G 112 -29.62 18.97 -8.16
N ILE G 113 -30.54 19.54 -8.93
CA ILE G 113 -30.48 20.96 -9.30
C ILE G 113 -31.19 21.75 -8.20
N GLN G 114 -30.42 22.54 -7.45
CA GLN G 114 -30.96 23.22 -6.29
C GLN G 114 -31.90 24.35 -6.69
N ASN G 115 -31.54 25.12 -7.70
CA ASN G 115 -32.36 26.23 -8.19
C ASN G 115 -32.44 26.13 -9.70
N PRO G 116 -33.45 25.44 -10.22
CA PRO G 116 -33.62 25.36 -11.69
C PRO G 116 -33.84 26.73 -12.28
N ASP G 117 -33.11 27.04 -13.35
CA ASP G 117 -33.22 28.31 -14.06
C ASP G 117 -33.30 28.05 -15.56
N PRO G 118 -34.32 27.32 -16.01
CA PRO G 118 -34.34 26.87 -17.40
C PRO G 118 -34.33 28.04 -18.38
N ALA G 119 -33.51 27.91 -19.41
CA ALA G 119 -33.31 28.99 -20.36
C ALA G 119 -32.71 28.42 -21.64
N VAL G 120 -32.99 29.08 -22.76
CA VAL G 120 -32.44 28.72 -24.06
C VAL G 120 -31.74 29.96 -24.60
N TYR G 121 -30.42 29.98 -24.54
CA TYR G 121 -29.62 31.09 -25.04
C TYR G 121 -29.11 30.78 -26.44
N GLN G 122 -28.60 31.82 -27.09
CA GLN G 122 -27.99 31.70 -28.41
C GLN G 122 -26.56 32.23 -28.34
N LEU G 123 -25.61 31.44 -28.80
CA LEU G 123 -24.20 31.80 -28.80
C LEU G 123 -23.76 32.10 -30.22
N ARG G 124 -23.05 33.21 -30.41
CA ARG G 124 -22.52 33.58 -31.70
C ARG G 124 -21.13 32.99 -31.89
N ASP G 125 -20.76 32.75 -33.14
CA ASP G 125 -19.46 32.17 -33.45
C ASP G 125 -18.36 33.13 -33.05
N SER G 126 -17.25 32.57 -32.57
CA SER G 126 -16.10 33.39 -32.17
C SER G 126 -15.52 34.14 -33.36
N LYS G 127 -15.32 33.43 -34.48
CA LYS G 127 -14.71 34.02 -35.67
C LYS G 127 -15.68 34.07 -36.84
N SER G 128 -16.22 32.93 -37.26
CA SER G 128 -17.10 32.88 -38.43
C SER G 128 -18.58 32.97 -38.04
N VAL G 133 -25.78 28.21 -32.97
CA VAL G 133 -25.82 27.28 -31.85
C VAL G 133 -26.75 27.78 -30.74
N CYS G 134 -27.70 26.94 -30.37
CA CYS G 134 -28.61 27.21 -29.27
C CYS G 134 -28.23 26.36 -28.07
N LEU G 135 -28.46 26.90 -26.87
CA LEU G 135 -28.01 26.28 -25.63
C LEU G 135 -29.17 26.22 -24.65
N PHE G 136 -29.70 25.02 -24.43
CA PHE G 136 -30.69 24.77 -23.38
C PHE G 136 -29.95 24.37 -22.12
N THR G 137 -30.13 25.13 -21.04
CA THR G 137 -29.32 24.94 -19.85
C THR G 137 -30.14 25.21 -18.59
N ASP G 138 -29.56 24.81 -17.45
CA ASP G 138 -30.06 25.14 -16.13
C ASP G 138 -31.49 24.62 -15.90
N PHE G 139 -31.86 23.53 -16.55
CA PHE G 139 -33.15 22.92 -16.33
C PHE G 139 -33.02 21.77 -15.33
N ASP G 140 -34.16 21.41 -14.73
CA ASP G 140 -34.19 20.33 -13.76
C ASP G 140 -33.89 19.00 -14.44
N SER G 141 -33.26 18.09 -13.69
CA SER G 141 -32.89 16.79 -14.22
C SER G 141 -34.09 15.97 -14.66
N GLN G 142 -35.29 16.31 -14.17
CA GLN G 142 -36.49 15.60 -14.59
C GLN G 142 -36.87 15.92 -16.04
N THR G 143 -36.44 17.07 -16.56
CA THR G 143 -36.67 17.39 -17.95
C THR G 143 -35.79 16.52 -18.84
N ASN G 144 -36.38 15.97 -19.90
CA ASN G 144 -35.67 15.10 -20.83
C ASN G 144 -35.63 15.74 -22.20
N VAL G 145 -34.43 15.80 -22.79
CA VAL G 145 -34.26 16.36 -24.13
C VAL G 145 -34.61 15.29 -25.16
N SER G 146 -35.23 15.71 -26.26
CA SER G 146 -35.66 14.81 -27.32
C SER G 146 -34.84 15.04 -28.58
N GLN G 147 -34.76 14.01 -29.41
CA GLN G 147 -34.07 14.11 -30.69
C GLN G 147 -34.82 15.05 -31.63
N SER G 148 -34.10 15.54 -32.64
CA SER G 148 -34.67 16.51 -33.56
C SER G 148 -35.58 15.83 -34.57
N LYS G 149 -36.80 16.36 -34.71
CA LYS G 149 -37.71 15.87 -35.73
C LYS G 149 -37.21 16.23 -37.12
N ASP G 150 -36.93 17.52 -37.35
CA ASP G 150 -36.28 17.94 -38.58
C ASP G 150 -34.85 17.40 -38.62
N SER G 151 -34.43 16.94 -39.79
CA SER G 151 -33.15 16.26 -39.92
C SER G 151 -31.99 17.19 -40.23
N ASP G 152 -32.27 18.41 -40.68
CA ASP G 152 -31.21 19.38 -40.92
C ASP G 152 -30.74 20.08 -39.66
N VAL G 153 -31.38 19.81 -38.51
CA VAL G 153 -30.99 20.36 -37.22
C VAL G 153 -30.51 19.23 -36.33
N TYR G 154 -29.39 19.46 -35.64
CA TYR G 154 -28.77 18.46 -34.79
C TYR G 154 -28.96 18.85 -33.33
N ILE G 155 -29.37 17.87 -32.52
CA ILE G 155 -29.59 18.08 -31.08
C ILE G 155 -28.80 17.02 -30.33
N THR G 156 -28.03 17.46 -29.34
CA THR G 156 -27.28 16.55 -28.49
C THR G 156 -28.07 16.24 -27.21
N ASP G 157 -27.73 15.13 -26.58
CA ASP G 157 -28.36 14.76 -25.33
C ASP G 157 -27.89 15.70 -24.21
N LYS G 158 -28.55 15.60 -23.06
CA LYS G 158 -28.24 16.50 -21.95
C LYS G 158 -26.94 16.09 -21.27
N CYS G 159 -26.16 17.10 -20.90
CA CYS G 159 -24.83 16.93 -20.33
C CYS G 159 -24.76 17.63 -18.99
N VAL G 160 -24.08 17.02 -18.03
CA VAL G 160 -23.99 17.53 -16.66
C VAL G 160 -22.58 18.04 -16.44
N LEU G 161 -22.41 19.36 -16.46
CA LEU G 161 -21.13 19.94 -16.08
C LEU G 161 -21.12 20.27 -14.59
N ASP G 162 -19.93 20.32 -14.02
CA ASP G 162 -19.74 20.49 -12.59
C ASP G 162 -18.66 21.53 -12.34
N MET G 163 -19.08 22.70 -11.84
CA MET G 163 -18.14 23.73 -11.41
C MET G 163 -17.84 23.47 -9.93
N ARG G 164 -16.77 22.72 -9.68
CA ARG G 164 -16.52 22.17 -8.36
C ARG G 164 -16.07 23.23 -7.36
N SER G 165 -15.40 24.29 -7.84
CA SER G 165 -14.98 25.36 -6.93
C SER G 165 -16.19 26.06 -6.34
N MET G 166 -17.24 26.25 -7.13
CA MET G 166 -18.49 26.83 -6.64
C MET G 166 -19.47 25.77 -6.16
N ASP G 167 -19.11 24.49 -6.26
CA ASP G 167 -20.00 23.37 -5.91
C ASP G 167 -21.34 23.53 -6.62
N PHE G 168 -21.27 23.66 -7.94
CA PHE G 168 -22.42 23.95 -8.78
C PHE G 168 -22.54 22.91 -9.88
N LYS G 169 -23.76 22.46 -10.15
CA LYS G 169 -24.04 21.53 -11.22
C LYS G 169 -25.17 22.07 -12.08
N SER G 170 -25.10 21.76 -13.38
CA SER G 170 -26.10 22.25 -14.33
C SER G 170 -26.19 21.30 -15.51
N ASN G 171 -27.42 21.03 -15.93
CA ASN G 171 -27.64 20.27 -17.15
C ASN G 171 -27.54 21.18 -18.36
N SER G 172 -27.31 20.59 -19.53
CA SER G 172 -27.12 21.38 -20.74
C SER G 172 -27.33 20.52 -21.97
N ALA G 173 -28.03 21.09 -22.95
CA ALA G 173 -28.19 20.48 -24.27
C ALA G 173 -27.89 21.54 -25.32
N VAL G 174 -27.41 21.08 -26.49
CA VAL G 174 -27.00 21.96 -27.56
C VAL G 174 -27.74 21.60 -28.84
N ALA G 175 -28.17 22.62 -29.57
CA ALA G 175 -28.82 22.43 -30.86
C ALA G 175 -28.26 23.43 -31.86
N TRP G 176 -28.04 22.96 -33.10
CA TRP G 176 -27.55 23.83 -34.16
C TRP G 176 -27.99 23.29 -35.51
N SER G 177 -27.99 24.17 -36.50
CA SER G 177 -28.45 23.82 -37.84
C SER G 177 -27.88 24.81 -38.84
N ASN G 178 -28.04 24.49 -40.12
CA ASN G 178 -27.62 25.36 -41.21
C ASN G 178 -28.78 25.96 -41.99
N LYS G 179 -29.99 25.43 -41.84
CA LYS G 179 -31.11 25.93 -42.61
C LYS G 179 -31.58 27.27 -42.07
N SER G 180 -32.27 28.03 -42.93
CA SER G 180 -32.57 29.42 -42.64
C SER G 180 -33.57 29.55 -41.50
N ASP G 181 -34.64 28.76 -41.51
CA ASP G 181 -35.73 28.94 -40.54
C ASP G 181 -35.37 28.48 -39.14
N PHE G 182 -34.18 27.93 -38.92
CA PHE G 182 -33.80 27.46 -37.60
C PHE G 182 -33.57 28.64 -36.65
N ALA G 183 -34.16 28.56 -35.46
CA ALA G 183 -33.97 29.58 -34.44
C ALA G 183 -34.13 28.91 -33.08
N CYS G 184 -33.54 29.55 -32.07
CA CYS G 184 -33.60 28.99 -30.72
C CYS G 184 -35.01 29.03 -30.15
N ALA G 185 -35.91 29.82 -30.74
CA ALA G 185 -37.30 29.81 -30.30
C ALA G 185 -37.97 28.48 -30.59
N ASN G 186 -37.64 27.86 -31.72
CA ASN G 186 -38.24 26.59 -32.12
C ASN G 186 -37.23 25.45 -32.08
N ALA G 187 -36.06 25.65 -31.47
CA ALA G 187 -35.01 24.64 -31.53
C ALA G 187 -35.43 23.36 -30.81
N PHE G 188 -36.06 23.50 -29.65
CA PHE G 188 -36.45 22.36 -28.82
C PHE G 188 -37.97 22.20 -28.75
N ASN G 189 -38.69 22.54 -29.82
CA ASN G 189 -40.14 22.42 -29.83
C ASN G 189 -40.59 20.96 -29.79
N ASN G 190 -39.72 20.02 -30.18
CA ASN G 190 -40.04 18.61 -30.12
C ASN G 190 -39.75 18.00 -28.75
N SER G 191 -39.41 18.82 -27.76
CA SER G 191 -39.12 18.36 -26.42
C SER G 191 -40.09 19.00 -25.43
N ILE G 192 -40.34 18.28 -24.34
CA ILE G 192 -41.22 18.77 -23.27
C ILE G 192 -40.34 19.57 -22.30
N ILE G 193 -40.30 20.88 -22.47
CA ILE G 193 -39.48 21.75 -21.64
C ILE G 193 -40.38 22.44 -20.62
N PRO G 194 -39.84 22.93 -19.50
CA PRO G 194 -40.68 23.63 -18.52
C PRO G 194 -41.36 24.85 -19.13
N GLU G 195 -42.57 25.12 -18.66
CA GLU G 195 -43.35 26.23 -19.20
C GLU G 195 -42.78 27.58 -18.83
N ASP G 196 -41.99 27.68 -17.76
CA ASP G 196 -41.36 28.92 -17.36
C ASP G 196 -39.95 29.08 -17.94
N THR G 197 -39.69 28.51 -19.11
CA THR G 197 -38.36 28.57 -19.69
C THR G 197 -38.06 29.97 -20.23
N PHE G 198 -36.85 30.45 -19.94
CA PHE G 198 -36.41 31.76 -20.38
C PHE G 198 -36.03 31.71 -21.86
N PHE G 199 -36.64 32.58 -22.66
CA PHE G 199 -36.32 32.70 -24.09
C PHE G 199 -35.96 34.15 -24.39
N PRO G 200 -34.77 34.58 -23.98
CA PRO G 200 -34.39 35.99 -24.17
C PRO G 200 -34.24 36.34 -25.64
N SER G 201 -34.60 37.58 -25.96
CA SER G 201 -34.53 38.07 -27.33
C SER G 201 -33.11 38.13 -27.85
N SER H 2 -2.88 -4.78 -10.15
CA SER H 2 -1.70 -5.60 -9.88
C SER H 2 -0.78 -5.66 -11.09
N ALA H 3 -1.02 -6.65 -11.96
CA ALA H 3 -0.27 -6.73 -13.20
C ALA H 3 -0.72 -5.62 -14.15
N VAL H 4 0.24 -5.03 -14.85
CA VAL H 4 -0.01 -3.95 -15.79
C VAL H 4 -0.08 -4.52 -17.19
N ILE H 5 -1.17 -4.24 -17.90
CA ILE H 5 -1.41 -4.76 -19.24
C ILE H 5 -1.26 -3.62 -20.23
N SER H 6 -0.44 -3.84 -21.26
CA SER H 6 -0.18 -2.86 -22.30
C SER H 6 -0.59 -3.44 -23.65
N GLN H 7 -1.47 -2.73 -24.34
CA GLN H 7 -1.99 -3.17 -25.62
C GLN H 7 -1.50 -2.25 -26.72
N LYS H 8 -1.00 -2.85 -27.79
CA LYS H 8 -0.64 -2.09 -28.96
C LYS H 8 -1.34 -2.64 -30.19
N PRO H 9 -1.87 -1.77 -31.06
CA PRO H 9 -2.00 -0.30 -31.02
C PRO H 9 -3.19 0.18 -30.16
N SER H 10 -3.18 1.44 -29.74
CA SER H 10 -4.37 2.00 -29.09
C SER H 10 -5.56 2.02 -30.04
N ARG H 11 -5.32 2.32 -31.30
CA ARG H 11 -6.37 2.41 -32.30
C ARG H 11 -5.73 2.30 -33.67
N ASP H 12 -6.54 1.99 -34.67
CA ASP H 12 -6.05 1.89 -36.03
C ASP H 12 -7.24 1.98 -36.97
N ILE H 13 -6.96 2.41 -38.19
CA ILE H 13 -7.94 2.50 -39.26
C ILE H 13 -7.38 1.71 -40.43
N CYS H 14 -8.13 0.71 -40.89
CA CYS H 14 -7.61 -0.26 -41.84
C CYS H 14 -8.57 -0.45 -43.01
N GLN H 15 -7.99 -0.76 -44.17
CA GLN H 15 -8.77 -1.13 -45.34
C GLN H 15 -9.31 -2.55 -45.18
N ARG H 16 -10.52 -2.79 -45.69
CA ARG H 16 -11.06 -4.14 -45.66
C ARG H 16 -10.27 -5.04 -46.60
N GLY H 17 -10.25 -6.34 -46.26
CA GLY H 17 -9.48 -7.31 -47.01
C GLY H 17 -8.03 -7.44 -46.60
N THR H 18 -7.53 -6.57 -45.73
CA THR H 18 -6.18 -6.67 -45.21
C THR H 18 -6.22 -7.31 -43.81
N SER H 19 -5.04 -7.54 -43.25
CA SER H 19 -4.90 -8.14 -41.94
C SER H 19 -4.14 -7.20 -41.00
N LEU H 20 -4.49 -7.26 -39.72
CA LEU H 20 -3.83 -6.48 -38.69
C LEU H 20 -3.58 -7.36 -37.48
N THR H 21 -2.35 -7.32 -36.95
CA THR H 21 -1.97 -8.08 -35.77
C THR H 21 -1.81 -7.12 -34.61
N ILE H 22 -2.59 -7.31 -33.57
CA ILE H 22 -2.50 -6.51 -32.36
C ILE H 22 -1.92 -7.40 -31.28
N GLN H 23 -1.26 -6.78 -30.31
CA GLN H 23 -0.52 -7.55 -29.32
C GLN H 23 -0.85 -7.06 -27.92
N CYS H 24 -0.37 -7.83 -26.95
CA CYS H 24 -0.65 -7.62 -25.54
C CYS H 24 0.58 -8.01 -24.76
N GLN H 25 1.15 -7.07 -24.02
CA GLN H 25 2.37 -7.28 -23.25
C GLN H 25 2.09 -6.96 -21.79
N VAL H 26 2.41 -7.91 -20.91
CA VAL H 26 2.17 -7.76 -19.47
C VAL H 26 3.51 -7.58 -18.77
N ASP H 27 3.53 -6.74 -17.74
CA ASP H 27 4.73 -6.45 -16.98
C ASP H 27 5.11 -7.56 -16.00
N SER H 28 4.35 -8.65 -15.95
CA SER H 28 4.64 -9.75 -15.04
C SER H 28 4.00 -11.01 -15.58
N GLN H 29 4.43 -12.14 -15.05
CA GLN H 29 3.94 -13.45 -15.48
C GLN H 29 2.66 -13.79 -14.73
N VAL H 30 1.56 -13.96 -15.46
CA VAL H 30 0.29 -14.38 -14.90
C VAL H 30 -0.22 -15.55 -15.73
N THR H 31 -0.91 -16.48 -15.05
CA THR H 31 -1.21 -17.77 -15.67
C THR H 31 -2.17 -17.62 -16.85
N MET H 32 -3.34 -17.06 -16.62
CA MET H 32 -4.42 -17.05 -17.62
C MET H 32 -4.44 -15.72 -18.37
N MET H 33 -4.72 -15.81 -19.67
CA MET H 33 -4.81 -14.64 -20.54
C MET H 33 -5.98 -14.84 -21.50
N PHE H 34 -6.74 -13.78 -21.75
CA PHE H 34 -7.95 -13.87 -22.55
C PHE H 34 -8.01 -12.71 -23.54
N TRP H 35 -8.74 -12.93 -24.63
CA TRP H 35 -9.00 -11.91 -25.63
C TRP H 35 -10.51 -11.67 -25.73
N TYR H 36 -10.91 -10.41 -25.60
CA TYR H 36 -12.30 -10.01 -25.65
C TYR H 36 -12.53 -9.06 -26.81
N ARG H 37 -13.81 -8.89 -27.17
CA ARG H 37 -14.25 -7.93 -28.15
C ARG H 37 -15.48 -7.21 -27.61
N GLN H 38 -15.56 -5.90 -27.85
CA GLN H 38 -16.67 -5.12 -27.32
C GLN H 38 -16.93 -3.91 -28.21
N GLN H 39 -18.20 -3.73 -28.57
CA GLN H 39 -18.67 -2.54 -29.27
C GLN H 39 -18.99 -1.45 -28.25
N PRO H 40 -18.74 -0.18 -28.56
CA PRO H 40 -19.06 0.90 -27.62
C PRO H 40 -20.53 0.87 -27.22
N GLY H 41 -20.78 0.90 -25.92
CA GLY H 41 -22.13 0.81 -25.41
C GLY H 41 -22.75 -0.56 -25.47
N GLN H 42 -21.97 -1.60 -25.72
CA GLN H 42 -22.46 -2.96 -25.86
C GLN H 42 -21.82 -3.86 -24.81
N SER H 43 -22.11 -5.15 -24.90
CA SER H 43 -21.68 -6.13 -23.91
C SER H 43 -20.27 -6.63 -24.21
N LEU H 44 -19.66 -7.22 -23.18
CA LEU H 44 -18.32 -7.79 -23.29
C LEU H 44 -18.41 -9.21 -23.82
N THR H 45 -17.69 -9.49 -24.91
CA THR H 45 -17.77 -10.78 -25.60
C THR H 45 -16.40 -11.44 -25.57
N LEU H 46 -16.33 -12.63 -24.99
CA LEU H 46 -15.08 -13.39 -24.95
C LEU H 46 -14.82 -14.04 -26.31
N ILE H 47 -13.62 -13.82 -26.86
CA ILE H 47 -13.25 -14.38 -28.14
C ILE H 47 -12.61 -15.75 -27.93
N ALA H 48 -11.55 -15.81 -27.14
CA ALA H 48 -10.83 -17.05 -26.93
C ALA H 48 -9.97 -16.93 -25.68
N THR H 49 -9.44 -18.07 -25.25
CA THR H 49 -8.47 -18.15 -24.16
C THR H 49 -7.10 -18.39 -24.76
N ALA H 50 -6.16 -17.50 -24.47
CA ALA H 50 -4.80 -17.61 -25.00
C ALA H 50 -4.06 -18.66 -24.21
N ASN H 51 -3.71 -19.77 -24.87
CA ASN H 51 -2.96 -20.86 -24.25
C ASN H 51 -1.50 -20.74 -24.63
N GLN H 52 -0.62 -20.80 -23.63
CA GLN H 52 0.80 -20.57 -23.86
C GLN H 52 1.40 -21.73 -24.65
N GLY H 53 1.91 -21.43 -25.84
CA GLY H 53 2.59 -22.43 -26.64
C GLY H 53 1.69 -23.37 -27.41
N SER H 54 0.42 -23.03 -27.58
CA SER H 54 -0.50 -23.90 -28.30
C SER H 54 -1.67 -23.07 -28.81
N GLU H 55 -2.53 -23.72 -29.61
CA GLU H 55 -3.68 -23.04 -30.18
C GLU H 55 -4.61 -22.56 -29.09
N ALA H 56 -5.23 -21.41 -29.33
CA ALA H 56 -6.19 -20.85 -28.38
C ALA H 56 -7.47 -21.68 -28.36
N THR H 57 -8.17 -21.62 -27.23
CA THR H 57 -9.49 -22.23 -27.10
C THR H 57 -10.54 -21.17 -27.45
N TYR H 58 -11.16 -21.32 -28.62
CA TYR H 58 -12.06 -20.30 -29.13
C TYR H 58 -13.49 -20.53 -28.68
N GLU H 59 -14.23 -19.44 -28.53
CA GLU H 59 -15.64 -19.48 -28.18
C GLU H 59 -16.49 -19.66 -29.43
N SER H 60 -17.80 -19.76 -29.24
CA SER H 60 -18.72 -19.97 -30.36
C SER H 60 -18.69 -18.75 -31.28
N GLY H 61 -18.66 -19.01 -32.59
CA GLY H 61 -18.67 -17.97 -33.59
C GLY H 61 -17.31 -17.40 -33.94
N PHE H 62 -16.26 -17.78 -33.23
CA PHE H 62 -14.90 -17.33 -33.51
C PHE H 62 -14.05 -18.53 -33.89
N VAL H 63 -13.47 -18.50 -35.08
CA VAL H 63 -12.65 -19.58 -35.58
C VAL H 63 -11.19 -19.14 -35.60
N ILE H 64 -10.30 -20.13 -35.62
CA ILE H 64 -8.87 -19.85 -35.51
C ILE H 64 -8.37 -19.13 -36.76
N ASP H 65 -8.93 -19.47 -37.93
CA ASP H 65 -8.46 -18.89 -39.18
C ASP H 65 -8.80 -17.40 -39.28
N LYS H 66 -9.90 -16.97 -38.64
CA LYS H 66 -10.28 -15.57 -38.70
C LYS H 66 -9.53 -14.74 -37.65
N PHE H 67 -9.32 -15.31 -36.46
CA PHE H 67 -8.64 -14.62 -35.37
C PHE H 67 -7.50 -15.48 -34.85
N PRO H 68 -6.40 -15.58 -35.59
CA PRO H 68 -5.23 -16.31 -35.08
C PRO H 68 -4.70 -15.68 -33.80
N ILE H 69 -4.50 -16.51 -32.78
CA ILE H 69 -3.98 -16.07 -31.50
C ILE H 69 -2.74 -16.90 -31.19
N SER H 70 -1.64 -16.21 -30.88
CA SER H 70 -0.38 -16.85 -30.51
C SER H 70 0.10 -16.27 -29.20
N ARG H 71 0.64 -17.12 -28.33
CA ARG H 71 1.11 -16.71 -27.01
C ARG H 71 2.45 -17.36 -26.72
N PRO H 72 3.56 -16.72 -27.13
CA PRO H 72 4.88 -17.34 -26.90
C PRO H 72 5.19 -17.62 -25.44
N ASN H 73 4.84 -16.69 -24.55
CA ASN H 73 5.07 -16.85 -23.12
C ASN H 73 3.90 -16.24 -22.37
N LEU H 74 3.96 -16.30 -21.03
CA LEU H 74 2.83 -15.88 -20.22
C LEU H 74 2.59 -14.37 -20.27
N THR H 75 3.56 -13.59 -20.76
CA THR H 75 3.48 -12.14 -20.71
C THR H 75 3.15 -11.51 -22.05
N PHE H 76 3.11 -12.27 -23.14
CA PHE H 76 2.98 -11.70 -24.48
C PHE H 76 2.12 -12.59 -25.35
N SER H 77 1.14 -11.99 -26.01
CA SER H 77 0.33 -12.70 -27.01
C SER H 77 -0.13 -11.71 -28.06
N THR H 78 -0.54 -12.25 -29.20
CA THR H 78 -1.00 -11.44 -30.32
C THR H 78 -2.35 -11.93 -30.82
N LEU H 79 -3.13 -11.01 -31.38
CA LEU H 79 -4.39 -11.32 -32.03
C LEU H 79 -4.33 -10.72 -33.43
N THR H 80 -4.52 -11.56 -34.45
CA THR H 80 -4.60 -11.11 -35.83
C THR H 80 -6.04 -11.18 -36.31
N VAL H 81 -6.47 -10.17 -37.04
CA VAL H 81 -7.78 -10.16 -37.67
C VAL H 81 -7.57 -10.38 -39.16
N SER H 82 -7.68 -11.64 -39.60
CA SER H 82 -7.42 -11.98 -40.98
C SER H 82 -8.58 -11.53 -41.87
N ASN H 83 -8.23 -10.94 -43.02
CA ASN H 83 -9.20 -10.51 -44.02
C ASN H 83 -10.29 -9.65 -43.38
N MET H 84 -9.88 -8.49 -42.89
CA MET H 84 -10.77 -7.62 -42.15
C MET H 84 -11.94 -7.15 -43.00
N SER H 85 -13.10 -7.02 -42.37
CA SER H 85 -14.31 -6.49 -42.98
C SER H 85 -14.85 -5.39 -42.09
N PRO H 86 -15.65 -4.46 -42.64
CA PRO H 86 -16.24 -3.42 -41.79
C PRO H 86 -17.01 -3.96 -40.60
N GLU H 87 -17.62 -5.14 -40.72
CA GLU H 87 -18.33 -5.75 -39.62
CA GLU H 87 -18.34 -5.74 -39.61
C GLU H 87 -17.41 -6.20 -38.49
N ASP H 88 -16.11 -6.27 -38.73
CA ASP H 88 -15.14 -6.66 -37.71
C ASP H 88 -14.69 -5.50 -36.84
N SER H 89 -15.17 -4.28 -37.11
CA SER H 89 -14.75 -3.13 -36.32
C SER H 89 -15.30 -3.22 -34.91
N SER H 90 -14.41 -3.11 -33.93
CA SER H 90 -14.78 -3.24 -32.52
C SER H 90 -13.59 -2.79 -31.68
N ILE H 91 -13.78 -2.83 -30.36
CA ILE H 91 -12.69 -2.61 -29.41
C ILE H 91 -12.23 -3.99 -28.95
N TYR H 92 -10.98 -4.33 -29.24
CA TYR H 92 -10.43 -5.64 -28.91
C TYR H 92 -9.63 -5.52 -27.63
N LEU H 93 -10.02 -6.30 -26.62
CA LEU H 93 -9.49 -6.16 -25.27
C LEU H 93 -8.67 -7.37 -24.88
N CYS H 94 -7.62 -7.13 -24.09
CA CYS H 94 -6.76 -8.16 -23.55
C CYS H 94 -6.97 -8.24 -22.05
N SER H 95 -7.13 -9.45 -21.53
CA SER H 95 -7.39 -9.66 -20.12
C SER H 95 -6.39 -10.66 -19.56
N VAL H 96 -6.06 -10.49 -18.28
CA VAL H 96 -5.06 -11.32 -17.61
C VAL H 96 -5.49 -11.54 -16.17
N GLY H 97 -5.32 -12.77 -15.68
CA GLY H 97 -5.67 -13.10 -14.31
C GLY H 97 -5.15 -14.48 -13.97
N GLY H 98 -5.20 -14.79 -12.67
CA GLY H 98 -4.72 -16.06 -12.19
C GLY H 98 -3.53 -15.94 -11.25
N ASP H 99 -2.77 -17.02 -11.09
CA ASP H 99 -1.66 -17.03 -10.15
C ASP H 99 -0.45 -16.30 -10.72
N SER H 100 0.33 -15.69 -9.84
CA SER H 100 1.50 -14.93 -10.23
C SER H 100 2.49 -14.95 -9.06
N LEU H 101 3.56 -14.17 -9.20
CA LEU H 101 4.53 -14.07 -8.11
C LEU H 101 3.91 -13.41 -6.88
N ILE H 102 2.94 -12.51 -7.08
CA ILE H 102 2.22 -11.92 -5.95
C ILE H 102 0.99 -12.72 -5.58
N GLY H 103 0.75 -13.84 -6.25
CA GLY H 103 -0.38 -14.69 -5.94
C GLY H 103 -1.50 -14.57 -6.96
N ASN H 104 -2.62 -15.19 -6.62
CA ASN H 104 -3.76 -15.23 -7.53
C ASN H 104 -4.38 -13.85 -7.69
N GLN H 105 -4.37 -13.34 -8.92
CA GLN H 105 -4.94 -12.04 -9.24
C GLN H 105 -6.27 -12.21 -9.96
N PRO H 106 -7.24 -11.34 -9.70
CA PRO H 106 -8.46 -11.33 -10.52
C PRO H 106 -8.15 -10.82 -11.92
N GLN H 107 -9.12 -11.03 -12.82
CA GLN H 107 -8.94 -10.60 -14.20
C GLN H 107 -8.95 -9.07 -14.30
N HIS H 108 -7.92 -8.53 -14.95
CA HIS H 108 -7.84 -7.12 -15.26
C HIS H 108 -7.68 -6.96 -16.77
N PHE H 109 -8.08 -5.78 -17.26
CA PHE H 109 -8.13 -5.53 -18.69
C PHE H 109 -7.13 -4.46 -19.09
N GLY H 110 -6.60 -4.58 -20.31
CA GLY H 110 -5.84 -3.52 -20.92
C GLY H 110 -6.76 -2.43 -21.43
N ASP H 111 -6.14 -1.39 -21.99
CA ASP H 111 -6.90 -0.25 -22.50
C ASP H 111 -7.53 -0.52 -23.85
N GLY H 112 -7.28 -1.69 -24.44
CA GLY H 112 -7.96 -2.09 -25.65
C GLY H 112 -7.37 -1.47 -26.90
N THR H 113 -7.80 -2.02 -28.03
CA THR H 113 -7.42 -1.53 -29.36
C THR H 113 -8.70 -1.19 -30.10
N ARG H 114 -8.91 0.10 -30.38
CA ARG H 114 -10.09 0.55 -31.10
C ARG H 114 -9.83 0.38 -32.59
N LEU H 115 -10.42 -0.65 -33.19
CA LEU H 115 -10.19 -1.00 -34.58
C LEU H 115 -11.39 -0.57 -35.42
N SER H 116 -11.14 0.26 -36.42
CA SER H 116 -12.16 0.68 -37.38
C SER H 116 -11.73 0.24 -38.77
N ILE H 117 -12.60 -0.51 -39.45
CA ILE H 117 -12.35 -1.04 -40.77
C ILE H 117 -13.33 -0.41 -41.73
N LEU H 118 -12.83 0.12 -42.84
CA LEU H 118 -13.67 0.83 -43.80
C LEU H 118 -13.52 0.25 -45.20
N GLU H 119 -14.56 0.47 -46.00
CA GLU H 119 -14.52 0.10 -47.41
C GLU H 119 -13.39 0.82 -48.13
N ASP H 120 -13.23 2.11 -47.87
CA ASP H 120 -12.24 2.92 -48.56
C ASP H 120 -11.65 3.92 -47.58
N LEU H 121 -10.33 4.12 -47.65
CA LEU H 121 -9.67 5.12 -46.81
C LEU H 121 -9.84 6.53 -47.34
N LYS H 122 -10.39 6.71 -48.53
CA LYS H 122 -10.63 8.04 -49.08
C LYS H 122 -11.77 8.77 -48.40
N ASN H 123 -12.33 8.21 -47.32
CA ASN H 123 -13.47 8.76 -46.60
C ASN H 123 -13.07 9.26 -45.23
N VAL H 124 -11.77 9.37 -44.98
CA VAL H 124 -11.26 9.82 -43.70
C VAL H 124 -11.14 11.33 -43.74
N PHE H 125 -11.69 11.99 -42.71
CA PHE H 125 -11.75 13.43 -42.69
C PHE H 125 -11.43 13.95 -41.30
N PRO H 126 -10.58 14.96 -41.20
CA PRO H 126 -10.35 15.61 -39.93
C PRO H 126 -11.52 16.51 -39.58
N PRO H 127 -11.70 16.80 -38.29
CA PRO H 127 -12.83 17.63 -37.88
C PRO H 127 -12.59 19.10 -38.13
N GLU H 128 -13.70 19.83 -38.23
CA GLU H 128 -13.69 21.28 -38.22
C GLU H 128 -14.16 21.74 -36.84
N VAL H 129 -13.31 22.52 -36.16
CA VAL H 129 -13.54 22.93 -34.79
C VAL H 129 -13.95 24.40 -34.77
N ALA H 130 -15.04 24.70 -34.07
CA ALA H 130 -15.52 26.06 -33.90
C ALA H 130 -15.85 26.31 -32.44
N VAL H 131 -15.61 27.54 -32.00
CA VAL H 131 -15.90 27.97 -30.63
C VAL H 131 -16.97 29.04 -30.68
N PHE H 132 -17.97 28.94 -29.81
CA PHE H 132 -19.08 29.88 -29.76
C PHE H 132 -19.06 30.60 -28.42
N GLU H 133 -18.85 31.92 -28.47
CA GLU H 133 -18.68 32.70 -27.26
C GLU H 133 -19.99 32.79 -26.49
N PRO H 134 -19.93 32.98 -25.17
CA PRO H 134 -21.15 32.94 -24.35
C PRO H 134 -22.13 34.04 -24.70
N SER H 135 -23.39 33.78 -24.38
CA SER H 135 -24.47 34.73 -24.64
C SER H 135 -24.52 35.79 -23.55
N GLU H 136 -24.73 37.04 -23.96
CA GLU H 136 -24.84 38.13 -23.00
C GLU H 136 -26.06 37.95 -22.10
N ALA H 137 -27.13 37.34 -22.63
CA ALA H 137 -28.30 37.08 -21.81
C ALA H 137 -27.99 36.11 -20.68
N GLU H 138 -27.20 35.08 -20.97
CA GLU H 138 -26.78 34.15 -19.91
C GLU H 138 -25.92 34.85 -18.87
N ILE H 139 -25.05 35.75 -19.32
CA ILE H 139 -24.16 36.45 -18.41
C ILE H 139 -24.95 37.34 -17.46
N SER H 140 -25.98 38.02 -17.98
CA SER H 140 -26.78 38.92 -17.16
C SER H 140 -27.75 38.16 -16.25
N HIS H 141 -28.24 37.01 -16.69
CA HIS H 141 -29.27 36.28 -15.94
C HIS H 141 -28.70 35.35 -14.88
N THR H 142 -27.53 34.75 -15.13
CA THR H 142 -26.95 33.78 -14.22
C THR H 142 -25.59 34.17 -13.67
N GLN H 143 -24.99 35.27 -14.15
CA GLN H 143 -23.62 35.66 -13.79
C GLN H 143 -22.62 34.54 -14.10
N LYS H 144 -22.91 33.76 -15.13
CA LYS H 144 -22.04 32.70 -15.61
C LYS H 144 -21.93 32.80 -17.12
N ALA H 145 -20.95 32.11 -17.69
CA ALA H 145 -20.68 32.17 -19.12
C ALA H 145 -20.35 30.77 -19.62
N THR H 146 -21.17 30.27 -20.55
CA THR H 146 -21.01 28.93 -21.11
C THR H 146 -20.52 29.04 -22.55
N LEU H 147 -19.35 28.49 -22.82
CA LEU H 147 -18.83 28.38 -24.18
C LEU H 147 -19.15 27.00 -24.73
N VAL H 148 -19.39 26.94 -26.03
CA VAL H 148 -19.72 25.69 -26.72
C VAL H 148 -18.72 25.48 -27.84
N CYS H 149 -18.27 24.23 -27.98
CA CYS H 149 -17.34 23.83 -29.03
C CYS H 149 -17.99 22.79 -29.92
N LEU H 150 -17.90 23.00 -31.23
CA LEU H 150 -18.47 22.08 -32.21
C LEU H 150 -17.36 21.51 -33.08
N ALA H 151 -17.18 20.20 -33.02
CA ALA H 151 -16.30 19.47 -33.93
C ALA H 151 -17.19 18.70 -34.89
N THR H 152 -17.12 19.05 -36.17
CA THR H 152 -18.07 18.56 -37.16
C THR H 152 -17.35 18.00 -38.37
N GLY H 153 -17.95 16.96 -38.96
CA GLY H 153 -17.56 16.50 -40.28
C GLY H 153 -16.38 15.57 -40.31
N PHE H 154 -16.13 14.83 -39.23
CA PHE H 154 -14.98 13.94 -39.22
C PHE H 154 -15.41 12.49 -39.35
N TYR H 155 -14.45 11.70 -39.74
CA TYR H 155 -14.67 10.30 -40.00
C TYR H 155 -13.35 9.56 -40.00
N PRO H 156 -13.21 8.48 -39.21
CA PRO H 156 -14.18 7.96 -38.25
C PRO H 156 -14.20 8.72 -36.92
N ASP H 157 -14.90 8.17 -35.91
CA ASP H 157 -15.06 8.82 -34.61
C ASP H 157 -13.91 8.44 -33.68
N HIS H 158 -12.70 8.84 -34.08
CA HIS H 158 -11.49 8.73 -33.26
C HIS H 158 -11.07 10.15 -32.91
N VAL H 159 -11.70 10.71 -31.88
CA VAL H 159 -11.44 12.09 -31.48
C VAL H 159 -11.33 12.18 -29.96
N GLU H 160 -10.55 13.14 -29.50
CA GLU H 160 -10.43 13.49 -28.08
C GLU H 160 -10.54 15.01 -27.97
N LEU H 161 -11.66 15.48 -27.42
CA LEU H 161 -11.89 16.91 -27.24
C LEU H 161 -11.40 17.32 -25.86
N SER H 162 -10.67 18.42 -25.80
CA SER H 162 -10.16 18.96 -24.54
C SER H 162 -10.22 20.47 -24.56
N TRP H 163 -10.42 21.06 -23.38
CA TRP H 163 -10.44 22.50 -23.21
C TRP H 163 -9.13 22.97 -22.60
N TRP H 164 -8.63 24.11 -23.08
CA TRP H 164 -7.35 24.65 -22.64
C TRP H 164 -7.53 26.13 -22.31
N VAL H 165 -7.39 26.47 -21.03
CA VAL H 165 -7.52 27.85 -20.56
C VAL H 165 -6.14 28.33 -20.14
N ASN H 166 -5.66 29.40 -20.78
CA ASN H 166 -4.36 30.00 -20.46
C ASN H 166 -3.22 28.99 -20.56
N GLY H 167 -3.28 28.13 -21.58
CA GLY H 167 -2.24 27.16 -21.82
C GLY H 167 -2.33 25.89 -21.01
N LYS H 168 -3.25 25.79 -20.07
CA LYS H 168 -3.43 24.60 -19.26
C LYS H 168 -4.78 23.96 -19.56
N GLU H 169 -4.79 22.63 -19.63
CA GLU H 169 -6.05 21.92 -19.82
C GLU H 169 -6.89 22.02 -18.54
N VAL H 170 -8.19 22.24 -18.73
CA VAL H 170 -9.12 22.36 -17.61
C VAL H 170 -10.13 21.22 -17.67
N HIS H 171 -10.59 20.80 -16.49
CA HIS H 171 -11.57 19.73 -16.38
C HIS H 171 -12.83 20.15 -15.63
N SER H 172 -12.75 21.14 -14.74
CA SER H 172 -13.92 21.63 -14.04
C SER H 172 -14.76 22.51 -14.97
N GLY H 173 -16.08 22.36 -14.87
CA GLY H 173 -16.98 23.11 -15.73
C GLY H 173 -17.00 22.65 -17.17
N VAL H 174 -16.47 21.47 -17.47
CA VAL H 174 -16.42 20.92 -18.82
C VAL H 174 -17.43 19.78 -18.91
N CYS H 175 -18.12 19.70 -20.05
CA CYS H 175 -19.01 18.56 -20.32
C CYS H 175 -18.98 18.30 -21.82
N THR H 176 -18.39 17.17 -22.21
CA THR H 176 -18.36 16.74 -23.59
C THR H 176 -19.35 15.60 -23.80
N ASP H 177 -19.91 15.52 -24.99
CA ASP H 177 -20.87 14.46 -25.30
C ASP H 177 -20.21 13.10 -25.10
N PRO H 178 -20.94 12.12 -24.57
CA PRO H 178 -20.34 10.78 -24.37
C PRO H 178 -19.88 10.15 -25.68
N GLN H 179 -20.72 10.18 -26.71
CA GLN H 179 -20.39 9.62 -28.01
C GLN H 179 -20.86 10.58 -29.09
N PRO H 180 -20.11 10.71 -30.18
CA PRO H 180 -20.53 11.61 -31.25
C PRO H 180 -21.82 11.15 -31.91
N LEU H 181 -22.42 12.06 -32.67
CA LEU H 181 -23.64 11.78 -33.42
C LEU H 181 -23.34 11.81 -34.92
N LYS H 182 -24.11 11.03 -35.67
CA LYS H 182 -23.99 11.02 -37.12
C LYS H 182 -24.71 12.23 -37.70
N GLU H 183 -24.01 12.97 -38.57
CA GLU H 183 -24.63 14.13 -39.21
C GLU H 183 -25.78 13.70 -40.11
N GLN H 184 -25.59 12.61 -40.87
CA GLN H 184 -26.65 12.01 -41.68
C GLN H 184 -26.84 10.59 -41.18
N PRO H 185 -27.75 10.37 -40.24
CA PRO H 185 -27.81 9.06 -39.54
C PRO H 185 -28.13 7.89 -40.44
N ALA H 186 -28.63 8.12 -41.66
CA ALA H 186 -29.02 7.01 -42.51
C ALA H 186 -27.82 6.25 -43.06
N LEU H 187 -26.77 6.97 -43.46
CA LEU H 187 -25.64 6.33 -44.11
C LEU H 187 -24.70 5.70 -43.08
N ASN H 188 -23.95 4.68 -43.52
CA ASN H 188 -23.00 4.02 -42.64
C ASN H 188 -21.64 4.70 -42.61
N ASP H 189 -21.28 5.40 -43.68
CA ASP H 189 -20.04 6.15 -43.78
C ASP H 189 -20.22 7.61 -43.39
N SER H 190 -21.29 7.92 -42.67
CA SER H 190 -21.58 9.31 -42.38
C SER H 190 -20.55 9.88 -41.43
N ARG H 191 -20.25 11.15 -41.64
CA ARG H 191 -19.36 11.88 -40.78
C ARG H 191 -20.05 12.19 -39.46
N TYR H 192 -19.25 12.38 -38.42
CA TYR H 192 -19.75 12.59 -37.08
C TYR H 192 -19.63 14.05 -36.67
N ALA H 193 -20.29 14.36 -35.57
CA ALA H 193 -20.21 15.66 -34.95
C ALA H 193 -20.19 15.47 -33.44
N LEU H 194 -19.58 16.42 -32.75
CA LEU H 194 -19.41 16.33 -31.31
C LEU H 194 -19.42 17.72 -30.71
N SER H 195 -20.19 17.89 -29.64
CA SER H 195 -20.29 19.16 -28.94
C SER H 195 -19.70 19.04 -27.54
N SER H 196 -19.29 20.18 -27.00
CA SER H 196 -18.75 20.24 -25.65
C SER H 196 -19.02 21.62 -25.06
N ARG H 197 -19.11 21.68 -23.74
CA ARG H 197 -19.42 22.91 -23.03
C ARG H 197 -18.36 23.21 -21.99
N LEU H 198 -17.97 24.48 -21.91
CA LEU H 198 -17.09 24.98 -20.86
C LEU H 198 -17.76 26.18 -20.22
N ARG H 199 -18.11 26.06 -18.94
CA ARG H 199 -18.80 27.12 -18.21
C ARG H 199 -17.86 27.72 -17.17
N VAL H 200 -17.74 29.05 -17.19
CA VAL H 200 -16.93 29.79 -16.22
C VAL H 200 -17.77 30.95 -15.70
N SER H 201 -17.28 31.58 -14.63
CA SER H 201 -17.95 32.74 -14.08
C SER H 201 -17.92 33.89 -15.08
N ALA H 202 -18.93 34.77 -14.98
CA ALA H 202 -19.00 35.91 -15.89
C ALA H 202 -17.78 36.80 -15.76
N THR H 203 -17.30 36.99 -14.52
CA THR H 203 -16.11 37.82 -14.32
C THR H 203 -14.87 37.19 -14.95
N PHE H 204 -14.78 35.85 -14.96
CA PHE H 204 -13.64 35.20 -15.59
C PHE H 204 -13.66 35.37 -17.10
N TRP H 205 -14.86 35.29 -17.69
CA TRP H 205 -14.97 35.47 -19.14
C TRP H 205 -14.74 36.92 -19.56
N GLN H 206 -15.10 37.88 -18.71
CA GLN H 206 -14.95 39.28 -19.03
C GLN H 206 -13.52 39.79 -18.90
N ASN H 207 -12.59 38.94 -18.48
CA ASN H 207 -11.18 39.30 -18.46
C ASN H 207 -10.61 39.16 -19.86
N PRO H 208 -10.17 40.25 -20.49
CA PRO H 208 -9.62 40.13 -21.85
C PRO H 208 -8.28 39.38 -21.91
N ARG H 209 -7.63 39.18 -20.77
CA ARG H 209 -6.35 38.47 -20.75
C ARG H 209 -6.50 36.95 -20.78
N ASN H 210 -7.72 36.44 -20.58
CA ASN H 210 -7.94 35.00 -20.58
C ASN H 210 -8.08 34.46 -21.99
N HIS H 211 -7.52 33.27 -22.22
CA HIS H 211 -7.52 32.63 -23.52
C HIS H 211 -8.23 31.29 -23.42
N PHE H 212 -9.20 31.06 -24.31
CA PHE H 212 -9.99 29.83 -24.33
C PHE H 212 -9.75 29.13 -25.67
N ARG H 213 -9.19 27.93 -25.60
CA ARG H 213 -8.91 27.14 -26.81
C ARG H 213 -9.57 25.78 -26.67
N CYS H 214 -10.45 25.46 -27.61
CA CYS H 214 -11.02 24.12 -27.72
C CYS H 214 -10.16 23.30 -28.68
N GLN H 215 -9.69 22.14 -28.21
CA GLN H 215 -8.77 21.30 -28.96
C GLN H 215 -9.40 19.94 -29.19
N VAL H 216 -9.41 19.49 -30.44
CA VAL H 216 -9.90 18.16 -30.80
C VAL H 216 -8.74 17.39 -31.38
N GLN H 217 -8.37 16.29 -30.72
CA GLN H 217 -7.29 15.42 -31.17
C GLN H 217 -7.89 14.36 -32.07
N PHE H 218 -7.54 14.41 -33.35
CA PHE H 218 -8.06 13.50 -34.35
C PHE H 218 -7.01 12.45 -34.69
N TYR H 219 -7.44 11.19 -34.76
CA TYR H 219 -6.57 10.08 -35.12
C TYR H 219 -6.97 9.59 -36.51
N GLY H 220 -6.07 9.75 -37.47
CA GLY H 220 -6.37 9.40 -38.84
C GLY H 220 -5.42 8.37 -39.44
N LEU H 221 -4.89 8.67 -40.61
CA LEU H 221 -4.00 7.75 -41.30
C LEU H 221 -2.56 7.92 -40.80
N SER H 222 -1.79 6.84 -40.88
CA SER H 222 -0.40 6.86 -40.51
C SER H 222 0.46 7.29 -41.69
N GLU H 223 1.73 7.56 -41.42
CA GLU H 223 2.65 7.93 -42.50
C GLU H 223 3.02 6.74 -43.37
N ASN H 224 2.72 5.52 -42.95
CA ASN H 224 2.90 4.33 -43.78
C ASN H 224 1.67 4.03 -44.63
N ASP H 225 0.60 4.80 -44.48
CA ASP H 225 -0.60 4.63 -45.30
C ASP H 225 -0.46 5.45 -46.57
N GLU H 226 -0.59 4.78 -47.72
CA GLU H 226 -0.52 5.47 -49.00
C GLU H 226 -1.72 6.38 -49.19
N TRP H 227 -1.49 7.53 -49.83
CA TRP H 227 -2.54 8.51 -50.07
C TRP H 227 -2.37 9.05 -51.49
N THR H 228 -3.41 8.91 -52.31
CA THR H 228 -3.35 9.32 -53.70
C THR H 228 -4.54 10.19 -54.11
N GLN H 229 -5.21 10.81 -53.15
CA GLN H 229 -6.37 11.64 -53.44
C GLN H 229 -5.96 13.09 -53.66
N ASP H 230 -6.85 13.85 -54.31
CA ASP H 230 -6.61 15.26 -54.55
C ASP H 230 -6.97 16.08 -53.32
N ARG H 231 -6.42 15.69 -52.17
CA ARG H 231 -6.68 16.33 -50.89
C ARG H 231 -5.40 16.33 -50.07
N ALA H 232 -5.43 17.09 -48.98
CA ALA H 232 -4.44 16.89 -47.94
C ALA H 232 -4.67 15.56 -47.26
N LYS H 233 -3.58 14.89 -46.89
CA LYS H 233 -3.69 13.57 -46.29
C LYS H 233 -4.28 13.67 -44.88
N PRO H 234 -5.38 12.98 -44.58
CA PRO H 234 -6.00 13.08 -43.24
C PRO H 234 -5.25 12.27 -42.19
N VAL H 235 -4.07 12.76 -41.82
CA VAL H 235 -3.24 12.11 -40.82
C VAL H 235 -3.73 12.48 -39.43
N THR H 236 -3.21 11.80 -38.40
CA THR H 236 -3.46 12.20 -37.03
C THR H 236 -3.01 13.64 -36.83
N GLN H 237 -3.90 14.47 -36.30
CA GLN H 237 -3.63 15.90 -36.21
C GLN H 237 -4.52 16.53 -35.15
N ILE H 238 -4.11 17.72 -34.71
CA ILE H 238 -4.85 18.51 -33.74
C ILE H 238 -5.49 19.68 -34.46
N VAL H 239 -6.79 19.86 -34.27
CA VAL H 239 -7.55 20.97 -34.82
C VAL H 239 -8.12 21.76 -33.65
N SER H 240 -7.93 23.08 -33.69
CA SER H 240 -8.28 23.93 -32.57
C SER H 240 -9.02 25.18 -33.03
N ALA H 241 -9.85 25.70 -32.13
CA ALA H 241 -10.50 27.00 -32.29
C ALA H 241 -10.41 27.73 -30.97
N GLU H 242 -10.10 29.02 -31.02
CA GLU H 242 -9.82 29.79 -29.82
C GLU H 242 -10.75 31.00 -29.72
N ALA H 243 -10.77 31.58 -28.52
CA ALA H 243 -11.56 32.77 -28.24
C ALA H 243 -10.99 33.47 -27.01
N TRP H 244 -10.87 34.78 -27.09
CA TRP H 244 -10.39 35.60 -25.98
C TRP H 244 -11.57 36.18 -25.22
N GLY H 245 -11.35 36.45 -23.93
CA GLY H 245 -12.36 37.12 -23.14
C GLY H 245 -12.53 38.57 -23.55
N ARG H 246 -13.70 39.12 -23.22
CA ARG H 246 -14.02 40.49 -23.58
C ARG H 246 -15.13 41.02 -22.69
N ALA H 247 -15.23 42.34 -22.62
CA ALA H 247 -16.26 43.00 -21.82
C ALA H 247 -17.00 44.03 -22.65
#